data_5ZRF
#
_entry.id   5ZRF
#
_cell.length_a   80.147
_cell.length_b   176.270
_cell.length_c   94.331
_cell.angle_alpha   90.00
_cell.angle_beta   111.44
_cell.angle_gamma   90.00
#
_symmetry.space_group_name_H-M   'P 1 21 1'
#
loop_
_entity.id
_entity.type
_entity.pdbx_description
1 polymer 'DNA topoisomerase 2-beta'
2 polymer "DNA (5'-D(P*AP*GP*CP*CP*GP*AP*GP*C)-3')"
3 polymer "DNA/RNA (5'-R(P*(IU))-D(P*GP*CP*AP*GP*C)-R(P*(IU))-D(P*CP*GP*GP*C)-R(P*(IU))-3')"
4 non-polymer 'MAGNESIUM ION'
5 non-polymer "(5S,5aR,8aR,9R)-9-(4-hydroxy-3,5-dimethoxyphenyl)-8-oxo-5,5a,6,8,8a,9-hexahydrofuro[3',4':6,7]naphtho[2,3-d][1,3]dioxol -5-yl 4,6-O-[(1R)-ethylidene]-beta-D-glucopyranoside"
6 water water
#
loop_
_entity_poly.entity_id
_entity_poly.type
_entity_poly.pdbx_seq_one_letter_code
_entity_poly.pdbx_strand_id
1 'polypeptide(L)'
;MASWSHPQFEKGADDDDKVPDPTSVDSVKYSKIKGIPKLDDANDAGGKHSLECTLILTEGDSAKSLAVSGLGVIGRDRYG
VFPLRGKILNVREASHKQIMENAEINNIIKIVGLQYKKSYDDAESLKTLRYGKIMIMTDQDQDGSHIKGLLINFIHHNWP
SLLKHGFLEEFITPIVKASKNKQELSFYSIPEFDEWKKHIENQKAWKIKYYKGLGTSTAKEAKEYFADMERHRILFRYAG
PEDDAAITLAFSKKKIDDRKEWLTNFMEDRRQRRLHGLPEQFLYGTATKHLTYNDFINKELILFSNSDNERSIPSLVDGF
KPGQRKVLFTCFKRNDKREVKVAQLAGSVAEMSAYHHGEQALMMTIVNLAQNFVGSNNINLLQPIGQFGTRLHGGKDAAS
PRYIFTMLSTLARLLFPAVDDNLLKFLYDDNQRVEPEWYIPIIPMVLINGAEGIGTGWACKLPNYDAREIVNNVRRMLDG
LDPHPMLPNYKNFKGTIQELGQNQYAVSGEIFVVDRNTVEITELPVRTWTQVYKEQVLEPMLNGTDKTPALISDYKEYHT
DTTVKFVVKMTEEKLAQAEAAGLHKVFKLQTTLTCNSMVLFDHMGCLKKYETVQDILKEFFDLRLSYYGLRKEWLVGMLG
AESTKLNNQARFILEKIQGKITIENRSKKDLIQMLVQRGYESDPVKAWKEAQEKAAEEDETQNQHDDSSSDSGTPSGPDF
NYILNMSLWSLTKEKVEELIKQRDAKGREVNDLKRKSPSDLWKEDLAAFVEELDKVESQEREDGAPGFSSISAHHHHHHH
HHH
;
A,B
2 'polydeoxyribonucleotide' (DA)(DG)(DC)(DC)(DG)(DA)(DG)(DC) C,E
3 'polydeoxyribonucleotide/polyribonucleotide hybrid' (IU)(DG)(DC)(DA)(DG)(DC)(IU)(DC)(DG)(DG)(DC)(IU) D,F
#
loop_
_chem_comp.id
_chem_comp.type
_chem_comp.name
_chem_comp.formula
DA DNA linking 2'-DEOXYADENOSINE-5'-MONOPHOSPHATE 'C10 H14 N5 O6 P'
DC DNA linking 2'-DEOXYCYTIDINE-5'-MONOPHOSPHATE 'C9 H14 N3 O7 P'
DG DNA linking 2'-DEOXYGUANOSINE-5'-MONOPHOSPHATE 'C10 H14 N5 O7 P'
EVP non-polymer '(5S,5aR,8aR,9R)-9-(4-hydroxy-3,5-dimethoxyphenyl)-8-oxo-5,5a,6,8,8a,9-hexahydrofuro[3',4':6,7]naphtho[2,3-d][1,3]dioxol -5-yl 4,6-O-[(1R)-ethylidene]-beta-D-glucopyranoside' 'C29 H32 O13'
IU RNA linking 5-IODOURIDINE-5'-MONOPHOSPHATE 'C9 H12 I N2 O9 P'
MG non-polymer 'MAGNESIUM ION' 'Mg 2'
#
# COMPACT_ATOMS: atom_id res chain seq x y z
N LYS A 34 -11.20 -17.67 -30.92
CA LYS A 34 -11.52 -18.82 -30.08
C LYS A 34 -10.27 -19.46 -29.49
N GLY A 35 -10.23 -19.56 -28.17
CA GLY A 35 -9.06 -20.04 -27.45
C GLY A 35 -8.23 -18.98 -26.77
N ILE A 36 -8.70 -17.75 -26.72
CA ILE A 36 -7.98 -16.61 -26.12
C ILE A 36 -8.73 -16.18 -24.89
N PRO A 37 -8.19 -16.40 -23.68
CA PRO A 37 -9.01 -16.30 -22.46
C PRO A 37 -9.54 -14.90 -22.17
N LYS A 38 -8.79 -13.84 -22.47
CA LYS A 38 -9.24 -12.50 -22.12
C LYS A 38 -10.21 -11.91 -23.13
N LEU A 39 -10.49 -12.61 -24.23
CA LEU A 39 -11.33 -12.10 -25.30
C LEU A 39 -12.80 -12.41 -25.04
N ASP A 40 -13.65 -11.40 -25.18
CA ASP A 40 -15.08 -11.62 -25.29
C ASP A 40 -15.46 -11.34 -26.75
N ASP A 41 -15.74 -12.39 -27.49
CA ASP A 41 -15.90 -12.27 -28.94
C ASP A 41 -17.33 -11.86 -29.27
N ALA A 42 -17.45 -10.91 -30.20
CA ALA A 42 -18.75 -10.59 -30.77
C ALA A 42 -19.38 -11.86 -31.34
N ASN A 43 -20.68 -12.03 -31.12
CA ASN A 43 -21.35 -13.27 -31.56
C ASN A 43 -21.26 -13.43 -33.07
N ASP A 44 -21.35 -12.33 -33.81
CA ASP A 44 -21.33 -12.34 -35.27
C ASP A 44 -19.93 -12.32 -35.85
N ALA A 45 -18.89 -12.29 -35.03
CA ALA A 45 -17.53 -12.23 -35.53
C ALA A 45 -17.17 -13.54 -36.24
N GLY A 46 -16.69 -13.42 -37.48
CA GLY A 46 -16.29 -14.55 -38.27
C GLY A 46 -17.32 -15.00 -39.30
N GLY A 47 -18.55 -14.52 -39.21
CA GLY A 47 -19.65 -14.93 -40.06
C GLY A 47 -19.95 -13.92 -41.15
N LYS A 48 -21.21 -13.92 -41.61
CA LYS A 48 -21.61 -13.08 -42.73
C LYS A 48 -21.58 -11.60 -42.39
N HIS A 49 -21.74 -11.25 -41.11
CA HIS A 49 -21.79 -9.87 -40.64
C HIS A 49 -20.44 -9.34 -40.18
N SER A 50 -19.36 -10.10 -40.39
CA SER A 50 -18.05 -9.77 -39.81
C SER A 50 -17.67 -8.31 -40.00
N LEU A 51 -17.80 -7.78 -41.22
CA LEU A 51 -17.37 -6.41 -41.45
C LEU A 51 -18.25 -5.38 -40.77
N GLU A 52 -19.44 -5.76 -40.30
CA GLU A 52 -20.26 -4.90 -39.48
C GLU A 52 -19.91 -4.98 -38.00
N CYS A 53 -18.92 -5.80 -37.64
CA CYS A 53 -18.51 -6.00 -36.26
C CYS A 53 -17.34 -5.09 -35.92
N THR A 54 -17.34 -4.60 -34.68
CA THR A 54 -16.29 -3.74 -34.13
C THR A 54 -15.58 -4.47 -32.99
N LEU A 55 -14.25 -4.46 -33.01
CA LEU A 55 -13.45 -4.98 -31.90
C LEU A 55 -13.00 -3.81 -31.05
N ILE A 56 -13.36 -3.84 -29.76
CA ILE A 56 -12.95 -2.80 -28.82
C ILE A 56 -11.68 -3.27 -28.13
N LEU A 57 -10.57 -2.61 -28.41
CA LEU A 57 -9.34 -2.80 -27.65
C LEU A 57 -9.25 -1.73 -26.57
N THR A 58 -9.10 -2.17 -25.32
CA THR A 58 -9.18 -1.29 -24.17
C THR A 58 -7.83 -1.22 -23.49
N GLU A 59 -7.63 -0.18 -22.70
CA GLU A 59 -6.39 -0.07 -21.94
C GLU A 59 -6.66 -0.73 -20.60
N GLY A 60 -6.09 -1.93 -20.41
CA GLY A 60 -6.24 -2.67 -19.18
C GLY A 60 -7.50 -3.52 -19.11
N ASP A 61 -7.43 -4.56 -18.27
CA ASP A 61 -8.58 -5.43 -18.05
C ASP A 61 -9.73 -4.66 -17.44
N SER A 62 -9.42 -3.69 -16.56
CA SER A 62 -10.47 -2.93 -15.90
C SER A 62 -11.31 -2.15 -16.92
N ALA A 63 -10.67 -1.60 -17.95
CA ALA A 63 -11.43 -0.92 -18.99
C ALA A 63 -12.25 -1.92 -19.82
N LYS A 64 -11.77 -3.16 -19.95
CA LYS A 64 -12.57 -4.15 -20.67
C LYS A 64 -13.88 -4.42 -19.94
N SER A 65 -13.84 -4.53 -18.61
CA SER A 65 -15.04 -4.79 -17.83
C SER A 65 -16.04 -3.64 -17.98
N LEU A 66 -15.57 -2.40 -17.89
CA LEU A 66 -16.45 -1.26 -18.12
C LEU A 66 -17.06 -1.32 -19.51
N ALA A 67 -16.27 -1.68 -20.53
CA ALA A 67 -16.79 -1.81 -21.88
C ALA A 67 -17.76 -2.98 -21.99
N VAL A 68 -17.52 -4.06 -21.24
CA VAL A 68 -18.40 -5.22 -21.31
C VAL A 68 -19.76 -4.88 -20.71
N SER A 69 -19.78 -4.23 -19.55
CA SER A 69 -21.05 -3.89 -18.93
C SER A 69 -21.77 -2.78 -19.71
N GLY A 70 -21.00 -1.90 -20.36
CA GLY A 70 -21.62 -0.85 -21.17
C GLY A 70 -22.31 -1.38 -22.40
N LEU A 71 -21.79 -2.46 -23.00
CA LEU A 71 -22.42 -3.01 -24.19
C LEU A 71 -23.72 -3.73 -23.89
N GLY A 72 -23.93 -4.17 -22.65
CA GLY A 72 -25.17 -4.85 -22.32
C GLY A 72 -25.30 -6.15 -23.09
N VAL A 73 -26.56 -6.60 -23.19
CA VAL A 73 -26.84 -7.85 -23.89
C VAL A 73 -26.82 -7.64 -25.40
N ILE A 74 -27.40 -6.54 -25.88
CA ILE A 74 -27.55 -6.34 -27.32
C ILE A 74 -26.20 -6.06 -27.97
N GLY A 75 -25.29 -5.41 -27.24
CA GLY A 75 -23.99 -5.07 -27.80
C GLY A 75 -23.07 -6.25 -28.04
N ARG A 76 -23.41 -7.43 -27.51
CA ARG A 76 -22.54 -8.59 -27.70
C ARG A 76 -22.56 -9.10 -29.13
N ASP A 77 -23.60 -8.79 -29.90
CA ASP A 77 -23.69 -9.30 -31.27
C ASP A 77 -22.66 -8.64 -32.18
N ARG A 78 -22.63 -7.31 -32.22
CA ARG A 78 -21.79 -6.57 -33.14
C ARG A 78 -20.48 -6.05 -32.54
N TYR A 79 -20.22 -6.27 -31.26
CA TYR A 79 -19.03 -5.72 -30.61
C TYR A 79 -18.30 -6.80 -29.81
N GLY A 80 -17.01 -6.94 -30.08
CA GLY A 80 -16.13 -7.68 -29.20
C GLY A 80 -15.32 -6.73 -28.32
N VAL A 81 -14.71 -7.28 -27.28
CA VAL A 81 -13.85 -6.52 -26.37
C VAL A 81 -12.61 -7.35 -26.07
N PHE A 82 -11.43 -6.72 -26.17
CA PHE A 82 -10.21 -7.36 -25.73
C PHE A 82 -9.35 -6.35 -25.00
N PRO A 83 -8.74 -6.72 -23.87
CA PRO A 83 -7.85 -5.80 -23.14
C PRO A 83 -6.44 -5.74 -23.71
N LEU A 84 -5.88 -4.55 -23.65
CA LEU A 84 -4.47 -4.32 -23.89
C LEU A 84 -3.75 -4.20 -22.55
N ARG A 85 -2.50 -4.65 -22.53
CA ARG A 85 -1.65 -4.71 -21.35
CA ARG A 85 -1.64 -4.70 -21.36
C ARG A 85 -0.87 -3.42 -21.13
N GLY A 86 -1.26 -2.31 -21.76
CA GLY A 86 -0.42 -1.14 -21.75
C GLY A 86 0.27 -0.95 -23.07
N LYS A 87 1.42 -0.28 -23.01
CA LYS A 87 2.13 0.08 -24.23
C LYS A 87 2.35 -1.13 -25.14
N ILE A 88 1.93 -0.98 -26.39
CA ILE A 88 2.07 -1.99 -27.42
C ILE A 88 3.49 -1.94 -27.99
N LEU A 89 3.97 -3.10 -28.44
CA LEU A 89 5.22 -3.14 -29.19
C LEU A 89 5.18 -2.20 -30.38
N ASN A 90 6.27 -1.45 -30.58
CA ASN A 90 6.40 -0.60 -31.75
C ASN A 90 7.07 -1.49 -32.78
N VAL A 91 6.29 -1.88 -33.80
CA VAL A 91 6.74 -2.92 -34.73
C VAL A 91 7.49 -2.36 -35.91
N ARG A 92 7.54 -1.04 -36.08
CA ARG A 92 8.13 -0.43 -37.27
C ARG A 92 9.53 -0.95 -37.52
N GLU A 93 10.48 -0.65 -36.63
CA GLU A 93 11.85 -1.14 -36.75
C GLU A 93 12.13 -2.37 -35.89
N ALA A 94 11.15 -2.91 -35.17
CA ALA A 94 11.41 -4.03 -34.27
C ALA A 94 11.84 -5.28 -35.04
N SER A 95 12.66 -6.10 -34.39
CA SER A 95 13.16 -7.31 -35.03
C SER A 95 12.02 -8.29 -35.31
N HIS A 96 12.25 -9.16 -36.30
CA HIS A 96 11.27 -10.18 -36.65
C HIS A 96 11.03 -11.14 -35.50
N LYS A 97 12.08 -11.50 -34.77
CA LYS A 97 11.93 -12.39 -33.62
C LYS A 97 11.00 -11.78 -32.57
N GLN A 98 11.22 -10.52 -32.20
CA GLN A 98 10.38 -9.92 -31.17
C GLN A 98 8.94 -9.72 -31.65
N ILE A 99 8.74 -9.47 -32.95
CA ILE A 99 7.39 -9.32 -33.47
C ILE A 99 6.64 -10.65 -33.38
N MET A 100 7.20 -11.72 -33.95
CA MET A 100 6.51 -13.00 -33.97
C MET A 100 6.34 -13.59 -32.58
N GLU A 101 7.16 -13.21 -31.63
CA GLU A 101 7.02 -13.71 -30.27
C GLU A 101 6.13 -12.84 -29.40
N ASN A 102 5.62 -11.72 -29.91
CA ASN A 102 4.83 -10.82 -29.08
C ASN A 102 3.40 -11.36 -28.98
N ALA A 103 2.98 -11.72 -27.76
CA ALA A 103 1.72 -12.44 -27.61
C ALA A 103 0.52 -11.52 -27.85
N GLU A 104 0.61 -10.28 -27.38
CA GLU A 104 -0.51 -9.35 -27.50
C GLU A 104 -0.84 -9.08 -28.97
N ILE A 105 0.19 -8.82 -29.77
CA ILE A 105 -0.03 -8.55 -31.19
C ILE A 105 -0.52 -9.81 -31.90
N ASN A 106 0.00 -10.98 -31.52
CA ASN A 106 -0.51 -12.22 -32.08
C ASN A 106 -1.97 -12.45 -31.72
N ASN A 107 -2.35 -12.10 -30.49
CA ASN A 107 -3.76 -12.21 -30.11
C ASN A 107 -4.62 -11.31 -30.98
N ILE A 108 -4.22 -10.05 -31.16
CA ILE A 108 -4.99 -9.14 -31.98
C ILE A 108 -5.14 -9.68 -33.40
N ILE A 109 -4.05 -10.22 -33.95
CA ILE A 109 -4.07 -10.72 -35.32
C ILE A 109 -5.01 -11.92 -35.44
N LYS A 110 -4.98 -12.84 -34.48
CA LYS A 110 -5.91 -13.97 -34.52
C LYS A 110 -7.35 -13.52 -34.32
N ILE A 111 -7.59 -12.58 -33.40
CA ILE A 111 -8.94 -12.11 -33.15
C ILE A 111 -9.54 -11.44 -34.39
N VAL A 112 -8.79 -10.51 -34.97
CA VAL A 112 -9.28 -9.78 -36.13
C VAL A 112 -9.21 -10.63 -37.40
N GLY A 113 -8.30 -11.60 -37.44
CA GLY A 113 -8.13 -12.41 -38.63
C GLY A 113 -7.26 -11.79 -39.68
N LEU A 114 -6.37 -10.88 -39.29
CA LEU A 114 -5.45 -10.27 -40.25
C LEU A 114 -4.36 -11.25 -40.64
N GLN A 115 -3.74 -10.97 -41.79
CA GLN A 115 -2.65 -11.78 -42.30
C GLN A 115 -1.50 -10.87 -42.69
N TYR A 116 -0.30 -11.18 -42.20
CA TYR A 116 0.88 -10.40 -42.57
C TYR A 116 1.10 -10.42 -44.08
N LYS A 117 1.61 -9.32 -44.61
CA LYS A 117 1.98 -9.13 -46.00
C LYS A 117 0.76 -9.12 -46.93
N LYS A 118 -0.44 -9.37 -46.43
CA LYS A 118 -1.64 -9.40 -47.25
C LYS A 118 -2.16 -7.99 -47.52
N SER A 119 -2.48 -7.71 -48.79
CA SER A 119 -3.03 -6.43 -49.19
C SER A 119 -4.55 -6.47 -49.10
N TYR A 120 -5.11 -5.47 -48.44
CA TYR A 120 -6.55 -5.33 -48.25
C TYR A 120 -7.22 -4.40 -49.26
N ASP A 121 -6.49 -3.97 -50.30
CA ASP A 121 -6.98 -2.96 -51.24
C ASP A 121 -8.39 -3.21 -51.74
N ASP A 122 -8.73 -4.46 -52.09
CA ASP A 122 -10.00 -4.71 -52.76
C ASP A 122 -11.11 -5.07 -51.77
N ALA A 123 -12.32 -5.25 -52.31
CA ALA A 123 -13.47 -5.64 -51.50
C ALA A 123 -13.53 -7.14 -51.24
N GLU A 124 -13.03 -7.95 -52.17
CA GLU A 124 -13.04 -9.40 -51.95
C GLU A 124 -12.08 -9.79 -50.83
N SER A 125 -10.98 -9.05 -50.67
CA SER A 125 -9.98 -9.40 -49.68
C SER A 125 -10.48 -9.21 -48.25
N LEU A 126 -11.39 -8.26 -48.03
CA LEU A 126 -11.89 -7.98 -46.68
C LEU A 126 -12.79 -9.08 -46.13
N LYS A 127 -13.26 -10.02 -46.97
CA LYS A 127 -13.98 -11.18 -46.46
C LYS A 127 -13.12 -12.04 -45.55
N THR A 128 -11.81 -11.83 -45.56
CA THR A 128 -10.87 -12.52 -44.69
C THR A 128 -11.02 -12.15 -43.22
N LEU A 129 -11.61 -11.00 -42.92
CA LEU A 129 -11.57 -10.41 -41.59
C LEU A 129 -12.77 -10.83 -40.75
N ARG A 130 -12.50 -11.14 -39.48
CA ARG A 130 -13.57 -11.44 -38.53
C ARG A 130 -14.24 -10.17 -37.99
N TYR A 131 -13.54 -9.03 -38.00
CA TYR A 131 -14.05 -7.75 -37.55
C TYR A 131 -13.79 -6.69 -38.62
N GLY A 132 -14.75 -5.79 -38.81
CA GLY A 132 -14.61 -4.76 -39.82
C GLY A 132 -13.93 -3.49 -39.33
N LYS A 133 -13.95 -3.28 -38.02
CA LYS A 133 -13.42 -2.06 -37.42
C LYS A 133 -12.80 -2.40 -36.08
N ILE A 134 -11.73 -1.70 -35.74
CA ILE A 134 -11.12 -1.75 -34.41
C ILE A 134 -11.39 -0.42 -33.73
N MET A 135 -11.97 -0.48 -32.53
CA MET A 135 -12.23 0.71 -31.73
C MET A 135 -11.31 0.68 -30.53
N ILE A 136 -10.39 1.64 -30.46
CA ILE A 136 -9.46 1.76 -29.34
C ILE A 136 -10.14 2.58 -28.26
N MET A 137 -10.10 2.09 -27.03
CA MET A 137 -10.71 2.79 -25.90
C MET A 137 -9.66 2.86 -24.79
N THR A 138 -9.17 4.07 -24.52
CA THR A 138 -8.10 4.25 -23.55
C THR A 138 -8.52 5.31 -22.55
N ASP A 139 -7.67 5.54 -21.55
CA ASP A 139 -7.87 6.71 -20.74
C ASP A 139 -7.75 7.95 -21.61
N GLN A 140 -8.35 9.03 -21.12
CA GLN A 140 -8.39 10.31 -21.80
C GLN A 140 -7.12 11.11 -21.58
N ASP A 141 -6.11 10.48 -20.97
CA ASP A 141 -4.83 11.12 -20.67
C ASP A 141 -3.80 10.87 -21.78
N GLN A 142 -2.57 11.35 -21.52
CA GLN A 142 -1.52 11.31 -22.54
C GLN A 142 -1.00 9.91 -22.77
N ASP A 143 -0.91 9.09 -21.71
CA ASP A 143 -0.45 7.73 -21.93
C ASP A 143 -1.46 6.93 -22.74
N GLY A 144 -2.75 7.23 -22.59
CA GLY A 144 -3.73 6.65 -23.47
C GLY A 144 -3.51 7.05 -24.91
N SER A 145 -3.19 8.33 -25.13
CA SER A 145 -2.90 8.79 -26.49
C SER A 145 -1.70 8.07 -27.09
N HIS A 146 -0.73 7.66 -26.25
CA HIS A 146 0.43 6.95 -26.76
C HIS A 146 0.06 5.54 -27.22
N ILE A 147 -0.84 4.86 -26.50
CA ILE A 147 -1.31 3.55 -26.93
C ILE A 147 -2.12 3.66 -28.23
N LYS A 148 -3.01 4.66 -28.32
CA LYS A 148 -3.68 4.93 -29.59
C LYS A 148 -2.68 5.00 -30.73
N GLY A 149 -1.61 5.77 -30.54
CA GLY A 149 -0.63 5.95 -31.60
C GLY A 149 0.15 4.67 -31.89
N LEU A 150 0.44 3.88 -30.87
CA LEU A 150 1.14 2.61 -31.08
C LEU A 150 0.25 1.62 -31.85
N LEU A 151 -1.05 1.63 -31.58
CA LEU A 151 -1.95 0.80 -32.36
C LEU A 151 -2.04 1.33 -33.80
N ILE A 152 -2.23 2.65 -33.94
CA ILE A 152 -2.21 3.26 -35.27
C ILE A 152 -0.93 2.91 -35.99
N ASN A 153 0.20 3.01 -35.30
CA ASN A 153 1.48 2.67 -35.91
C ASN A 153 1.50 1.21 -36.35
N PHE A 154 0.98 0.32 -35.51
CA PHE A 154 0.96 -1.11 -35.82
C PHE A 154 0.18 -1.38 -37.11
N ILE A 155 -1.01 -0.78 -37.25
CA ILE A 155 -1.81 -1.02 -38.45
C ILE A 155 -1.21 -0.32 -39.65
N HIS A 156 -0.69 0.90 -39.45
CA HIS A 156 -0.16 1.67 -40.58
C HIS A 156 1.03 0.96 -41.20
N HIS A 157 1.85 0.31 -40.38
CA HIS A 157 3.06 -0.34 -40.88
C HIS A 157 2.75 -1.65 -41.60
N ASN A 158 1.87 -2.47 -41.04
CA ASN A 158 1.57 -3.78 -41.63
C ASN A 158 0.54 -3.73 -42.75
N TRP A 159 -0.54 -2.97 -42.61
CA TRP A 159 -1.59 -2.93 -43.63
C TRP A 159 -2.04 -1.50 -43.89
N PRO A 160 -1.18 -0.71 -44.55
CA PRO A 160 -1.58 0.68 -44.85
C PRO A 160 -2.89 0.77 -45.61
N SER A 161 -3.24 -0.27 -46.38
CA SER A 161 -4.45 -0.22 -47.19
C SER A 161 -5.72 -0.18 -46.35
N LEU A 162 -5.70 -0.75 -45.13
CA LEU A 162 -6.90 -0.75 -44.31
C LEU A 162 -7.27 0.63 -43.81
N LEU A 163 -6.27 1.48 -43.52
CA LEU A 163 -6.58 2.80 -42.99
C LEU A 163 -7.30 3.67 -44.00
N LYS A 164 -7.12 3.40 -45.29
CA LYS A 164 -7.85 4.16 -46.30
C LYS A 164 -9.31 3.73 -46.39
N HIS A 165 -9.68 2.61 -45.78
CA HIS A 165 -11.06 2.20 -45.65
C HIS A 165 -11.72 2.73 -44.39
N GLY A 166 -10.96 3.42 -43.52
CA GLY A 166 -11.50 3.83 -42.25
C GLY A 166 -11.58 2.69 -41.25
N PHE A 167 -10.51 1.92 -41.14
CA PHE A 167 -10.50 0.75 -40.27
C PHE A 167 -10.52 1.14 -38.80
N LEU A 168 -9.77 2.19 -38.42
CA LEU A 168 -9.54 2.51 -37.02
C LEU A 168 -10.46 3.62 -36.54
N GLU A 169 -11.01 3.44 -35.34
CA GLU A 169 -11.79 4.48 -34.68
C GLU A 169 -11.47 4.45 -33.18
N GLU A 170 -11.93 5.47 -32.46
CA GLU A 170 -11.69 5.55 -31.03
C GLU A 170 -12.98 5.86 -30.30
N PHE A 171 -12.97 5.56 -29.00
CA PHE A 171 -14.09 5.84 -28.10
C PHE A 171 -13.62 6.76 -26.99
N ILE A 172 -14.25 7.93 -26.87
CA ILE A 172 -13.84 8.97 -25.94
C ILE A 172 -14.73 8.94 -24.71
N THR A 173 -14.16 9.26 -23.56
CA THR A 173 -14.91 9.35 -22.31
C THR A 173 -14.67 10.68 -21.63
N LYS A 220 -21.86 1.28 -14.32
CA LYS A 220 -23.16 1.66 -14.88
C LYS A 220 -23.09 3.01 -15.58
N GLU A 221 -22.08 3.81 -15.22
CA GLU A 221 -21.80 5.01 -15.99
C GLU A 221 -21.37 4.67 -17.42
N ALA A 222 -20.89 3.44 -17.64
CA ALA A 222 -20.52 3.02 -18.99
C ALA A 222 -21.75 2.81 -19.87
N LYS A 223 -22.81 2.21 -19.32
CA LYS A 223 -24.04 2.03 -20.07
C LYS A 223 -24.59 3.36 -20.57
N GLU A 224 -24.30 4.45 -19.87
CA GLU A 224 -24.70 5.76 -20.35
C GLU A 224 -23.85 6.20 -21.53
N TYR A 225 -22.58 5.79 -21.58
CA TYR A 225 -21.72 6.17 -22.70
C TYR A 225 -22.14 5.44 -23.97
N PHE A 226 -22.37 4.13 -23.87
CA PHE A 226 -22.62 3.33 -25.06
C PHE A 226 -24.00 3.54 -25.64
N ALA A 227 -24.97 4.01 -24.86
CA ALA A 227 -26.23 4.45 -25.43
C ALA A 227 -26.07 5.76 -26.18
N ASP A 228 -25.09 6.58 -25.78
CA ASP A 228 -24.70 7.84 -26.40
C ASP A 228 -23.63 7.64 -27.46
N MET A 229 -23.39 6.39 -27.86
CA MET A 229 -22.20 5.93 -28.58
C MET A 229 -21.75 6.86 -29.71
N GLU A 230 -22.68 7.37 -30.51
CA GLU A 230 -22.28 8.20 -31.64
C GLU A 230 -21.61 9.49 -31.19
N ARG A 231 -21.96 9.99 -29.99
CA ARG A 231 -21.32 11.19 -29.47
C ARG A 231 -19.92 10.92 -28.93
N HIS A 232 -19.63 9.70 -28.51
CA HIS A 232 -18.30 9.33 -28.04
C HIS A 232 -17.44 8.66 -29.10
N ARG A 233 -17.98 8.42 -30.30
CA ARG A 233 -17.28 7.70 -31.35
C ARG A 233 -16.60 8.69 -32.27
N ILE A 234 -15.27 8.59 -32.39
CA ILE A 234 -14.50 9.40 -33.33
C ILE A 234 -13.81 8.47 -34.31
N LEU A 235 -13.91 8.79 -35.59
N LEU A 235 -13.94 8.78 -35.60
CA LEU A 235 -13.34 7.95 -36.64
CA LEU A 235 -13.34 8.01 -36.66
C LEU A 235 -12.04 8.58 -37.15
C LEU A 235 -12.00 8.61 -37.06
N PHE A 236 -11.00 7.76 -37.23
CA PHE A 236 -9.73 8.21 -37.80
C PHE A 236 -9.84 8.20 -39.32
N ARG A 237 -9.33 9.25 -39.95
CA ARG A 237 -9.38 9.41 -41.40
C ARG A 237 -7.97 9.57 -41.95
N TYR A 238 -7.70 8.92 -43.07
CA TYR A 238 -6.42 9.07 -43.76
C TYR A 238 -6.62 10.04 -44.90
N ALA A 239 -6.03 11.24 -44.79
CA ALA A 239 -6.25 12.28 -45.77
C ALA A 239 -5.20 12.31 -46.89
N GLY A 240 -4.09 11.58 -46.74
CA GLY A 240 -3.03 11.64 -47.73
C GLY A 240 -1.66 11.46 -47.13
N PRO A 241 -0.62 11.80 -47.89
CA PRO A 241 0.77 11.52 -47.44
C PRO A 241 1.18 12.30 -46.20
N GLU A 242 0.51 13.39 -45.85
CA GLU A 242 0.84 14.06 -44.60
C GLU A 242 0.48 13.19 -43.40
N ASP A 243 -0.50 12.29 -43.56
CA ASP A 243 -0.80 11.32 -42.52
C ASP A 243 0.28 10.25 -42.42
N ASP A 244 0.89 9.87 -43.55
CA ASP A 244 2.00 8.94 -43.51
C ASP A 244 3.18 9.55 -42.77
N ALA A 245 3.56 10.77 -43.14
CA ALA A 245 4.74 11.41 -42.54
C ALA A 245 4.57 11.61 -41.04
N ALA A 246 3.36 11.96 -40.59
CA ALA A 246 3.12 12.16 -39.17
C ALA A 246 3.33 10.87 -38.39
N ILE A 247 2.74 9.77 -38.85
CA ILE A 247 2.92 8.49 -38.17
C ILE A 247 4.39 8.13 -38.12
N THR A 248 5.08 8.29 -39.24
CA THR A 248 6.51 7.98 -39.32
C THR A 248 7.33 8.90 -38.42
N LEU A 249 6.97 10.19 -38.38
CA LEU A 249 7.66 11.12 -37.49
C LEU A 249 7.64 10.64 -36.05
N ALA A 250 6.51 10.10 -35.62
CA ALA A 250 6.39 9.74 -34.21
C ALA A 250 7.09 8.43 -33.89
N PHE A 251 6.86 7.40 -34.71
CA PHE A 251 7.24 6.05 -34.32
C PHE A 251 8.50 5.50 -34.97
N SER A 252 9.19 6.26 -35.83
CA SER A 252 10.33 5.70 -36.55
C SER A 252 11.64 6.01 -35.85
N LYS A 253 12.48 4.98 -35.70
CA LYS A 253 13.81 5.17 -35.14
C LYS A 253 14.64 6.17 -35.93
N LYS A 254 14.40 6.28 -37.24
CA LYS A 254 15.17 7.16 -38.09
C LYS A 254 14.78 8.63 -37.96
N LYS A 255 13.67 8.93 -37.29
CA LYS A 255 13.12 10.28 -37.17
C LYS A 255 13.50 11.01 -35.88
N ILE A 256 14.40 10.45 -35.06
CA ILE A 256 14.73 11.07 -33.78
C ILE A 256 15.04 12.56 -33.93
N ASP A 257 15.91 12.90 -34.87
CA ASP A 257 16.24 14.31 -35.06
C ASP A 257 15.03 15.11 -35.49
N ASP A 258 14.16 14.52 -36.30
CA ASP A 258 12.91 15.20 -36.65
C ASP A 258 12.01 15.37 -35.43
N ARG A 259 12.04 14.41 -34.49
CA ARG A 259 11.25 14.58 -33.28
C ARG A 259 11.79 15.71 -32.42
N LYS A 260 13.12 15.86 -32.38
CA LYS A 260 13.73 16.98 -31.67
C LYS A 260 13.20 18.31 -32.18
N GLU A 261 13.23 18.50 -33.51
CA GLU A 261 12.69 19.71 -34.12
C GLU A 261 11.20 19.84 -33.85
N TRP A 262 10.46 18.74 -34.09
CA TRP A 262 9.02 18.70 -33.85
C TRP A 262 8.66 19.20 -32.45
N LEU A 263 9.34 18.67 -31.43
CA LEU A 263 9.07 19.08 -30.06
C LEU A 263 9.70 20.44 -29.73
N THR A 264 10.84 20.76 -30.35
CA THR A 264 11.42 22.09 -30.14
C THR A 264 10.45 23.17 -30.57
N ASN A 265 9.90 23.05 -31.78
CA ASN A 265 8.93 24.02 -32.25
C ASN A 265 7.68 24.01 -31.39
N PHE A 266 7.34 22.87 -30.80
CA PHE A 266 6.14 22.81 -29.97
C PHE A 266 6.34 23.57 -28.66
N MET A 267 7.47 23.35 -28.00
CA MET A 267 7.70 24.02 -26.71
C MET A 267 7.84 25.52 -26.89
N GLU A 268 8.42 25.98 -28.00
CA GLU A 268 8.56 27.41 -28.22
C GLU A 268 7.20 28.08 -28.37
N ASP A 269 6.28 27.44 -29.08
CA ASP A 269 4.98 28.07 -29.31
C ASP A 269 4.18 28.19 -28.02
N ARG A 270 4.27 27.19 -27.14
CA ARG A 270 3.60 27.28 -25.85
C ARG A 270 4.16 28.42 -25.00
N ARG A 271 5.48 28.58 -24.99
CA ARG A 271 6.06 29.71 -24.28
C ARG A 271 5.50 31.02 -24.82
N GLN A 272 5.29 31.11 -26.14
CA GLN A 272 4.70 32.31 -26.71
C GLN A 272 3.23 32.45 -26.32
N ARG A 273 2.47 31.35 -26.37
CA ARG A 273 1.06 31.41 -26.00
C ARG A 273 0.90 31.63 -24.51
N ARG A 274 1.77 31.03 -23.69
CA ARG A 274 1.67 31.19 -22.25
C ARG A 274 1.95 32.62 -21.82
N LEU A 275 2.91 33.28 -22.49
CA LEU A 275 3.25 34.66 -22.13
C LEU A 275 2.40 35.69 -22.85
N HIS A 276 1.54 35.27 -23.79
CA HIS A 276 0.72 36.20 -24.54
C HIS A 276 -0.74 35.76 -24.56
N LYS A 289 -17.46 12.53 -35.20
CA LYS A 289 -16.57 13.45 -35.92
C LYS A 289 -15.36 12.69 -36.48
N HIS A 290 -14.59 13.36 -37.34
CA HIS A 290 -13.43 12.76 -37.98
C HIS A 290 -12.15 13.40 -37.47
N LEU A 291 -11.09 12.60 -37.42
CA LEU A 291 -9.77 13.08 -37.00
C LEU A 291 -8.74 12.48 -37.94
N THR A 292 -7.97 13.34 -38.60
CA THR A 292 -6.89 12.85 -39.45
C THR A 292 -5.71 12.43 -38.58
N TYR A 293 -4.98 11.42 -39.06
CA TYR A 293 -3.79 10.96 -38.35
C TYR A 293 -2.79 12.09 -38.17
N ASN A 294 -2.65 12.96 -39.16
CA ASN A 294 -1.81 14.13 -39.02
C ASN A 294 -2.27 15.00 -37.85
N ASP A 295 -3.59 15.20 -37.72
CA ASP A 295 -4.08 16.00 -36.60
C ASP A 295 -3.92 15.26 -35.28
N PHE A 296 -4.23 13.96 -35.25
CA PHE A 296 -4.03 13.19 -34.02
C PHE A 296 -2.59 13.27 -33.54
N ILE A 297 -1.64 13.19 -34.46
CA ILE A 297 -0.24 13.12 -34.06
C ILE A 297 0.27 14.48 -33.64
N ASN A 298 -0.04 15.52 -34.40
CA ASN A 298 0.46 16.85 -34.10
C ASN A 298 -0.36 17.58 -33.04
N LYS A 299 -1.66 17.30 -32.92
CA LYS A 299 -2.45 17.94 -31.87
C LYS A 299 -2.65 17.09 -30.61
N GLU A 300 -2.36 15.79 -30.64
CA GLU A 300 -2.70 14.97 -29.47
C GLU A 300 -1.51 14.16 -28.96
N LEU A 301 -0.96 13.27 -29.79
CA LEU A 301 0.15 12.46 -29.34
C LEU A 301 1.33 13.32 -28.87
N ILE A 302 1.52 14.49 -29.48
CA ILE A 302 2.64 15.36 -29.09
C ILE A 302 2.51 15.79 -27.63
N LEU A 303 1.29 15.82 -27.10
CA LEU A 303 1.11 16.13 -25.68
C LEU A 303 1.70 15.02 -24.81
N PHE A 304 1.52 13.76 -25.21
CA PHE A 304 2.25 12.71 -24.51
C PHE A 304 3.75 12.91 -24.65
N SER A 305 4.21 13.14 -25.89
CA SER A 305 5.65 13.23 -26.13
C SER A 305 6.28 14.31 -25.28
N ASN A 306 5.63 15.48 -25.21
CA ASN A 306 6.13 16.52 -24.33
C ASN A 306 6.03 16.11 -22.86
N SER A 307 4.89 15.54 -22.45
CA SER A 307 4.74 15.08 -21.07
CA SER A 307 4.74 15.09 -21.07
C SER A 307 5.76 14.00 -20.73
N ASP A 308 6.15 13.20 -21.72
CA ASP A 308 7.15 12.18 -21.50
C ASP A 308 8.48 12.82 -21.09
N ASN A 309 8.87 13.89 -21.79
CA ASN A 309 10.10 14.60 -21.44
C ASN A 309 10.00 15.25 -20.06
N GLU A 310 8.85 15.86 -19.76
CA GLU A 310 8.71 16.56 -18.49
C GLU A 310 8.78 15.61 -17.32
N ARG A 311 8.27 14.38 -17.48
CA ARG A 311 8.40 13.41 -16.39
C ARG A 311 9.74 12.67 -16.41
N SER A 312 10.37 12.50 -17.57
CA SER A 312 11.59 11.69 -17.66
C SER A 312 12.91 12.47 -17.60
N ILE A 313 12.90 13.77 -17.81
CA ILE A 313 14.15 14.52 -17.94
C ILE A 313 14.29 15.46 -16.75
N PRO A 314 15.37 15.36 -15.97
CA PRO A 314 15.45 16.08 -14.70
C PRO A 314 15.70 17.56 -14.86
N SER A 315 15.40 18.28 -13.78
CA SER A 315 15.75 19.69 -13.69
C SER A 315 17.23 19.82 -13.36
N LEU A 316 17.87 20.82 -13.97
CA LEU A 316 19.23 21.16 -13.56
C LEU A 316 19.28 21.65 -12.13
N VAL A 317 18.24 22.36 -11.69
CA VAL A 317 18.26 23.04 -10.39
C VAL A 317 18.43 22.04 -9.25
N ASP A 318 17.45 21.18 -9.01
CA ASP A 318 17.57 20.21 -7.92
C ASP A 318 17.99 18.81 -8.36
N GLY A 319 18.12 18.55 -9.66
CA GLY A 319 18.41 17.20 -10.11
C GLY A 319 17.25 16.22 -10.11
N PHE A 320 16.02 16.68 -9.88
CA PHE A 320 14.85 15.83 -9.71
C PHE A 320 13.97 15.82 -10.95
N LYS A 321 13.30 14.70 -11.15
CA LYS A 321 12.10 14.63 -11.96
C LYS A 321 10.89 14.91 -11.08
N PRO A 322 9.76 15.29 -11.66
CA PRO A 322 8.61 15.69 -10.83
C PRO A 322 8.13 14.59 -9.89
N GLY A 323 8.14 13.32 -10.31
CA GLY A 323 7.74 12.25 -9.40
C GLY A 323 8.67 12.12 -8.21
N GLN A 324 9.99 12.13 -8.45
CA GLN A 324 10.95 12.15 -7.35
C GLN A 324 10.76 13.39 -6.49
N ARG A 325 10.56 14.56 -7.11
CA ARG A 325 10.36 15.79 -6.34
C ARG A 325 9.12 15.70 -5.47
N LYS A 326 8.08 15.03 -5.97
CA LYS A 326 6.86 14.82 -5.21
C LYS A 326 7.14 13.98 -3.98
N VAL A 327 8.00 12.96 -4.13
CA VAL A 327 8.37 12.09 -3.01
C VAL A 327 9.04 12.89 -1.90
N LEU A 328 10.05 13.69 -2.26
CA LEU A 328 10.78 14.45 -1.25
CA LEU A 328 10.78 14.44 -1.24
C LEU A 328 9.89 15.51 -0.61
N PHE A 329 9.05 16.18 -1.42
CA PHE A 329 8.09 17.12 -0.85
C PHE A 329 7.20 16.44 0.18
N THR A 330 6.76 15.22 -0.10
CA THR A 330 5.90 14.51 0.84
C THR A 330 6.67 14.11 2.10
N CYS A 331 7.89 13.60 1.94
CA CYS A 331 8.68 13.24 3.11
C CYS A 331 9.00 14.46 3.98
N PHE A 332 9.30 15.60 3.34
CA PHE A 332 9.58 16.81 4.12
C PHE A 332 8.35 17.22 4.92
N LYS A 333 7.17 17.12 4.32
CA LYS A 333 5.95 17.53 4.99
C LYS A 333 5.58 16.53 6.09
N ARG A 334 5.77 15.23 5.83
CA ARG A 334 5.48 14.23 6.86
C ARG A 334 6.44 14.34 8.03
N ASN A 335 7.71 14.57 7.74
CA ASN A 335 8.74 14.71 8.78
C ASN A 335 8.78 13.47 9.68
N ASP A 336 8.85 12.30 9.05
CA ASP A 336 8.79 11.06 9.80
C ASP A 336 10.03 10.89 10.66
N LYS A 337 9.83 10.61 11.94
CA LYS A 337 10.91 10.27 12.83
C LYS A 337 11.19 8.77 12.89
N ARG A 338 10.30 7.95 12.34
CA ARG A 338 10.49 6.50 12.30
C ARG A 338 10.27 6.01 10.86
N GLU A 339 10.79 4.82 10.58
CA GLU A 339 10.68 4.27 9.24
C GLU A 339 9.23 4.05 8.86
N VAL A 340 8.96 4.18 7.57
CA VAL A 340 7.63 4.01 6.99
C VAL A 340 7.74 2.97 5.88
N LYS A 341 6.74 2.08 5.79
CA LYS A 341 6.69 1.14 4.67
C LYS A 341 6.64 1.87 3.35
N VAL A 342 7.42 1.38 2.37
CA VAL A 342 7.50 2.03 1.07
C VAL A 342 6.13 2.13 0.43
N ALA A 343 5.38 1.01 0.43
CA ALA A 343 4.04 1.04 -0.16
C ALA A 343 3.16 2.06 0.52
N GLN A 344 3.33 2.23 1.84
CA GLN A 344 2.55 3.21 2.57
C GLN A 344 2.98 4.64 2.25
N LEU A 345 4.30 4.88 2.19
CA LEU A 345 4.77 6.22 1.80
C LEU A 345 4.26 6.59 0.41
N ALA A 346 4.27 5.63 -0.52
CA ALA A 346 3.81 5.88 -1.88
C ALA A 346 2.36 6.35 -1.91
N GLY A 347 1.48 5.66 -1.17
CA GLY A 347 0.09 6.11 -1.13
C GLY A 347 -0.04 7.50 -0.53
N SER A 348 0.76 7.79 0.49
CA SER A 348 0.77 9.14 1.06
C SER A 348 1.23 10.18 0.04
N VAL A 349 2.25 9.84 -0.76
CA VAL A 349 2.73 10.78 -1.78
C VAL A 349 1.62 11.10 -2.77
N ALA A 350 0.87 10.09 -3.20
CA ALA A 350 -0.19 10.32 -4.18
C ALA A 350 -1.27 11.24 -3.60
N GLU A 351 -1.68 10.99 -2.36
CA GLU A 351 -2.65 11.87 -1.71
C GLU A 351 -2.11 13.29 -1.58
N MET A 352 -0.91 13.43 -0.99
CA MET A 352 -0.43 14.76 -0.61
C MET A 352 0.07 15.57 -1.80
N SER A 353 0.73 14.93 -2.76
CA SER A 353 1.31 15.65 -3.89
C SER A 353 0.49 15.61 -5.17
N ALA A 354 -0.65 14.92 -5.18
CA ALA A 354 -1.48 14.73 -6.38
C ALA A 354 -0.71 14.04 -7.50
N TYR A 355 -0.07 12.92 -7.18
CA TYR A 355 0.58 12.11 -8.18
C TYR A 355 -0.49 11.31 -8.94
N HIS A 356 -0.53 11.47 -10.26
CA HIS A 356 -1.62 11.00 -11.08
C HIS A 356 -1.37 9.65 -11.76
N HIS A 357 -0.26 8.97 -11.46
CA HIS A 357 0.04 7.72 -12.14
C HIS A 357 -0.06 6.55 -11.17
N GLY A 358 0.24 5.36 -11.67
CA GLY A 358 0.13 4.17 -10.84
C GLY A 358 1.16 4.18 -9.71
N GLU A 359 0.72 3.74 -8.53
CA GLU A 359 1.59 3.78 -7.36
C GLU A 359 2.76 2.82 -7.46
N GLN A 360 2.59 1.71 -8.20
CA GLN A 360 3.71 0.81 -8.43
C GLN A 360 4.91 1.55 -9.00
N ALA A 361 4.67 2.51 -9.89
CA ALA A 361 5.76 3.31 -10.43
C ALA A 361 6.39 4.18 -9.34
N LEU A 362 5.56 4.79 -8.49
CA LEU A 362 6.07 5.58 -7.39
C LEU A 362 6.91 4.73 -6.45
N MET A 363 6.45 3.52 -6.14
CA MET A 363 7.22 2.64 -5.26
C MET A 363 8.60 2.34 -5.85
N MET A 364 8.68 2.13 -7.17
CA MET A 364 9.99 1.89 -7.78
C MET A 364 10.88 3.12 -7.69
N THR A 365 10.29 4.31 -7.86
CA THR A 365 11.04 5.54 -7.71
C THR A 365 11.57 5.70 -6.28
N ILE A 366 10.74 5.40 -5.28
CA ILE A 366 11.20 5.48 -3.89
C ILE A 366 12.37 4.52 -3.65
N VAL A 367 12.27 3.30 -4.17
CA VAL A 367 13.35 2.33 -4.02
C VAL A 367 14.63 2.89 -4.62
N ASN A 368 14.55 3.42 -5.85
CA ASN A 368 15.70 3.99 -6.53
C ASN A 368 16.31 5.16 -5.76
N LEU A 369 15.46 5.95 -5.10
CA LEU A 369 15.98 7.06 -4.31
C LEU A 369 16.70 6.58 -3.04
N ALA A 370 16.39 5.39 -2.55
CA ALA A 370 17.03 4.96 -1.31
C ALA A 370 18.28 4.10 -1.51
N GLN A 371 18.56 3.64 -2.73
CA GLN A 371 19.63 2.66 -2.93
C GLN A 371 21.00 3.30 -2.69
N ASN A 372 21.77 2.69 -1.78
CA ASN A 372 23.14 3.09 -1.48
C ASN A 372 24.25 2.20 -2.05
N PHE A 373 23.95 1.19 -2.87
CA PHE A 373 25.03 0.28 -3.27
C PHE A 373 25.96 0.95 -4.31
N VAL A 374 27.16 0.38 -4.44
CA VAL A 374 28.18 0.94 -5.32
C VAL A 374 27.61 1.10 -6.73
N GLY A 375 27.68 2.31 -7.26
CA GLY A 375 27.16 2.60 -8.57
C GLY A 375 25.76 3.17 -8.62
N SER A 376 25.09 3.35 -7.48
CA SER A 376 23.75 3.94 -7.58
C SER A 376 23.72 5.39 -7.15
N ASN A 377 23.64 5.67 -5.85
CA ASN A 377 23.51 7.04 -5.36
C ASN A 377 24.77 7.38 -4.57
N ASN A 378 25.40 8.50 -4.91
CA ASN A 378 26.50 8.99 -4.08
C ASN A 378 25.99 9.46 -2.73
N ILE A 379 24.83 10.14 -2.71
CA ILE A 379 24.14 10.45 -1.47
C ILE A 379 22.69 10.02 -1.66
N ASN A 380 22.27 8.96 -0.95
CA ASN A 380 20.87 8.56 -1.02
C ASN A 380 20.08 9.44 -0.06
N LEU A 381 19.05 10.11 -0.59
CA LEU A 381 18.24 11.04 0.20
C LEU A 381 17.24 10.34 1.10
N LEU A 382 16.91 9.08 0.78
CA LEU A 382 16.08 8.21 1.59
C LEU A 382 16.91 7.04 2.09
N GLN A 383 16.57 6.54 3.28
CA GLN A 383 17.32 5.45 3.89
C GLN A 383 16.76 4.11 3.46
N PRO A 384 17.61 3.17 3.02
CA PRO A 384 17.20 1.80 2.66
C PRO A 384 17.10 0.87 3.86
N ILE A 385 15.96 0.90 4.54
CA ILE A 385 15.74 0.04 5.71
CA ILE A 385 15.74 0.04 5.71
C ILE A 385 15.04 -1.22 5.23
N GLY A 386 15.76 -2.32 5.20
CA GLY A 386 15.33 -3.55 4.56
C GLY A 386 16.10 -3.76 3.26
N GLN A 387 15.65 -4.72 2.48
CA GLN A 387 16.42 -5.12 1.30
C GLN A 387 15.93 -4.30 0.12
N PHE A 388 16.74 -3.31 -0.25
CA PHE A 388 16.51 -2.44 -1.39
C PHE A 388 17.32 -2.84 -2.61
N GLY A 389 18.05 -3.94 -2.52
CA GLY A 389 18.89 -4.41 -3.60
C GLY A 389 20.36 -4.18 -3.31
N THR A 390 21.20 -4.90 -4.05
CA THR A 390 22.64 -4.87 -3.81
C THR A 390 23.36 -4.78 -5.15
N ARG A 391 24.69 -4.65 -5.08
CA ARG A 391 25.50 -4.65 -6.29
C ARG A 391 25.57 -6.04 -6.92
N LEU A 392 25.13 -7.07 -6.20
CA LEU A 392 25.14 -8.43 -6.75
C LEU A 392 24.23 -8.52 -7.97
N HIS A 393 22.98 -8.12 -7.83
CA HIS A 393 22.04 -8.03 -8.94
C HIS A 393 21.81 -6.62 -9.48
N GLY A 394 22.51 -5.61 -8.97
CA GLY A 394 22.25 -4.27 -9.43
C GLY A 394 20.90 -3.71 -9.02
N GLY A 395 20.44 -4.04 -7.81
CA GLY A 395 19.17 -3.56 -7.32
C GLY A 395 17.96 -4.38 -7.77
N LYS A 396 18.12 -5.25 -8.76
CA LYS A 396 17.01 -6.11 -9.19
C LYS A 396 16.57 -7.07 -8.10
N ASP A 397 17.40 -7.28 -7.08
CA ASP A 397 17.08 -8.16 -5.96
C ASP A 397 16.35 -7.43 -4.84
N ALA A 398 15.97 -6.18 -5.04
CA ALA A 398 15.17 -5.48 -4.05
C ALA A 398 13.90 -6.28 -3.73
N ALA A 399 13.50 -6.28 -2.46
CA ALA A 399 12.29 -6.99 -2.09
C ALA A 399 11.07 -6.12 -2.40
N SER A 400 9.90 -6.70 -2.17
CA SER A 400 8.67 -5.99 -2.48
C SER A 400 8.53 -4.74 -1.61
N PRO A 401 8.00 -3.65 -2.17
CA PRO A 401 7.80 -2.43 -1.36
C PRO A 401 6.84 -2.63 -0.19
N ARG A 402 6.08 -3.72 -0.16
CA ARG A 402 5.25 -3.99 1.01
C ARG A 402 6.08 -4.45 2.21
N TYR A 403 7.28 -5.01 1.97
CA TYR A 403 8.12 -5.54 3.04
C TYR A 403 9.25 -4.62 3.49
N ILE A 404 9.41 -3.45 2.88
CA ILE A 404 10.60 -2.62 3.14
C ILE A 404 10.17 -1.23 3.54
N PHE A 405 11.06 -0.56 4.27
CA PHE A 405 10.77 0.70 4.92
C PHE A 405 11.78 1.75 4.51
N THR A 406 11.42 3.02 4.72
CA THR A 406 12.33 4.12 4.43
C THR A 406 11.99 5.33 5.28
N MET A 407 12.95 6.25 5.34
CA MET A 407 12.81 7.56 5.95
C MET A 407 13.90 8.46 5.36
N LEU A 408 13.74 9.76 5.59
CA LEU A 408 14.74 10.73 5.16
C LEU A 408 16.12 10.43 5.74
N SER A 409 17.13 10.54 4.89
CA SER A 409 18.49 10.67 5.39
C SER A 409 18.63 11.98 6.17
N THR A 410 19.48 11.96 7.20
CA THR A 410 19.80 13.21 7.91
C THR A 410 20.48 14.23 7.01
N LEU A 411 20.99 13.81 5.85
CA LEU A 411 21.59 14.76 4.93
C LEU A 411 20.55 15.51 4.11
N ALA A 412 19.30 15.04 4.08
CA ALA A 412 18.31 15.58 3.15
C ALA A 412 18.01 17.05 3.43
N ARG A 413 17.63 17.37 4.67
CA ARG A 413 17.33 18.77 5.00
C ARG A 413 18.56 19.63 5.14
N LEU A 414 19.75 19.02 5.22
CA LEU A 414 20.95 19.85 5.16
C LEU A 414 21.24 20.26 3.72
N LEU A 415 20.92 19.40 2.75
CA LEU A 415 21.11 19.78 1.35
C LEU A 415 19.98 20.65 0.82
N PHE A 416 18.79 20.51 1.39
CA PHE A 416 17.59 21.23 0.98
C PHE A 416 17.04 21.95 2.22
N PRO A 417 17.66 23.06 2.64
CA PRO A 417 17.28 23.63 3.94
C PRO A 417 15.85 24.11 3.94
N ALA A 418 15.15 23.82 5.05
CA ALA A 418 13.73 24.15 5.16
C ALA A 418 13.48 25.64 5.01
N VAL A 419 14.45 26.48 5.40
CA VAL A 419 14.24 27.91 5.32
C VAL A 419 14.04 28.36 3.88
N ASP A 420 14.67 27.68 2.92
CA ASP A 420 14.51 28.09 1.53
C ASP A 420 13.18 27.69 0.92
N ASP A 421 12.42 26.80 1.58
CA ASP A 421 11.05 26.51 1.12
C ASP A 421 10.26 27.79 0.99
N ASN A 422 10.57 28.81 1.80
CA ASN A 422 9.86 30.08 1.75
C ASN A 422 10.12 30.83 0.47
N LEU A 423 11.17 30.47 -0.27
CA LEU A 423 11.52 31.09 -1.54
C LEU A 423 11.00 30.34 -2.76
N LEU A 424 10.41 29.17 -2.59
CA LEU A 424 10.14 28.35 -3.75
C LEU A 424 8.79 28.73 -4.36
N LYS A 425 8.47 28.13 -5.49
CA LYS A 425 7.18 28.35 -6.14
C LYS A 425 6.45 27.01 -6.08
N PHE A 426 5.44 26.92 -5.24
CA PHE A 426 4.72 25.68 -5.04
C PHE A 426 3.57 25.61 -6.03
N LEU A 427 3.51 24.50 -6.77
CA LEU A 427 2.51 24.29 -7.80
C LEU A 427 1.16 23.94 -7.19
N TYR A 428 0.11 24.13 -7.99
CA TYR A 428 -1.26 23.79 -7.61
C TYR A 428 -1.81 22.75 -8.57
N ASP A 429 -2.37 21.69 -8.01
CA ASP A 429 -3.18 20.74 -8.77
C ASP A 429 -4.61 20.83 -8.27
N ASP A 430 -5.49 21.42 -9.08
CA ASP A 430 -6.88 21.68 -8.73
C ASP A 430 -7.05 22.18 -7.30
N ASN A 431 -6.58 23.40 -7.04
CA ASN A 431 -6.73 24.11 -5.77
C ASN A 431 -5.94 23.48 -4.62
N GLN A 432 -5.29 22.34 -4.82
CA GLN A 432 -4.42 21.75 -3.81
C GLN A 432 -2.98 22.16 -4.09
N ARG A 433 -2.32 22.75 -3.08
CA ARG A 433 -0.91 23.10 -3.20
C ARG A 433 -0.06 21.85 -3.04
N VAL A 434 0.89 21.67 -3.94
CA VAL A 434 1.66 20.45 -4.13
C VAL A 434 3.14 20.84 -4.17
N GLU A 435 4.01 19.94 -4.62
CA GLU A 435 5.45 20.14 -4.67
C GLU A 435 5.86 21.40 -5.45
N PRO A 436 7.04 21.96 -5.19
CA PRO A 436 7.47 23.16 -5.91
C PRO A 436 7.94 22.86 -7.32
N GLU A 437 8.06 23.93 -8.13
CA GLU A 437 8.66 23.78 -9.45
C GLU A 437 10.02 23.10 -9.34
N TRP A 438 10.89 23.62 -8.48
CA TRP A 438 12.08 22.88 -8.10
C TRP A 438 12.48 23.28 -6.70
N TYR A 439 13.22 22.39 -6.03
CA TYR A 439 13.95 22.80 -4.85
C TYR A 439 15.23 23.49 -5.30
N ILE A 440 15.98 24.04 -4.33
CA ILE A 440 17.20 24.76 -4.63
C ILE A 440 18.26 24.28 -3.66
N PRO A 441 18.87 23.12 -3.91
CA PRO A 441 19.82 22.54 -2.96
C PRO A 441 21.07 23.40 -2.85
N ILE A 442 21.88 23.13 -1.80
CA ILE A 442 23.06 23.94 -1.55
C ILE A 442 24.25 23.56 -2.41
N ILE A 443 24.19 22.41 -3.08
CA ILE A 443 25.14 22.01 -4.11
C ILE A 443 24.33 21.45 -5.28
N PRO A 444 24.95 21.35 -6.46
CA PRO A 444 24.21 20.84 -7.63
C PRO A 444 23.96 19.34 -7.56
N MET A 445 22.88 18.94 -6.86
CA MET A 445 22.53 17.53 -6.69
C MET A 445 22.39 16.80 -8.02
N VAL A 446 22.08 17.51 -9.10
CA VAL A 446 22.01 16.88 -10.43
C VAL A 446 23.34 16.19 -10.76
N LEU A 447 24.46 16.72 -10.26
CA LEU A 447 25.75 16.08 -10.47
C LEU A 447 26.03 14.95 -9.49
N ILE A 448 25.46 14.99 -8.29
CA ILE A 448 25.86 14.06 -7.24
C ILE A 448 25.42 12.64 -7.56
N ASN A 449 24.13 12.46 -7.85
CA ASN A 449 23.52 11.15 -7.98
C ASN A 449 23.36 10.69 -9.43
N GLY A 450 23.88 11.43 -10.40
CA GLY A 450 23.83 10.94 -11.76
C GLY A 450 22.48 10.87 -12.43
N ALA A 451 21.82 12.02 -12.55
CA ALA A 451 20.52 12.11 -13.20
C ALA A 451 20.52 11.44 -14.57
N GLU A 452 19.53 10.56 -14.80
CA GLU A 452 19.41 9.75 -16.01
C GLU A 452 17.93 9.61 -16.39
N GLY A 453 17.62 9.69 -17.69
CA GLY A 453 16.24 9.52 -18.11
C GLY A 453 16.09 9.50 -19.62
N ILE A 454 14.99 8.90 -20.07
CA ILE A 454 14.73 8.67 -21.49
C ILE A 454 13.38 9.27 -21.84
N GLY A 455 13.39 10.28 -22.69
CA GLY A 455 12.16 10.93 -23.11
C GLY A 455 11.77 10.56 -24.53
N THR A 456 11.07 11.47 -25.21
CA THR A 456 10.85 11.40 -26.64
C THR A 456 11.65 12.51 -27.29
N GLY A 457 12.51 12.13 -28.22
CA GLY A 457 13.39 13.05 -28.91
C GLY A 457 14.69 13.32 -28.19
N TRP A 458 14.71 13.18 -26.86
CA TRP A 458 15.89 13.46 -26.07
C TRP A 458 15.99 12.43 -24.96
N ALA A 459 17.22 12.20 -24.51
CA ALA A 459 17.49 11.47 -23.29
C ALA A 459 18.53 12.25 -22.51
N CYS A 460 18.70 11.86 -21.25
CA CYS A 460 19.65 12.49 -20.36
C CYS A 460 20.45 11.41 -19.64
N LYS A 461 21.77 11.54 -19.66
CA LYS A 461 22.64 10.70 -18.85
C LYS A 461 23.74 11.55 -18.26
N LEU A 462 23.82 11.60 -16.93
CA LEU A 462 24.97 12.14 -16.25
C LEU A 462 25.52 11.10 -15.28
N PRO A 463 26.84 10.98 -15.17
CA PRO A 463 27.43 10.09 -14.17
C PRO A 463 27.42 10.79 -12.81
N ASN A 464 27.87 10.07 -11.78
CA ASN A 464 27.98 10.63 -10.44
C ASN A 464 29.27 11.44 -10.30
N TYR A 465 29.21 12.47 -9.46
CA TYR A 465 30.38 13.27 -9.10
C TYR A 465 30.49 13.33 -7.58
N ASP A 466 31.68 13.70 -7.12
CA ASP A 466 32.00 13.62 -5.70
C ASP A 466 31.48 14.84 -4.95
N ALA A 467 30.76 14.59 -3.85
CA ALA A 467 30.11 15.68 -3.12
C ALA A 467 31.12 16.69 -2.59
N ARG A 468 32.17 16.19 -1.93
CA ARG A 468 33.19 17.07 -1.36
C ARG A 468 33.90 17.87 -2.44
N GLU A 469 34.27 17.23 -3.55
CA GLU A 469 34.91 17.93 -4.65
C GLU A 469 34.02 19.06 -5.16
N ILE A 470 32.71 18.82 -5.23
CA ILE A 470 31.76 19.84 -5.65
C ILE A 470 31.66 20.96 -4.61
N VAL A 471 31.61 20.60 -3.32
CA VAL A 471 31.62 21.61 -2.27
C VAL A 471 32.84 22.51 -2.43
N ASN A 472 34.00 21.90 -2.66
CA ASN A 472 35.24 22.67 -2.80
CA ASN A 472 35.23 22.68 -2.78
C ASN A 472 35.16 23.63 -3.98
N ASN A 473 34.57 23.19 -5.10
CA ASN A 473 34.45 24.07 -6.25
C ASN A 473 33.47 25.20 -5.99
N VAL A 474 32.39 24.93 -5.25
CA VAL A 474 31.49 26.00 -4.85
C VAL A 474 32.22 27.02 -3.98
N ARG A 475 33.12 26.55 -3.12
CA ARG A 475 33.87 27.46 -2.27
C ARG A 475 34.87 28.28 -3.10
N ARG A 476 35.59 27.64 -4.01
CA ARG A 476 36.47 28.38 -4.90
C ARG A 476 35.69 29.46 -5.66
N MET A 477 34.48 29.12 -6.14
CA MET A 477 33.69 30.07 -6.90
C MET A 477 33.21 31.22 -6.03
N LEU A 478 32.87 30.94 -4.75
CA LEU A 478 32.53 32.03 -3.84
C LEU A 478 33.71 32.98 -3.61
N ASP A 479 34.94 32.48 -3.69
CA ASP A 479 36.09 33.36 -3.57
C ASP A 479 36.43 34.07 -4.87
N GLY A 480 35.68 33.83 -5.94
CA GLY A 480 35.97 34.38 -7.24
C GLY A 480 36.97 33.61 -8.06
N LEU A 481 37.45 32.47 -7.57
CA LEU A 481 38.35 31.60 -8.31
C LEU A 481 37.57 30.72 -9.29
N ASP A 482 38.24 30.30 -10.35
CA ASP A 482 37.63 29.39 -11.29
C ASP A 482 37.51 27.99 -10.69
N PRO A 483 36.43 27.27 -10.97
CA PRO A 483 36.31 25.89 -10.49
C PRO A 483 37.30 24.97 -11.18
N HIS A 484 37.82 24.01 -10.44
CA HIS A 484 38.64 22.97 -11.02
C HIS A 484 37.78 22.01 -11.85
N PRO A 485 38.34 21.44 -12.92
CA PRO A 485 37.60 20.41 -13.67
C PRO A 485 37.34 19.20 -12.78
N MET A 486 36.28 18.47 -13.09
CA MET A 486 35.86 17.33 -12.28
C MET A 486 35.72 16.08 -13.13
N LEU A 487 36.30 15.02 -12.67
CA LEU A 487 36.00 13.72 -13.26
C LEU A 487 34.84 13.07 -12.53
N PRO A 488 34.08 12.20 -13.20
CA PRO A 488 33.08 11.40 -12.51
C PRO A 488 33.70 10.63 -11.35
N ASN A 489 32.98 10.54 -10.24
CA ASN A 489 33.47 9.81 -9.07
C ASN A 489 32.29 9.09 -8.42
N TYR A 490 32.45 7.80 -8.16
CA TYR A 490 31.40 6.99 -7.54
C TYR A 490 31.83 6.61 -6.13
N LYS A 491 30.94 6.86 -5.17
CA LYS A 491 31.25 6.54 -3.79
C LYS A 491 31.55 5.07 -3.66
N ASN A 492 32.61 4.75 -2.90
CA ASN A 492 33.02 3.40 -2.56
C ASN A 492 33.58 2.64 -3.76
N PHE A 493 33.62 3.24 -4.94
CA PHE A 493 34.24 2.59 -6.09
C PHE A 493 35.76 2.58 -5.93
N LYS A 494 36.36 1.40 -6.05
CA LYS A 494 37.78 1.24 -5.82
C LYS A 494 38.62 1.31 -7.09
N GLY A 495 37.99 1.41 -8.26
CA GLY A 495 38.70 1.40 -9.52
C GLY A 495 39.12 2.78 -9.97
N THR A 496 39.32 2.91 -11.26
CA THR A 496 39.82 4.16 -11.81
C THR A 496 38.91 4.63 -12.94
N ILE A 497 38.79 5.94 -13.06
CA ILE A 497 38.04 6.58 -14.12
C ILE A 497 38.97 7.59 -14.77
N GLN A 498 39.32 7.37 -16.02
CA GLN A 498 40.29 8.21 -16.72
C GLN A 498 39.62 8.89 -17.90
N GLU A 499 39.86 10.17 -18.06
CA GLU A 499 39.34 10.92 -19.21
C GLU A 499 40.06 10.49 -20.48
N LEU A 500 39.32 10.01 -21.47
CA LEU A 500 39.86 9.69 -22.79
C LEU A 500 39.74 10.83 -23.78
N GLY A 501 39.03 11.88 -23.43
CA GLY A 501 38.53 12.85 -24.37
C GLY A 501 37.34 13.53 -23.71
N GLN A 502 36.80 14.53 -24.39
CA GLN A 502 35.73 15.32 -23.77
C GLN A 502 34.49 14.45 -23.61
N ASN A 503 33.99 14.37 -22.38
CA ASN A 503 32.79 13.62 -22.02
C ASN A 503 32.92 12.12 -22.33
N GLN A 504 34.14 11.61 -22.37
CA GLN A 504 34.37 10.18 -22.60
C GLN A 504 35.42 9.66 -21.63
N TYR A 505 35.12 8.54 -20.98
CA TYR A 505 35.96 8.03 -19.90
C TYR A 505 36.12 6.52 -20.00
N ALA A 506 37.25 6.03 -19.51
CA ALA A 506 37.46 4.61 -19.26
C ALA A 506 37.27 4.33 -17.77
N VAL A 507 36.36 3.41 -17.47
CA VAL A 507 36.10 2.96 -16.10
C VAL A 507 36.68 1.56 -15.97
N SER A 508 37.61 1.38 -15.03
CA SER A 508 38.36 0.14 -14.91
C SER A 508 38.22 -0.45 -13.50
N GLY A 509 37.97 -1.75 -13.45
CA GLY A 509 37.99 -2.48 -12.20
C GLY A 509 39.41 -2.75 -11.75
N GLU A 510 39.56 -3.70 -10.82
CA GLU A 510 40.86 -4.04 -10.25
C GLU A 510 41.14 -5.52 -10.45
N ILE A 511 42.32 -5.82 -10.99
CA ILE A 511 42.79 -7.19 -11.12
C ILE A 511 44.29 -7.18 -10.91
N PHE A 512 44.80 -8.18 -10.17
CA PHE A 512 46.22 -8.22 -9.86
C PHE A 512 46.72 -9.65 -9.94
N VAL A 513 47.94 -9.82 -10.45
CA VAL A 513 48.59 -11.13 -10.43
C VAL A 513 49.05 -11.44 -9.02
N VAL A 514 48.66 -12.61 -8.52
CA VAL A 514 49.10 -13.06 -7.21
C VAL A 514 50.32 -13.96 -7.38
N ASP A 515 50.13 -15.13 -7.97
CA ASP A 515 51.26 -15.94 -8.40
C ASP A 515 51.08 -16.30 -9.87
N ARG A 516 51.97 -17.15 -10.40
CA ARG A 516 51.92 -17.46 -11.82
C ARG A 516 50.68 -18.26 -12.22
N ASN A 517 49.99 -18.88 -11.25
CA ASN A 517 48.73 -19.58 -11.51
C ASN A 517 47.48 -18.79 -11.13
N THR A 518 47.60 -17.59 -10.56
CA THR A 518 46.48 -17.01 -9.84
C THR A 518 46.37 -15.52 -10.15
N VAL A 519 45.17 -15.06 -10.47
CA VAL A 519 44.85 -13.64 -10.46
C VAL A 519 43.67 -13.42 -9.53
N GLU A 520 43.56 -12.19 -9.04
CA GLU A 520 42.54 -11.80 -8.08
C GLU A 520 41.81 -10.58 -8.60
N ILE A 521 40.48 -10.59 -8.56
CA ILE A 521 39.67 -9.47 -9.02
C ILE A 521 38.97 -8.88 -7.82
N THR A 522 39.40 -7.69 -7.39
CA THR A 522 38.83 -7.03 -6.22
C THR A 522 37.86 -5.89 -6.54
N GLU A 523 37.65 -5.54 -7.81
CA GLU A 523 36.63 -4.56 -8.13
C GLU A 523 36.20 -4.75 -9.57
N LEU A 524 34.95 -4.40 -9.86
CA LEU A 524 34.37 -4.45 -11.19
C LEU A 524 33.97 -3.04 -11.61
N PRO A 525 34.04 -2.71 -12.91
CA PRO A 525 33.73 -1.34 -13.33
C PRO A 525 32.33 -0.93 -12.89
N VAL A 526 32.15 0.38 -12.69
CA VAL A 526 30.89 0.90 -12.20
C VAL A 526 29.75 0.42 -13.09
N ARG A 527 28.66 -0.03 -12.45
CA ARG A 527 27.46 -0.56 -13.10
C ARG A 527 27.65 -1.98 -13.66
N THR A 528 28.83 -2.59 -13.53
CA THR A 528 28.95 -4.03 -13.73
C THR A 528 28.60 -4.75 -12.43
N TRP A 529 27.60 -5.61 -12.46
CA TRP A 529 27.06 -6.26 -11.28
C TRP A 529 27.69 -7.64 -11.11
N THR A 530 27.86 -8.05 -9.85
CA THR A 530 28.70 -9.20 -9.56
C THR A 530 28.15 -10.48 -10.19
N GLN A 531 26.84 -10.73 -10.04
CA GLN A 531 26.24 -11.93 -10.60
C GLN A 531 26.28 -11.93 -12.13
N VAL A 532 26.05 -10.76 -12.75
CA VAL A 532 26.12 -10.68 -14.20
C VAL A 532 27.53 -10.94 -14.69
N TYR A 533 28.53 -10.37 -14.00
CA TYR A 533 29.92 -10.60 -14.39
C TYR A 533 30.28 -12.07 -14.25
N LYS A 534 29.80 -12.73 -13.18
CA LYS A 534 30.06 -14.14 -13.00
C LYS A 534 29.50 -14.96 -14.14
N GLU A 535 28.25 -14.70 -14.52
CA GLU A 535 27.56 -15.52 -15.50
C GLU A 535 28.04 -15.23 -16.92
N GLN A 536 28.29 -13.96 -17.25
CA GLN A 536 28.62 -13.60 -18.62
C GLN A 536 30.11 -13.54 -18.90
N VAL A 537 30.97 -13.61 -17.88
CA VAL A 537 32.40 -13.51 -18.11
C VAL A 537 33.15 -14.72 -17.55
N LEU A 538 33.11 -14.92 -16.23
CA LEU A 538 33.94 -15.97 -15.65
C LEU A 538 33.45 -17.37 -16.05
N GLU A 539 32.13 -17.58 -16.06
CA GLU A 539 31.61 -18.87 -16.50
C GLU A 539 32.00 -19.20 -17.93
N PRO A 540 31.81 -18.34 -18.93
CA PRO A 540 32.32 -18.65 -20.28
C PRO A 540 33.82 -18.83 -20.31
N MET A 541 34.55 -18.10 -19.47
CA MET A 541 36.00 -18.28 -19.40
C MET A 541 36.36 -19.64 -18.84
N LEU A 542 35.56 -20.16 -17.90
CA LEU A 542 35.86 -21.46 -17.32
C LEU A 542 35.42 -22.60 -18.23
N ASN A 543 34.20 -22.54 -18.74
CA ASN A 543 33.64 -23.67 -19.49
C ASN A 543 33.89 -23.60 -21.00
N GLY A 544 34.30 -22.46 -21.53
CA GLY A 544 34.27 -22.26 -22.97
C GLY A 544 32.84 -22.09 -23.44
N THR A 545 32.67 -21.68 -24.70
CA THR A 545 31.36 -21.69 -25.34
C THR A 545 31.48 -22.36 -26.69
N ASP A 546 30.39 -22.38 -27.46
CA ASP A 546 30.51 -22.90 -28.82
C ASP A 546 31.42 -22.03 -29.68
N LYS A 547 31.42 -20.72 -29.43
CA LYS A 547 32.24 -19.75 -30.16
C LYS A 547 33.52 -19.30 -29.45
N THR A 548 33.80 -19.74 -28.22
CA THR A 548 34.99 -19.26 -27.49
C THR A 548 35.66 -20.38 -26.72
N PRO A 549 36.99 -20.40 -26.64
CA PRO A 549 37.70 -21.40 -25.83
C PRO A 549 37.74 -21.04 -24.35
N ALA A 550 37.98 -22.06 -23.53
CA ALA A 550 38.23 -21.82 -22.11
C ALA A 550 39.57 -21.11 -21.90
N LEU A 551 39.63 -20.31 -20.83
CA LEU A 551 40.82 -19.56 -20.46
C LEU A 551 41.29 -19.91 -19.06
N ILE A 552 40.45 -19.73 -18.07
CA ILE A 552 40.75 -20.02 -16.69
C ILE A 552 40.46 -21.48 -16.34
N SER A 553 41.22 -22.03 -15.39
CA SER A 553 40.96 -23.39 -14.95
CA SER A 553 40.99 -23.39 -14.93
C SER A 553 40.01 -23.48 -13.76
N ASP A 554 39.71 -22.36 -13.09
CA ASP A 554 38.83 -22.38 -11.91
C ASP A 554 38.68 -20.95 -11.38
N TYR A 555 37.63 -20.75 -10.57
CA TYR A 555 37.52 -19.51 -9.82
C TYR A 555 36.71 -19.74 -8.55
N LYS A 556 36.98 -18.90 -7.53
CA LYS A 556 36.26 -18.91 -6.26
C LYS A 556 35.77 -17.51 -5.94
N GLU A 557 34.65 -17.43 -5.19
CA GLU A 557 33.96 -16.17 -4.88
C GLU A 557 34.04 -15.90 -3.38
N TYR A 558 34.75 -14.86 -3.00
CA TYR A 558 34.86 -14.37 -1.63
C TYR A 558 34.00 -13.12 -1.32
N HIS A 559 33.09 -12.73 -2.22
CA HIS A 559 32.39 -11.45 -2.10
C HIS A 559 31.72 -11.27 -0.74
N THR A 560 31.65 -10.02 -0.32
CA THR A 560 30.69 -9.60 0.68
C THR A 560 29.52 -8.89 -0.03
N ASP A 561 28.57 -8.38 0.75
CA ASP A 561 27.38 -7.79 0.15
C ASP A 561 27.71 -6.51 -0.62
N THR A 562 28.67 -5.73 -0.13
CA THR A 562 29.13 -4.53 -0.79
C THR A 562 30.45 -4.64 -1.55
N THR A 563 31.11 -5.79 -1.53
CA THR A 563 32.46 -5.90 -2.08
C THR A 563 32.56 -7.07 -3.06
N VAL A 564 33.58 -7.03 -3.91
CA VAL A 564 33.80 -8.04 -4.93
C VAL A 564 35.17 -8.65 -4.70
N LYS A 565 35.22 -9.99 -4.57
CA LYS A 565 36.51 -10.69 -4.63
C LYS A 565 36.36 -11.99 -5.41
N PHE A 566 37.06 -12.09 -6.54
CA PHE A 566 37.21 -13.33 -7.30
C PHE A 566 38.66 -13.76 -7.24
N VAL A 567 38.89 -15.05 -7.01
CA VAL A 567 40.23 -15.62 -7.10
C VAL A 567 40.21 -16.64 -8.24
N VAL A 568 41.05 -16.42 -9.25
CA VAL A 568 40.96 -17.13 -10.52
C VAL A 568 42.25 -17.91 -10.73
N LYS A 569 42.12 -19.16 -11.16
CA LYS A 569 43.24 -20.04 -11.46
C LYS A 569 43.41 -20.19 -12.97
N MET A 570 44.67 -20.17 -13.41
CA MET A 570 45.01 -20.27 -14.82
C MET A 570 46.34 -21.01 -14.94
N THR A 571 46.54 -21.69 -16.07
CA THR A 571 47.87 -22.21 -16.35
C THR A 571 48.82 -21.04 -16.57
N GLU A 572 50.12 -21.29 -16.33
CA GLU A 572 51.12 -20.25 -16.57
C GLU A 572 51.03 -19.73 -18.00
N GLU A 573 50.80 -20.62 -18.95
CA GLU A 573 50.71 -20.21 -20.35
C GLU A 573 49.55 -19.24 -20.56
N LYS A 574 48.34 -19.63 -20.13
CA LYS A 574 47.18 -18.77 -20.31
C LYS A 574 47.36 -17.41 -19.64
N LEU A 575 47.96 -17.39 -18.45
CA LEU A 575 48.12 -16.11 -17.77
C LEU A 575 49.10 -15.21 -18.51
N ALA A 576 50.21 -15.78 -19.00
CA ALA A 576 51.13 -14.99 -19.80
C ALA A 576 50.45 -14.42 -21.04
N GLN A 577 49.59 -15.22 -21.68
CA GLN A 577 48.83 -14.68 -22.80
C GLN A 577 47.88 -13.57 -22.34
N ALA A 578 47.20 -13.79 -21.22
CA ALA A 578 46.28 -12.78 -20.71
C ALA A 578 47.00 -11.46 -20.42
N GLU A 579 48.20 -11.53 -19.84
CA GLU A 579 48.96 -10.31 -19.60
C GLU A 579 49.37 -9.64 -20.90
N ALA A 580 49.74 -10.43 -21.91
CA ALA A 580 50.19 -9.87 -23.17
C ALA A 580 49.10 -9.04 -23.83
N ALA A 581 47.86 -9.53 -23.83
CA ALA A 581 46.74 -8.75 -24.35
C ALA A 581 46.24 -7.72 -23.35
N GLY A 582 46.72 -7.79 -22.11
CA GLY A 582 46.38 -6.92 -21.00
C GLY A 582 45.26 -7.51 -20.16
N LEU A 583 45.35 -7.36 -18.84
CA LEU A 583 44.48 -8.14 -17.98
C LEU A 583 43.08 -7.54 -17.90
N HIS A 584 43.00 -6.22 -17.76
CA HIS A 584 41.71 -5.55 -17.72
C HIS A 584 40.92 -5.78 -18.99
N LYS A 585 41.61 -5.86 -20.14
CA LYS A 585 40.92 -6.10 -21.39
C LYS A 585 40.38 -7.51 -21.44
N VAL A 586 41.26 -8.50 -21.24
CA VAL A 586 40.87 -9.90 -21.35
C VAL A 586 39.73 -10.20 -20.39
N PHE A 587 39.78 -9.67 -19.18
CA PHE A 587 38.79 -10.00 -18.16
C PHE A 587 37.60 -9.06 -18.16
N LYS A 588 37.49 -8.16 -19.14
CA LYS A 588 36.29 -7.33 -19.31
C LYS A 588 36.08 -6.43 -18.10
N LEU A 589 37.18 -5.88 -17.57
CA LEU A 589 37.15 -4.99 -16.44
C LEU A 589 37.19 -3.52 -16.82
N GLN A 590 37.15 -3.22 -18.11
CA GLN A 590 37.14 -1.85 -18.60
C GLN A 590 35.87 -1.60 -19.40
N THR A 591 35.16 -0.52 -19.09
CA THR A 591 34.03 -0.10 -19.90
C THR A 591 34.13 1.38 -20.17
N THR A 592 33.63 1.78 -21.33
CA THR A 592 33.63 3.18 -21.71
C THR A 592 32.44 3.91 -21.10
N LEU A 593 32.66 5.14 -20.65
CA LEU A 593 31.61 6.00 -20.17
C LEU A 593 31.61 7.26 -21.04
N THR A 594 30.55 7.42 -21.84
CA THR A 594 30.43 8.55 -22.75
C THR A 594 29.18 9.31 -22.36
N CYS A 595 29.34 10.57 -21.95
CA CYS A 595 28.12 11.34 -21.75
C CYS A 595 28.11 12.52 -22.72
N ASN A 596 27.49 12.33 -23.88
CA ASN A 596 27.26 13.39 -24.84
C ASN A 596 25.84 13.88 -24.89
N SER A 597 24.93 13.28 -24.14
CA SER A 597 23.62 13.87 -24.01
C SER A 597 23.48 14.24 -22.54
N MET A 598 23.75 15.49 -22.21
CA MET A 598 23.45 15.99 -20.87
C MET A 598 22.37 17.03 -21.14
N VAL A 599 21.13 16.62 -20.91
CA VAL A 599 19.97 17.37 -21.34
C VAL A 599 19.13 17.57 -20.10
N LEU A 600 18.92 18.82 -19.72
CA LEU A 600 18.20 19.15 -18.51
C LEU A 600 17.23 20.29 -18.81
N PHE A 601 16.21 20.41 -17.99
CA PHE A 601 15.42 21.63 -17.95
C PHE A 601 16.17 22.66 -17.12
N ASP A 602 16.31 23.88 -17.64
CA ASP A 602 16.95 24.92 -16.86
C ASP A 602 15.96 25.49 -15.85
N HIS A 603 16.40 26.52 -15.12
CA HIS A 603 15.57 27.08 -14.07
C HIS A 603 14.30 27.73 -14.63
N MET A 604 14.29 28.08 -15.92
CA MET A 604 13.08 28.62 -16.56
C MET A 604 12.15 27.53 -17.07
N GLY A 605 12.54 26.26 -16.95
CA GLY A 605 11.78 25.18 -17.53
C GLY A 605 12.04 24.94 -19.00
N CYS A 606 13.17 25.40 -19.53
CA CYS A 606 13.50 25.21 -20.93
C CYS A 606 14.50 24.06 -21.05
N LEU A 607 14.24 23.17 -22.00
CA LEU A 607 15.15 22.06 -22.26
C LEU A 607 16.42 22.58 -22.90
N LYS A 608 17.57 22.19 -22.34
CA LYS A 608 18.85 22.66 -22.80
C LYS A 608 19.86 21.52 -22.77
N LYS A 609 20.79 21.54 -23.70
CA LYS A 609 21.89 20.58 -23.75
C LYS A 609 23.15 21.24 -23.22
N TYR A 610 23.81 20.58 -22.28
CA TYR A 610 25.03 21.10 -21.67
C TYR A 610 26.21 20.27 -22.15
N GLU A 611 27.25 20.96 -22.65
CA GLU A 611 28.43 20.30 -23.20
C GLU A 611 29.41 19.85 -22.11
N THR A 612 29.44 20.53 -20.97
CA THR A 612 30.32 20.15 -19.87
C THR A 612 29.56 20.27 -18.55
N VAL A 613 30.05 19.55 -17.54
CA VAL A 613 29.50 19.69 -16.20
C VAL A 613 29.88 21.03 -15.57
N GLN A 614 30.97 21.66 -16.05
CA GLN A 614 31.31 23.00 -15.59
CA GLN A 614 31.30 22.99 -15.56
C GLN A 614 30.20 23.99 -15.92
N ASP A 615 29.59 23.85 -17.11
CA ASP A 615 28.48 24.74 -17.45
C ASP A 615 27.26 24.45 -16.60
N ILE A 616 27.03 23.19 -16.23
CA ILE A 616 25.96 22.91 -15.28
C ILE A 616 26.29 23.55 -13.94
N LEU A 617 27.54 23.39 -13.49
CA LEU A 617 27.96 23.95 -12.21
C LEU A 617 27.81 25.47 -12.19
N LYS A 618 28.21 26.14 -13.27
CA LYS A 618 28.16 27.60 -13.31
C LYS A 618 26.72 28.10 -13.30
N GLU A 619 25.86 27.48 -14.11
CA GLU A 619 24.45 27.88 -14.13
C GLU A 619 23.79 27.61 -12.78
N PHE A 620 24.11 26.47 -12.16
CA PHE A 620 23.59 26.23 -10.81
C PHE A 620 24.08 27.29 -9.83
N PHE A 621 25.36 27.65 -9.91
CA PHE A 621 25.97 28.53 -8.92
C PHE A 621 25.33 29.91 -8.93
N ASP A 622 25.15 30.51 -10.11
CA ASP A 622 24.59 31.85 -10.18
C ASP A 622 23.18 31.89 -9.62
N LEU A 623 22.42 30.82 -9.83
CA LEU A 623 21.05 30.77 -9.32
C LEU A 623 21.04 30.59 -7.81
N ARG A 624 21.84 29.65 -7.30
CA ARG A 624 21.86 29.40 -5.87
C ARG A 624 22.37 30.61 -5.10
N LEU A 625 23.33 31.35 -5.68
CA LEU A 625 23.84 32.54 -5.00
C LEU A 625 22.77 33.60 -4.85
N SER A 626 21.98 33.84 -5.91
CA SER A 626 20.93 34.83 -5.78
C SER A 626 19.84 34.35 -4.82
N TYR A 627 19.61 33.04 -4.72
CA TYR A 627 18.66 32.55 -3.73
C TYR A 627 19.18 32.66 -2.30
N TYR A 628 20.50 32.67 -2.09
CA TYR A 628 20.98 33.06 -0.77
C TYR A 628 20.74 34.54 -0.51
N GLY A 629 20.77 35.36 -1.55
CA GLY A 629 20.32 36.72 -1.41
C GLY A 629 18.85 36.80 -1.03
N LEU A 630 18.00 36.05 -1.75
CA LEU A 630 16.58 36.02 -1.42
C LEU A 630 16.34 35.51 -0.01
N ARG A 631 17.14 34.54 0.43
CA ARG A 631 16.99 34.02 1.78
C ARG A 631 17.33 35.05 2.82
N LYS A 632 18.39 35.83 2.57
CA LYS A 632 18.72 36.89 3.52
C LYS A 632 17.64 37.95 3.57
N GLU A 633 17.11 38.37 2.42
CA GLU A 633 16.00 39.32 2.44
C GLU A 633 14.82 38.75 3.21
N TRP A 634 14.51 37.47 3.01
CA TRP A 634 13.37 36.87 3.71
C TRP A 634 13.62 36.79 5.21
N LEU A 635 14.84 36.43 5.62
CA LEU A 635 15.16 36.33 7.04
C LEU A 635 15.18 37.69 7.71
N VAL A 636 15.70 38.72 7.03
CA VAL A 636 15.68 40.06 7.62
C VAL A 636 14.25 40.51 7.85
N GLY A 637 13.35 40.20 6.92
CA GLY A 637 11.96 40.59 7.10
C GLY A 637 11.27 39.81 8.20
N MET A 638 11.40 38.47 8.16
CA MET A 638 10.70 37.66 9.13
C MET A 638 11.25 37.88 10.54
N LEU A 639 12.58 37.94 10.68
CA LEU A 639 13.17 38.16 12.00
C LEU A 639 12.79 39.52 12.55
N GLY A 640 12.73 40.54 11.68
CA GLY A 640 12.34 41.87 12.14
C GLY A 640 10.89 41.91 12.59
N ALA A 641 10.01 41.25 11.85
CA ALA A 641 8.61 41.11 12.29
C ALA A 641 8.52 40.37 13.62
N GLU A 642 9.25 39.25 13.74
CA GLU A 642 9.28 38.54 15.02
C GLU A 642 9.79 39.46 16.13
N SER A 643 10.77 40.30 15.81
CA SER A 643 11.32 41.22 16.80
C SER A 643 10.26 42.23 17.23
N THR A 644 9.60 42.87 16.27
CA THR A 644 8.51 43.80 16.61
C THR A 644 7.41 43.08 17.39
N LYS A 645 7.16 41.81 17.07
CA LYS A 645 6.17 41.02 17.79
C LYS A 645 6.52 40.91 19.27
N LEU A 646 7.72 40.39 19.56
CA LEU A 646 8.16 40.27 20.93
C LEU A 646 8.24 41.61 21.63
N ASN A 647 8.52 42.69 20.90
CA ASN A 647 8.57 44.00 21.53
C ASN A 647 7.19 44.41 22.05
N ASN A 648 6.15 44.22 21.24
CA ASN A 648 4.80 44.57 21.67
C ASN A 648 4.32 43.66 22.80
N GLN A 649 4.61 42.36 22.70
CA GLN A 649 4.26 41.43 23.78
C GLN A 649 4.92 41.83 25.09
N ALA A 650 6.23 42.07 25.06
CA ALA A 650 6.93 42.48 26.28
C ALA A 650 6.41 43.81 26.80
N ARG A 651 6.10 44.74 25.90
CA ARG A 651 5.60 46.04 26.34
C ARG A 651 4.26 45.89 27.05
N PHE A 652 3.35 45.10 26.51
CA PHE A 652 2.05 44.91 27.15
C PHE A 652 2.18 44.23 28.51
N ILE A 653 3.05 43.23 28.61
CA ILE A 653 3.25 42.55 29.89
C ILE A 653 3.79 43.52 30.93
N LEU A 654 4.78 44.34 30.56
CA LEU A 654 5.37 45.26 31.52
C LEU A 654 4.37 46.31 31.98
N GLU A 655 3.61 46.88 31.04
CA GLU A 655 2.58 47.85 31.44
C GLU A 655 1.49 47.19 32.27
N LYS A 656 1.22 45.90 32.05
CA LYS A 656 0.20 45.22 32.83
C LYS A 656 0.68 44.98 34.25
N ILE A 657 1.88 44.42 34.42
CA ILE A 657 2.36 44.12 35.76
C ILE A 657 2.70 45.39 36.52
N GLN A 658 2.84 46.51 35.83
CA GLN A 658 3.03 47.79 36.49
C GLN A 658 1.75 48.56 36.68
N GLY A 659 0.61 48.04 36.22
CA GLY A 659 -0.66 48.71 36.39
C GLY A 659 -0.91 49.85 35.44
N LYS A 660 -0.06 50.06 34.44
CA LYS A 660 -0.35 51.09 33.45
C LYS A 660 -1.51 50.71 32.53
N ILE A 661 -1.86 49.43 32.48
CA ILE A 661 -2.94 48.96 31.62
C ILE A 661 -3.68 47.84 32.34
N THR A 662 -5.00 47.83 32.23
CA THR A 662 -5.84 46.76 32.75
C THR A 662 -6.78 46.30 31.65
N ILE A 663 -6.88 44.98 31.46
CA ILE A 663 -7.89 44.41 30.57
C ILE A 663 -9.10 43.89 31.32
N GLU A 664 -9.11 43.95 32.65
CA GLU A 664 -10.09 43.21 33.43
C GLU A 664 -11.52 43.71 33.19
N ASN A 665 -12.40 42.79 32.83
CA ASN A 665 -13.82 43.05 32.64
C ASN A 665 -14.09 44.13 31.58
N ARG A 666 -13.21 44.28 30.61
CA ARG A 666 -13.42 45.21 29.52
C ARG A 666 -13.91 44.46 28.29
N SER A 667 -14.80 45.10 27.54
CA SER A 667 -15.33 44.50 26.33
C SER A 667 -14.24 44.34 25.29
N LYS A 668 -14.44 43.38 24.38
CA LYS A 668 -13.48 43.17 23.30
C LYS A 668 -13.27 44.45 22.49
N LYS A 669 -14.36 45.14 22.15
CA LYS A 669 -14.24 46.37 21.38
C LYS A 669 -13.43 47.43 22.13
N ASP A 670 -13.77 47.66 23.41
CA ASP A 670 -13.05 48.66 24.19
C ASP A 670 -11.57 48.30 24.32
N LEU A 671 -11.27 47.01 24.43
CA LEU A 671 -9.88 46.62 24.60
C LEU A 671 -9.08 46.82 23.32
N ILE A 672 -9.65 46.46 22.17
CA ILE A 672 -8.95 46.66 20.91
C ILE A 672 -8.76 48.14 20.64
N GLN A 673 -9.80 48.94 20.86
CA GLN A 673 -9.69 50.38 20.67
C GLN A 673 -8.59 50.97 21.54
N MET A 674 -8.55 50.56 22.81
CA MET A 674 -7.54 51.10 23.71
C MET A 674 -6.15 50.68 23.29
N LEU A 675 -5.98 49.43 22.87
CA LEU A 675 -4.67 48.97 22.41
C LEU A 675 -4.21 49.75 21.19
N VAL A 676 -5.14 50.14 20.31
CA VAL A 676 -4.77 50.98 19.18
C VAL A 676 -4.32 52.35 19.67
N GLN A 677 -5.09 52.96 20.56
CA GLN A 677 -4.78 54.32 21.01
C GLN A 677 -3.43 54.38 21.72
N ARG A 678 -2.98 53.28 22.31
CA ARG A 678 -1.68 53.25 22.97
C ARG A 678 -0.54 52.85 22.04
N GLY A 679 -0.81 52.67 20.75
CA GLY A 679 0.24 52.45 19.78
C GLY A 679 0.71 51.01 19.62
N TYR A 680 -0.03 50.03 20.11
CA TYR A 680 0.33 48.64 19.87
C TYR A 680 0.05 48.29 18.41
N GLU A 681 0.90 47.45 17.84
CA GLU A 681 0.82 47.10 16.43
C GLU A 681 0.01 45.83 16.23
N SER A 682 -0.76 45.80 15.14
CA SER A 682 -1.41 44.57 14.72
C SER A 682 -0.32 43.56 14.38
N ASP A 683 -0.67 42.25 14.44
CA ASP A 683 0.37 41.23 14.55
C ASP A 683 1.38 41.41 13.42
N PRO A 684 2.63 41.76 13.76
CA PRO A 684 3.60 42.11 12.69
C PRO A 684 4.06 40.91 11.89
N VAL A 685 4.00 39.70 12.45
CA VAL A 685 4.36 38.53 11.68
C VAL A 685 3.28 38.19 10.67
N LYS A 686 2.03 38.20 11.12
CA LYS A 686 0.93 37.99 10.19
C LYS A 686 0.89 39.11 9.15
N ALA A 687 1.14 40.36 9.60
CA ALA A 687 1.20 41.46 8.65
C ALA A 687 2.30 41.26 7.63
N TRP A 688 3.51 40.91 8.09
CA TRP A 688 4.61 40.68 7.16
C TRP A 688 4.32 39.49 6.26
N LYS A 689 3.80 38.40 6.82
CA LYS A 689 3.52 37.22 6.00
C LYS A 689 2.48 37.51 4.94
N GLU A 690 1.49 38.36 5.26
CA GLU A 690 0.48 38.75 4.28
C GLU A 690 0.97 39.81 3.32
N ALA A 691 1.97 40.60 3.71
CA ALA A 691 2.50 41.61 2.79
C ALA A 691 3.29 40.99 1.65
N GLN A 692 3.78 39.76 1.83
CA GLN A 692 4.59 39.14 0.79
C GLN A 692 3.78 38.84 -0.47
N GLU A 693 2.49 38.57 -0.33
CA GLU A 693 1.63 38.27 -1.46
C GLU A 693 1.43 39.51 -2.34
N GLY A 717 -9.23 44.30 10.13
CA GLY A 717 -9.16 44.84 11.48
C GLY A 717 -7.84 44.50 12.15
N PRO A 718 -7.45 45.28 13.15
CA PRO A 718 -6.19 45.01 13.86
C PRO A 718 -6.27 43.69 14.63
N ASP A 719 -5.18 42.92 14.56
CA ASP A 719 -5.12 41.60 15.19
C ASP A 719 -4.15 41.68 16.37
N PHE A 720 -4.70 41.70 17.58
CA PHE A 720 -3.95 41.68 18.83
C PHE A 720 -3.89 40.31 19.48
N ASN A 721 -4.41 39.27 18.81
CA ASN A 721 -4.45 37.94 19.40
C ASN A 721 -3.08 37.45 19.89
N TYR A 722 -1.99 37.83 19.20
CA TYR A 722 -0.68 37.38 19.65
C TYR A 722 -0.36 37.88 21.05
N ILE A 723 -1.05 38.92 21.51
CA ILE A 723 -0.89 39.43 22.87
C ILE A 723 -1.87 38.71 23.77
N LEU A 724 -3.17 38.87 23.49
CA LEU A 724 -4.21 38.44 24.39
C LEU A 724 -4.38 36.93 24.48
N ASN A 725 -3.83 36.17 23.53
CA ASN A 725 -3.76 34.71 23.67
C ASN A 725 -2.66 34.24 24.59
N MET A 726 -1.73 35.12 24.98
CA MET A 726 -0.73 34.72 25.97
C MET A 726 -1.42 34.22 27.24
N SER A 727 -0.85 33.19 27.84
CA SER A 727 -1.41 32.61 29.05
C SER A 727 -1.26 33.58 30.23
N LEU A 728 -2.10 33.37 31.26
CA LEU A 728 -1.96 34.11 32.51
C LEU A 728 -0.60 33.90 33.16
N TRP A 729 0.07 32.78 32.89
CA TRP A 729 1.43 32.58 33.35
C TRP A 729 2.34 33.73 32.91
N SER A 730 2.03 34.38 31.80
CA SER A 730 2.88 35.44 31.25
C SER A 730 3.09 36.58 32.23
N LEU A 731 2.15 36.78 33.15
CA LEU A 731 2.25 37.88 34.10
C LEU A 731 3.12 37.56 35.31
N THR A 732 3.50 36.29 35.49
CA THR A 732 4.32 35.88 36.62
C THR A 732 5.78 36.28 36.42
N LYS A 733 6.51 36.33 37.54
CA LYS A 733 7.85 36.91 37.57
C LYS A 733 8.80 36.20 36.61
N GLU A 734 8.93 34.89 36.74
CA GLU A 734 9.87 34.15 35.91
C GLU A 734 9.50 34.23 34.43
N LYS A 735 8.22 34.29 34.11
CA LYS A 735 7.80 34.41 32.72
C LYS A 735 8.04 35.82 32.17
N VAL A 736 7.89 36.85 33.00
CA VAL A 736 8.28 38.19 32.57
C VAL A 736 9.76 38.21 32.20
N GLU A 737 10.61 37.68 33.08
CA GLU A 737 12.05 37.65 32.81
C GLU A 737 12.36 36.84 31.57
N GLU A 738 11.73 35.68 31.40
CA GLU A 738 11.97 34.87 30.21
C GLU A 738 11.58 35.64 28.94
N LEU A 739 10.44 36.35 28.98
CA LEU A 739 9.97 37.01 27.77
C LEU A 739 10.88 38.18 27.40
N ILE A 740 11.42 38.90 28.40
CA ILE A 740 12.36 39.98 28.11
C ILE A 740 13.64 39.43 27.50
N LYS A 741 14.12 38.28 28.00
CA LYS A 741 15.29 37.66 27.40
C LYS A 741 15.03 37.26 25.96
N GLN A 742 13.88 36.64 25.70
CA GLN A 742 13.55 36.27 24.32
C GLN A 742 13.49 37.48 23.41
N ARG A 743 12.90 38.57 23.90
CA ARG A 743 12.84 39.80 23.11
C ARG A 743 14.24 40.30 22.79
N ASP A 744 15.11 40.41 23.81
CA ASP A 744 16.46 40.90 23.57
C ASP A 744 17.25 39.94 22.71
N ALA A 745 17.02 38.64 22.85
CA ALA A 745 17.70 37.67 22.01
C ALA A 745 17.31 37.85 20.54
N LYS A 746 16.03 38.05 20.27
CA LYS A 746 15.56 38.18 18.89
C LYS A 746 16.17 39.41 18.23
N GLY A 747 16.27 40.52 18.97
CA GLY A 747 16.91 41.70 18.43
C GLY A 747 18.37 41.46 18.08
N ARG A 748 19.08 40.71 18.91
CA ARG A 748 20.45 40.35 18.58
C ARG A 748 20.50 39.41 17.39
N GLU A 749 19.50 38.53 17.28
CA GLU A 749 19.44 37.62 16.14
C GLU A 749 19.27 38.37 14.83
N VAL A 750 18.39 39.38 14.80
CA VAL A 750 18.23 40.21 13.61
C VAL A 750 19.58 40.79 13.18
N ASN A 751 20.31 41.38 14.11
CA ASN A 751 21.57 42.04 13.75
C ASN A 751 22.63 41.04 13.35
N ASP A 752 22.69 39.88 14.01
CA ASP A 752 23.66 38.87 13.62
C ASP A 752 23.41 38.40 12.19
N LEU A 753 22.15 38.26 11.82
CA LEU A 753 21.84 37.85 10.46
C LEU A 753 22.22 38.95 9.47
N LYS A 754 21.97 40.21 9.82
CA LYS A 754 22.22 41.29 8.87
C LYS A 754 23.70 41.49 8.58
N ARG A 755 24.60 41.12 9.49
CA ARG A 755 26.02 41.26 9.17
C ARG A 755 26.58 40.05 8.44
N LYS A 756 25.75 39.05 8.12
CA LYS A 756 26.17 37.92 7.30
C LYS A 756 25.80 38.16 5.84
N SER A 757 26.76 37.93 4.95
CA SER A 757 26.46 38.03 3.53
C SER A 757 25.78 36.76 3.04
N PRO A 758 25.14 36.81 1.86
CA PRO A 758 24.69 35.55 1.24
C PRO A 758 25.79 34.51 1.17
N SER A 759 27.04 34.94 0.93
CA SER A 759 28.15 34.00 0.85
CA SER A 759 28.15 34.00 0.85
C SER A 759 28.40 33.33 2.20
N ASP A 760 28.39 34.11 3.29
CA ASP A 760 28.55 33.52 4.62
C ASP A 760 27.45 32.50 4.91
N LEU A 761 26.20 32.84 4.58
CA LEU A 761 25.12 31.89 4.80
C LEU A 761 25.35 30.60 4.04
N TRP A 762 25.77 30.71 2.78
CA TRP A 762 26.10 29.52 2.01
C TRP A 762 27.22 28.74 2.69
N LYS A 763 28.24 29.43 3.19
CA LYS A 763 29.37 28.75 3.82
C LYS A 763 28.94 28.00 5.07
N GLU A 764 28.07 28.60 5.88
CA GLU A 764 27.54 27.91 7.04
C GLU A 764 26.85 26.61 6.64
N ASP A 765 26.00 26.66 5.61
CA ASP A 765 25.30 25.45 5.17
C ASP A 765 26.28 24.40 4.67
N LEU A 766 27.31 24.83 3.94
CA LEU A 766 28.29 23.87 3.42
C LEU A 766 29.03 23.19 4.55
N ALA A 767 29.47 23.95 5.54
CA ALA A 767 30.19 23.36 6.67
C ALA A 767 29.32 22.37 7.43
N ALA A 768 28.07 22.76 7.73
CA ALA A 768 27.17 21.86 8.46
C ALA A 768 26.89 20.59 7.66
N PHE A 769 26.83 20.69 6.33
CA PHE A 769 26.54 19.50 5.52
C PHE A 769 27.74 18.55 5.48
N VAL A 770 28.95 19.10 5.27
CA VAL A 770 30.16 18.29 5.26
C VAL A 770 30.36 17.60 6.60
N GLU A 771 30.14 18.32 7.70
CA GLU A 771 30.21 17.73 9.04
C GLU A 771 29.37 16.46 9.13
N GLU A 772 28.11 16.54 8.70
CA GLU A 772 27.22 15.38 8.79
C GLU A 772 27.58 14.33 7.75
N LEU A 773 28.06 14.75 6.59
CA LEU A 773 28.47 13.79 5.56
C LEU A 773 29.62 12.92 6.06
N ASP A 774 30.57 13.52 6.78
CA ASP A 774 31.66 12.74 7.37
C ASP A 774 31.13 11.76 8.40
N LYS A 775 30.25 12.22 9.31
CA LYS A 775 29.72 11.33 10.34
C LYS A 775 28.88 10.21 9.73
N VAL A 776 28.02 10.53 8.76
CA VAL A 776 27.15 9.53 8.16
C VAL A 776 27.97 8.48 7.40
N GLU A 777 28.93 8.93 6.59
CA GLU A 777 29.70 7.98 5.81
C GLU A 777 30.69 7.22 6.69
N SER A 778 31.19 7.85 7.76
CA SER A 778 32.01 7.11 8.71
C SER A 778 31.19 6.05 9.43
N GLN A 779 29.94 6.36 9.79
CA GLN A 779 29.08 5.35 10.39
C GLN A 779 28.73 4.24 9.41
N GLU A 780 28.67 4.56 8.11
CA GLU A 780 28.36 3.54 7.12
C GLU A 780 29.46 2.49 7.05
N ARG A 781 30.73 2.92 7.07
CA ARG A 781 31.84 1.98 7.02
C ARG A 781 31.94 1.15 8.30
N GLU A 782 31.44 1.65 9.43
CA GLU A 782 31.43 0.88 10.67
C GLU A 782 30.49 -0.32 10.57
N ASP A 783 29.31 -0.12 10.02
CA ASP A 783 28.28 -1.16 9.97
C ASP A 783 28.60 -2.23 8.93
N SER B 31 20.24 -39.02 -12.28
CA SER B 31 18.95 -38.45 -11.89
C SER B 31 19.01 -36.92 -11.69
N LYS B 32 18.19 -36.19 -12.45
CA LYS B 32 18.16 -34.73 -12.40
C LYS B 32 16.72 -34.27 -12.61
N ILE B 33 16.42 -33.05 -12.16
CA ILE B 33 15.09 -32.46 -12.27
C ILE B 33 15.21 -31.18 -13.10
N LYS B 34 14.65 -31.21 -14.32
CA LYS B 34 14.69 -30.07 -15.21
C LYS B 34 13.40 -29.24 -15.24
N GLY B 35 12.35 -29.68 -14.55
CA GLY B 35 11.05 -29.04 -14.68
C GLY B 35 10.60 -28.15 -13.54
N ILE B 36 11.46 -27.88 -12.57
CA ILE B 36 11.04 -27.11 -11.39
C ILE B 36 11.91 -25.88 -11.26
N PRO B 37 11.52 -24.75 -11.84
CA PRO B 37 12.40 -23.56 -11.83
C PRO B 37 12.75 -23.04 -10.44
N LYS B 38 11.84 -23.14 -9.48
CA LYS B 38 12.10 -22.56 -8.17
C LYS B 38 12.97 -23.44 -7.29
N LEU B 39 13.39 -24.62 -7.77
CA LEU B 39 14.19 -25.55 -6.97
C LEU B 39 15.68 -25.26 -7.13
N ASP B 40 16.40 -25.23 -6.01
CA ASP B 40 17.85 -25.25 -6.02
C ASP B 40 18.29 -26.63 -5.54
N ASP B 41 18.77 -27.45 -6.48
CA ASP B 41 19.06 -28.84 -6.19
C ASP B 41 20.46 -28.96 -5.59
N ALA B 42 20.57 -29.77 -4.53
CA ALA B 42 21.89 -30.11 -4.02
C ALA B 42 22.73 -30.72 -5.13
N ASN B 43 24.01 -30.34 -5.18
CA ASN B 43 24.90 -30.85 -6.23
C ASN B 43 24.95 -32.38 -6.21
N ASP B 44 25.01 -32.98 -5.02
CA ASP B 44 25.11 -34.43 -4.90
C ASP B 44 23.74 -35.13 -4.90
N ALA B 45 22.64 -34.40 -5.00
CA ALA B 45 21.33 -35.04 -5.03
C ALA B 45 21.21 -35.89 -6.28
N GLY B 46 20.72 -37.12 -6.11
CA GLY B 46 20.50 -38.01 -7.23
C GLY B 46 21.68 -38.90 -7.56
N GLY B 47 22.80 -38.76 -6.85
CA GLY B 47 23.97 -39.58 -7.05
C GLY B 47 24.24 -40.55 -5.91
N LYS B 48 25.50 -40.96 -5.75
CA LYS B 48 25.84 -41.96 -4.74
C LYS B 48 25.70 -41.42 -3.32
N HIS B 49 25.79 -40.11 -3.13
CA HIS B 49 25.67 -39.48 -1.82
C HIS B 49 24.25 -39.00 -1.51
N SER B 50 23.27 -39.39 -2.34
CA SER B 50 21.91 -38.87 -2.22
C SER B 50 21.39 -38.90 -0.79
N LEU B 51 21.58 -40.03 -0.10
CA LEU B 51 21.02 -40.14 1.24
C LEU B 51 21.70 -39.21 2.24
N GLU B 52 22.87 -38.68 1.91
CA GLU B 52 23.52 -37.70 2.77
C GLU B 52 23.10 -36.27 2.47
N CYS B 53 22.14 -36.07 1.55
CA CYS B 53 21.69 -34.75 1.13
C CYS B 53 20.38 -34.36 1.83
N THR B 54 20.21 -33.06 2.09
CA THR B 54 19.03 -32.52 2.75
C THR B 54 18.25 -31.67 1.76
N LEU B 55 16.93 -31.85 1.73
CA LEU B 55 16.07 -30.95 0.98
C LEU B 55 15.41 -29.99 1.97
N ILE B 56 15.78 -28.71 1.90
CA ILE B 56 15.18 -27.69 2.73
C ILE B 56 13.92 -27.18 2.04
N LEU B 57 12.78 -27.39 2.67
CA LEU B 57 11.52 -26.80 2.25
C LEU B 57 11.28 -25.56 3.10
N THR B 58 11.08 -24.42 2.45
CA THR B 58 10.96 -23.15 3.15
C THR B 58 9.53 -22.65 3.04
N GLU B 59 9.14 -21.77 3.97
CA GLU B 59 7.83 -21.15 3.88
C GLU B 59 8.03 -19.91 3.02
N GLY B 60 7.67 -20.00 1.74
CA GLY B 60 7.72 -18.87 0.84
C GLY B 60 9.06 -18.69 0.16
N ASP B 61 9.05 -17.87 -0.90
CA ASP B 61 10.23 -17.69 -1.73
C ASP B 61 11.29 -16.84 -1.03
N SER B 62 10.88 -15.81 -0.29
CA SER B 62 11.86 -15.00 0.41
C SER B 62 12.60 -15.81 1.48
N ALA B 63 11.90 -16.72 2.15
CA ALA B 63 12.59 -17.63 3.07
C ALA B 63 13.57 -18.52 2.34
N LYS B 64 13.29 -18.87 1.08
CA LYS B 64 14.25 -19.65 0.33
C LYS B 64 15.52 -18.84 0.07
N SER B 65 15.37 -17.56 -0.27
CA SER B 65 16.53 -16.71 -0.52
C SER B 65 17.38 -16.58 0.73
N LEU B 66 16.76 -16.51 1.90
CA LEU B 66 17.49 -16.52 3.16
C LEU B 66 18.25 -17.82 3.34
N ALA B 67 17.63 -18.94 2.97
CA ALA B 67 18.32 -20.23 3.07
C ALA B 67 19.44 -20.34 2.05
N VAL B 68 19.17 -19.99 0.79
CA VAL B 68 20.19 -20.05 -0.25
C VAL B 68 21.36 -19.14 0.09
N SER B 69 21.08 -18.00 0.71
CA SER B 69 22.15 -17.11 1.15
C SER B 69 22.90 -17.71 2.34
N GLY B 70 22.19 -18.31 3.29
CA GLY B 70 22.84 -18.87 4.45
C GLY B 70 23.75 -20.03 4.11
N LEU B 71 23.35 -20.85 3.13
CA LEU B 71 24.18 -21.97 2.73
C LEU B 71 25.48 -21.50 2.08
N GLY B 72 25.39 -20.49 1.22
CA GLY B 72 26.57 -20.01 0.54
C GLY B 72 27.15 -21.04 -0.42
N VAL B 73 28.43 -20.85 -0.73
CA VAL B 73 29.13 -21.75 -1.66
C VAL B 73 29.15 -23.18 -1.12
N ILE B 74 29.41 -23.33 0.18
CA ILE B 74 29.69 -24.65 0.74
C ILE B 74 28.43 -25.51 0.75
N GLY B 75 27.31 -24.95 1.24
CA GLY B 75 26.09 -25.72 1.43
C GLY B 75 25.44 -26.22 0.15
N ARG B 76 25.83 -25.70 -1.01
CA ARG B 76 25.17 -26.10 -2.25
C ARG B 76 25.36 -27.59 -2.57
N ASP B 77 26.37 -28.23 -1.98
CA ASP B 77 26.65 -29.62 -2.34
C ASP B 77 25.65 -30.59 -1.70
N ARG B 78 25.47 -30.50 -0.39
CA ARG B 78 24.63 -31.43 0.36
C ARG B 78 23.25 -30.89 0.69
N TYR B 79 22.91 -29.66 0.28
CA TYR B 79 21.61 -29.07 0.61
C TYR B 79 20.91 -28.58 -0.64
N GLY B 80 19.71 -29.08 -0.88
CA GLY B 80 18.79 -28.44 -1.81
C GLY B 80 17.82 -27.54 -1.07
N VAL B 81 17.23 -26.59 -1.80
CA VAL B 81 16.23 -25.69 -1.23
C VAL B 81 15.07 -25.58 -2.23
N PHE B 82 13.84 -25.69 -1.73
CA PHE B 82 12.65 -25.49 -2.55
C PHE B 82 11.62 -24.73 -1.72
N PRO B 83 10.97 -23.71 -2.29
CA PRO B 83 9.95 -22.98 -1.52
C PRO B 83 8.58 -23.63 -1.52
N LEU B 84 7.91 -23.56 -0.38
CA LEU B 84 6.50 -23.89 -0.28
C LEU B 84 5.70 -22.61 -0.41
N ARG B 85 4.52 -22.73 -1.01
CA ARG B 85 3.61 -21.65 -1.32
C ARG B 85 2.69 -21.31 -0.16
N GLY B 86 3.03 -21.68 1.07
CA GLY B 86 2.06 -21.58 2.15
C GLY B 86 1.48 -22.93 2.54
N LYS B 87 0.22 -22.95 2.93
CA LYS B 87 -0.38 -24.17 3.46
C LYS B 87 -0.42 -25.28 2.42
N ILE B 88 0.00 -26.48 2.83
CA ILE B 88 0.12 -27.68 2.01
C ILE B 88 -1.20 -28.43 2.00
N LEU B 89 -1.53 -29.04 0.85
CA LEU B 89 -2.69 -29.92 0.78
C LEU B 89 -2.66 -30.94 1.91
N ASN B 90 -3.81 -31.13 2.55
CA ASN B 90 -3.96 -32.19 3.54
C ASN B 90 -4.38 -33.44 2.78
N VAL B 91 -3.45 -34.39 2.62
CA VAL B 91 -3.66 -35.50 1.71
C VAL B 91 -4.45 -36.62 2.35
N ARG B 92 -4.55 -36.64 3.67
CA ARG B 92 -5.38 -37.63 4.34
C ARG B 92 -6.83 -37.40 3.95
N GLU B 93 -7.47 -38.44 3.43
CA GLU B 93 -8.88 -38.42 3.02
C GLU B 93 -9.17 -37.33 1.97
N ALA B 94 -8.16 -36.82 1.28
CA ALA B 94 -8.37 -35.98 0.11
C ALA B 94 -8.66 -36.84 -1.11
N SER B 95 -9.35 -36.27 -2.09
CA SER B 95 -9.73 -37.07 -3.26
C SER B 95 -8.50 -37.38 -4.10
N HIS B 96 -8.55 -38.52 -4.78
CA HIS B 96 -7.45 -38.91 -5.65
C HIS B 96 -7.18 -37.84 -6.70
N LYS B 97 -8.22 -37.21 -7.23
CA LYS B 97 -8.03 -36.17 -8.24
C LYS B 97 -7.27 -34.99 -7.67
N GLN B 98 -7.69 -34.49 -6.49
CA GLN B 98 -7.03 -33.33 -5.91
C GLN B 98 -5.58 -33.62 -5.59
N ILE B 99 -5.27 -34.86 -5.21
CA ILE B 99 -3.90 -35.24 -4.91
C ILE B 99 -3.06 -35.27 -6.19
N MET B 100 -3.54 -35.99 -7.21
CA MET B 100 -2.75 -36.15 -8.43
C MET B 100 -2.54 -34.82 -9.15
N GLU B 101 -3.46 -33.88 -8.98
CA GLU B 101 -3.39 -32.60 -9.69
C GLU B 101 -2.70 -31.52 -8.87
N ASN B 102 -2.16 -31.85 -7.70
CA ASN B 102 -1.58 -30.84 -6.83
C ASN B 102 -0.11 -30.65 -7.22
N ALA B 103 0.21 -29.48 -7.76
CA ALA B 103 1.55 -29.26 -8.31
C ALA B 103 2.60 -29.22 -7.21
N GLU B 104 2.28 -28.67 -6.05
CA GLU B 104 3.30 -28.56 -5.01
C GLU B 104 3.74 -29.94 -4.53
N ILE B 105 2.79 -30.81 -4.24
CA ILE B 105 3.13 -32.14 -3.76
C ILE B 105 3.84 -32.94 -4.84
N ASN B 106 3.37 -32.83 -6.10
CA ASN B 106 4.07 -33.51 -7.19
C ASN B 106 5.47 -32.98 -7.36
N ASN B 107 5.67 -31.69 -7.09
CA ASN B 107 7.02 -31.13 -7.10
C ASN B 107 7.89 -31.78 -6.03
N ILE B 108 7.36 -31.92 -4.81
CA ILE B 108 8.14 -32.52 -3.73
C ILE B 108 8.48 -33.96 -4.08
N ILE B 109 7.49 -34.72 -4.54
CA ILE B 109 7.71 -36.13 -4.90
C ILE B 109 8.79 -36.26 -5.98
N LYS B 110 8.75 -35.38 -6.98
CA LYS B 110 9.72 -35.45 -8.06
C LYS B 110 11.12 -35.06 -7.59
N ILE B 111 11.23 -34.06 -6.71
CA ILE B 111 12.53 -33.62 -6.22
C ILE B 111 13.20 -34.71 -5.40
N VAL B 112 12.45 -35.31 -4.47
CA VAL B 112 13.00 -36.32 -3.58
C VAL B 112 13.11 -37.68 -4.26
N GLY B 113 12.28 -37.94 -5.27
CA GLY B 113 12.29 -39.24 -5.93
C GLY B 113 11.35 -40.26 -5.34
N LEU B 114 10.35 -39.83 -4.58
CA LEU B 114 9.47 -40.76 -3.90
C LEU B 114 8.49 -41.42 -4.86
N GLN B 115 7.99 -42.59 -4.47
CA GLN B 115 6.96 -43.31 -5.21
C GLN B 115 5.81 -43.66 -4.28
N TYR B 116 4.60 -43.31 -4.69
CA TYR B 116 3.40 -43.76 -4.01
C TYR B 116 3.40 -45.28 -3.91
N LYS B 117 2.84 -45.77 -2.80
CA LYS B 117 2.65 -47.18 -2.49
C LYS B 117 3.94 -47.93 -2.17
N LYS B 118 5.10 -47.27 -2.25
CA LYS B 118 6.36 -47.95 -1.96
C LYS B 118 6.69 -47.89 -0.47
N SER B 119 7.14 -49.03 0.06
CA SER B 119 7.59 -49.12 1.44
C SER B 119 9.10 -48.89 1.49
N TYR B 120 9.55 -48.02 2.39
CA TYR B 120 10.98 -47.83 2.62
C TYR B 120 11.31 -48.44 3.98
N ASP B 121 11.89 -49.63 3.95
CA ASP B 121 12.16 -50.38 5.17
C ASP B 121 13.62 -50.79 5.18
N ASP B 122 13.97 -51.69 4.28
CA ASP B 122 15.36 -52.09 4.11
C ASP B 122 16.16 -50.96 3.46
N ALA B 123 17.49 -51.02 3.65
CA ALA B 123 18.38 -50.03 3.05
C ALA B 123 18.39 -50.11 1.53
N GLU B 124 17.98 -51.24 0.97
CA GLU B 124 17.87 -51.35 -0.48
C GLU B 124 16.79 -50.41 -1.02
N SER B 125 15.69 -50.26 -0.27
CA SER B 125 14.57 -49.46 -0.77
C SER B 125 14.92 -47.98 -0.85
N LEU B 126 15.89 -47.53 -0.03
CA LEU B 126 16.28 -46.12 -0.03
C LEU B 126 17.14 -45.73 -1.22
N LYS B 127 17.56 -46.70 -2.05
CA LYS B 127 18.43 -46.41 -3.18
C LYS B 127 17.74 -45.62 -4.29
N THR B 128 16.42 -45.47 -4.24
CA THR B 128 15.68 -44.75 -5.25
C THR B 128 15.41 -43.28 -4.86
N LEU B 129 15.95 -42.81 -3.75
CA LEU B 129 15.69 -41.46 -3.26
C LEU B 129 16.85 -40.54 -3.61
N ARG B 130 16.53 -39.37 -4.13
CA ARG B 130 17.53 -38.35 -4.45
C ARG B 130 17.99 -37.58 -3.22
N TYR B 131 17.21 -37.60 -2.14
CA TYR B 131 17.55 -37.01 -0.86
C TYR B 131 17.22 -37.99 0.25
N GLY B 132 18.01 -37.95 1.32
CA GLY B 132 17.77 -38.82 2.44
C GLY B 132 17.00 -38.16 3.57
N LYS B 133 16.83 -36.84 3.50
CA LYS B 133 16.13 -36.16 4.57
C LYS B 133 15.51 -34.88 4.03
N ILE B 134 14.41 -34.46 4.66
CA ILE B 134 13.73 -33.20 4.37
C ILE B 134 13.78 -32.35 5.64
N MET B 135 14.29 -31.12 5.50
CA MET B 135 14.38 -30.18 6.62
C MET B 135 13.41 -29.03 6.37
N ILE B 136 12.38 -28.91 7.21
CA ILE B 136 11.37 -27.89 7.04
C ILE B 136 11.85 -26.62 7.73
N MET B 137 11.75 -25.49 7.04
CA MET B 137 12.16 -24.20 7.58
C MET B 137 11.02 -23.21 7.39
N THR B 138 10.36 -22.84 8.48
CA THR B 138 9.22 -21.93 8.43
C THR B 138 9.45 -20.78 9.39
N ASP B 139 8.53 -19.83 9.37
CA ASP B 139 8.45 -18.87 10.46
C ASP B 139 8.32 -19.60 11.78
N GLN B 140 8.81 -18.96 12.83
CA GLN B 140 8.70 -19.45 14.20
C GLN B 140 7.33 -19.12 14.82
N ASP B 141 6.32 -18.82 14.01
CA ASP B 141 4.96 -18.54 14.46
C ASP B 141 4.05 -19.76 14.29
N GLN B 142 2.76 -19.57 14.61
CA GLN B 142 1.81 -20.68 14.63
C GLN B 142 1.49 -21.20 13.22
N ASP B 143 1.33 -20.30 12.25
CA ASP B 143 1.06 -20.78 10.90
C ASP B 143 2.23 -21.58 10.33
N GLY B 144 3.46 -21.25 10.73
CA GLY B 144 4.59 -22.09 10.37
C GLY B 144 4.45 -23.49 10.95
N SER B 145 3.99 -23.57 12.20
CA SER B 145 3.77 -24.88 12.82
C SER B 145 2.73 -25.67 12.06
N HIS B 146 1.67 -24.99 11.60
CA HIS B 146 0.66 -25.67 10.80
C HIS B 146 1.29 -26.27 9.55
N ILE B 147 2.20 -25.53 8.91
CA ILE B 147 2.85 -26.03 7.70
C ILE B 147 3.73 -27.23 8.05
N LYS B 148 4.45 -27.16 9.17
CA LYS B 148 5.22 -28.33 9.62
C LYS B 148 4.31 -29.55 9.76
N GLY B 149 3.17 -29.40 10.44
CA GLY B 149 2.26 -30.51 10.63
C GLY B 149 1.72 -31.08 9.32
N LEU B 150 1.31 -30.20 8.40
CA LEU B 150 0.83 -30.64 7.10
C LEU B 150 1.89 -31.44 6.35
N LEU B 151 3.16 -31.00 6.43
CA LEU B 151 4.23 -31.76 5.81
C LEU B 151 4.41 -33.10 6.52
N ILE B 152 4.43 -33.11 7.86
CA ILE B 152 4.49 -34.35 8.61
C ILE B 152 3.33 -35.26 8.23
N ASN B 153 2.12 -34.68 8.19
CA ASN B 153 0.93 -35.42 7.78
C ASN B 153 1.12 -36.07 6.43
N PHE B 154 1.73 -35.34 5.49
CA PHE B 154 1.90 -35.82 4.12
C PHE B 154 2.83 -37.04 4.08
N ILE B 155 3.93 -37.02 4.83
CA ILE B 155 4.83 -38.16 4.84
C ILE B 155 4.24 -39.30 5.65
N HIS B 156 3.58 -38.97 6.76
CA HIS B 156 3.02 -40.03 7.60
C HIS B 156 1.97 -40.83 6.86
N HIS B 157 1.10 -40.14 6.12
CA HIS B 157 0.03 -40.81 5.40
C HIS B 157 0.55 -41.69 4.28
N ASN B 158 1.51 -41.18 3.49
CA ASN B 158 2.00 -41.92 2.32
C ASN B 158 3.12 -42.89 2.64
N TRP B 159 4.04 -42.56 3.55
CA TRP B 159 5.23 -43.38 3.77
C TRP B 159 5.58 -43.44 5.25
N PRO B 160 4.75 -44.10 6.05
CA PRO B 160 5.03 -44.17 7.51
C PRO B 160 6.40 -44.78 7.80
N SER B 161 6.85 -45.70 6.95
CA SER B 161 8.16 -46.30 7.15
C SER B 161 9.28 -45.25 7.13
N LEU B 162 9.13 -44.22 6.31
CA LEU B 162 10.16 -43.17 6.24
C LEU B 162 10.33 -42.47 7.58
N LEU B 163 9.23 -42.27 8.31
CA LEU B 163 9.32 -41.59 9.60
C LEU B 163 10.07 -42.43 10.61
N LYS B 164 10.02 -43.76 10.48
CA LYS B 164 10.81 -44.62 11.35
C LYS B 164 12.31 -44.45 11.09
N HIS B 165 12.71 -43.98 9.91
CA HIS B 165 14.11 -43.77 9.56
C HIS B 165 14.61 -42.37 9.90
N GLY B 166 13.79 -41.52 10.51
CA GLY B 166 14.23 -40.17 10.81
C GLY B 166 14.34 -39.32 9.55
N PHE B 167 13.29 -39.35 8.75
CA PHE B 167 13.31 -38.67 7.45
C PHE B 167 13.10 -37.17 7.57
N LEU B 168 12.41 -36.71 8.62
CA LEU B 168 11.98 -35.33 8.73
C LEU B 168 12.77 -34.61 9.80
N GLU B 169 13.14 -33.36 9.50
CA GLU B 169 13.83 -32.47 10.44
C GLU B 169 13.29 -31.07 10.25
N GLU B 170 13.60 -30.19 11.20
CA GLU B 170 13.24 -28.78 11.06
C GLU B 170 14.45 -27.90 11.37
N PHE B 171 14.40 -26.69 10.85
CA PHE B 171 15.40 -25.66 11.11
C PHE B 171 14.72 -24.47 11.76
N ILE B 172 15.10 -24.15 12.99
CA ILE B 172 14.40 -23.13 13.75
C ILE B 172 15.22 -21.85 13.79
N THR B 173 14.52 -20.73 13.83
CA THR B 173 15.13 -19.40 13.97
C THR B 173 14.50 -18.69 15.17
N PRO B 174 15.00 -17.51 15.57
CA PRO B 174 14.37 -16.88 16.75
C PRO B 174 13.00 -16.28 16.45
N ALA B 219 20.26 -11.51 6.26
CA ALA B 219 21.14 -12.08 5.24
C ALA B 219 22.49 -12.45 5.85
N LYS B 220 23.10 -11.49 6.56
CA LYS B 220 24.23 -11.83 7.41
C LYS B 220 23.79 -12.70 8.57
N GLU B 221 22.59 -12.43 9.11
CA GLU B 221 22.02 -13.29 10.13
C GLU B 221 21.83 -14.71 9.63
N ALA B 222 21.54 -14.87 8.34
CA ALA B 222 21.30 -16.21 7.80
C ALA B 222 22.58 -17.02 7.78
N LYS B 223 23.69 -16.40 7.38
CA LYS B 223 24.97 -17.11 7.37
C LYS B 223 25.40 -17.47 8.79
N GLU B 224 24.99 -16.68 9.78
CA GLU B 224 25.26 -17.05 11.17
C GLU B 224 24.42 -18.25 11.59
N TYR B 225 23.15 -18.29 11.18
CA TYR B 225 22.28 -19.41 11.52
C TYR B 225 22.84 -20.72 10.99
N PHE B 226 23.26 -20.72 9.72
CA PHE B 226 23.68 -21.96 9.07
C PHE B 226 25.08 -22.40 9.48
N ALA B 227 25.96 -21.45 9.82
CA ALA B 227 27.25 -21.84 10.38
C ALA B 227 27.07 -22.56 11.72
N ASP B 228 26.02 -22.20 12.46
CA ASP B 228 25.65 -22.82 13.72
C ASP B 228 24.56 -23.89 13.55
N MET B 229 24.33 -24.36 12.32
CA MET B 229 23.19 -25.21 11.97
C MET B 229 22.91 -26.31 12.99
N GLU B 230 23.97 -26.85 13.60
CA GLU B 230 23.82 -27.87 14.62
C GLU B 230 22.85 -27.45 15.73
N ARG B 231 22.93 -26.19 16.16
CA ARG B 231 22.07 -25.71 17.24
C ARG B 231 20.70 -25.23 16.77
N HIS B 232 20.51 -25.05 15.46
CA HIS B 232 19.20 -24.73 14.91
C HIS B 232 18.48 -25.93 14.34
N ARG B 233 19.11 -27.11 14.33
CA ARG B 233 18.56 -28.30 13.70
C ARG B 233 17.93 -29.20 14.75
N ILE B 234 16.64 -29.50 14.57
CA ILE B 234 15.91 -30.39 15.45
C ILE B 234 15.36 -31.53 14.60
N LEU B 235 15.47 -32.76 15.10
CA LEU B 235 15.02 -33.93 14.39
C LEU B 235 13.72 -34.45 14.99
N PHE B 236 12.75 -34.73 14.12
CA PHE B 236 11.52 -35.34 14.56
C PHE B 236 11.75 -36.83 14.81
N ARG B 237 11.24 -37.32 15.93
CA ARG B 237 11.44 -38.70 16.33
C ARG B 237 10.11 -39.41 16.39
N TYR B 238 10.04 -40.62 15.83
CA TYR B 238 8.86 -41.46 15.95
C TYR B 238 9.09 -42.41 17.12
N ALA B 239 8.37 -42.19 18.22
CA ALA B 239 8.49 -43.03 19.40
C ALA B 239 7.65 -44.29 19.32
N GLY B 240 6.44 -44.19 18.75
CA GLY B 240 5.53 -45.32 18.71
C GLY B 240 4.11 -44.91 18.40
N PRO B 241 3.15 -45.78 18.72
CA PRO B 241 1.76 -45.57 18.27
C PRO B 241 1.13 -44.26 18.73
N GLU B 242 1.61 -43.64 19.81
CA GLU B 242 1.06 -42.36 20.22
C GLU B 242 1.42 -41.24 19.26
N ASP B 243 2.49 -41.41 18.47
CA ASP B 243 2.79 -40.45 17.40
C ASP B 243 1.76 -40.55 16.30
N ASP B 244 1.36 -41.78 15.95
CA ASP B 244 0.33 -41.96 14.92
C ASP B 244 -0.98 -41.35 15.35
N ALA B 245 -1.38 -41.61 16.60
CA ALA B 245 -2.59 -41.04 17.15
C ALA B 245 -2.56 -39.52 17.11
N ALA B 246 -1.42 -38.93 17.46
CA ALA B 246 -1.34 -37.47 17.51
C ALA B 246 -1.45 -36.85 16.12
N ILE B 247 -0.81 -37.45 15.11
CA ILE B 247 -0.92 -36.92 13.75
C ILE B 247 -2.35 -37.09 13.24
N THR B 248 -2.92 -38.28 13.43
CA THR B 248 -4.30 -38.52 13.04
C THR B 248 -5.26 -37.57 13.75
N LEU B 249 -5.06 -37.36 15.05
CA LEU B 249 -5.91 -36.45 15.80
C LEU B 249 -5.91 -35.06 15.17
N ALA B 250 -4.77 -34.64 14.63
CA ALA B 250 -4.65 -33.29 14.09
C ALA B 250 -5.26 -33.16 12.70
N PHE B 251 -4.95 -34.11 11.81
CA PHE B 251 -5.25 -33.95 10.38
C PHE B 251 -6.34 -34.85 9.80
N SER B 252 -6.96 -35.74 10.59
CA SER B 252 -7.99 -36.63 10.05
C SER B 252 -9.36 -35.99 10.14
N LYS B 253 -10.12 -36.06 9.05
CA LYS B 253 -11.49 -35.53 9.04
C LYS B 253 -12.41 -36.31 9.97
N LYS B 254 -12.08 -37.55 10.33
CA LYS B 254 -12.91 -38.32 11.24
C LYS B 254 -12.68 -37.97 12.70
N LYS B 255 -11.66 -37.17 13.00
CA LYS B 255 -11.28 -36.82 14.37
C LYS B 255 -11.81 -35.47 14.85
N ILE B 256 -12.75 -34.85 14.13
CA ILE B 256 -13.27 -33.54 14.53
C ILE B 256 -13.69 -33.53 15.99
N ASP B 257 -14.44 -34.55 16.43
CA ASP B 257 -14.89 -34.60 17.82
C ASP B 257 -13.70 -34.68 18.77
N ASP B 258 -12.67 -35.45 18.39
CA ASP B 258 -11.49 -35.55 19.23
C ASP B 258 -10.75 -34.21 19.32
N ARG B 259 -10.75 -33.43 18.24
CA ARG B 259 -10.12 -32.11 18.29
C ARG B 259 -10.87 -31.18 19.23
N LYS B 260 -12.20 -31.24 19.23
CA LYS B 260 -12.99 -30.45 20.19
C LYS B 260 -12.57 -30.76 21.62
N GLU B 261 -12.45 -32.05 21.95
CA GLU B 261 -12.03 -32.43 23.29
C GLU B 261 -10.58 -32.02 23.54
N TRP B 262 -9.72 -32.29 22.56
CA TRP B 262 -8.33 -31.84 22.59
C TRP B 262 -8.22 -30.37 22.93
N LEU B 263 -8.96 -29.53 22.21
CA LEU B 263 -8.84 -28.09 22.43
C LEU B 263 -9.59 -27.64 23.68
N THR B 264 -10.65 -28.35 24.06
CA THR B 264 -11.36 -28.03 25.30
C THR B 264 -10.44 -28.21 26.50
N ASN B 265 -9.72 -29.33 26.55
CA ASN B 265 -8.75 -29.54 27.62
C ASN B 265 -7.67 -28.47 27.59
N PHE B 266 -7.21 -28.10 26.39
CA PHE B 266 -6.16 -27.08 26.30
C PHE B 266 -6.64 -25.75 26.85
N MET B 267 -7.79 -25.26 26.38
CA MET B 267 -8.28 -23.98 26.85
C MET B 267 -8.54 -24.02 28.35
N GLU B 268 -9.10 -25.12 28.84
CA GLU B 268 -9.35 -25.24 30.27
C GLU B 268 -8.05 -25.25 31.06
N ASP B 269 -7.10 -26.10 30.67
CA ASP B 269 -5.86 -26.20 31.42
C ASP B 269 -5.07 -24.90 31.39
N ARG B 270 -5.15 -24.16 30.28
CA ARG B 270 -4.45 -22.88 30.22
C ARG B 270 -5.09 -21.85 31.16
N ARG B 271 -6.44 -21.81 31.20
CA ARG B 271 -7.11 -20.88 32.10
C ARG B 271 -6.77 -21.17 33.55
N GLN B 272 -6.62 -22.45 33.90
CA GLN B 272 -6.25 -22.81 35.27
C GLN B 272 -4.87 -22.27 35.62
N ARG B 273 -3.93 -22.33 34.66
CA ARG B 273 -2.60 -21.79 34.91
C ARG B 273 -2.62 -20.27 35.01
N ARG B 274 -3.57 -19.61 34.36
CA ARG B 274 -3.67 -18.16 34.46
C ARG B 274 -4.24 -17.70 35.80
N LEU B 275 -4.97 -18.59 36.51
CA LEU B 275 -5.37 -18.31 37.88
C LEU B 275 -4.24 -18.54 38.87
N HIS B 276 -3.12 -19.09 38.42
CA HIS B 276 -1.95 -19.36 39.25
C HIS B 276 -0.72 -18.73 38.61
N GLY B 277 0.46 -19.04 39.14
CA GLY B 277 1.69 -18.61 38.49
C GLY B 277 2.16 -19.57 37.42
N THR B 288 17.45 -30.31 24.11
CA THR B 288 16.74 -31.37 23.38
C THR B 288 16.91 -31.21 21.87
N LYS B 289 17.71 -32.09 21.26
CA LYS B 289 17.88 -32.10 19.82
C LYS B 289 16.76 -32.82 19.09
N HIS B 290 16.02 -33.67 19.78
CA HIS B 290 14.97 -34.47 19.17
C HIS B 290 13.61 -34.03 19.69
N LEU B 291 12.59 -34.19 18.84
CA LEU B 291 11.21 -33.87 19.16
C LEU B 291 10.32 -34.95 18.60
N THR B 292 9.50 -35.56 19.46
CA THR B 292 8.56 -36.59 18.99
C THR B 292 7.37 -35.94 18.31
N TYR B 293 6.82 -36.65 17.33
CA TYR B 293 5.61 -36.16 16.68
C TYR B 293 4.50 -35.93 17.67
N ASN B 294 4.40 -36.77 18.70
CA ASN B 294 3.37 -36.60 19.72
C ASN B 294 3.57 -35.29 20.47
N ASP B 295 4.81 -34.96 20.84
CA ASP B 295 5.06 -33.70 21.52
C ASP B 295 4.92 -32.52 20.58
N PHE B 296 5.28 -32.69 19.30
CA PHE B 296 5.07 -31.60 18.35
C PHE B 296 3.58 -31.27 18.24
N ILE B 297 2.75 -32.29 18.03
CA ILE B 297 1.32 -32.06 17.88
C ILE B 297 0.76 -31.41 19.14
N ASN B 298 1.01 -32.02 20.30
CA ASN B 298 0.31 -31.62 21.51
C ASN B 298 0.88 -30.37 22.17
N LYS B 299 2.19 -30.11 22.05
CA LYS B 299 2.74 -28.88 22.61
C LYS B 299 3.01 -27.76 21.61
N GLU B 300 2.90 -28.00 20.30
CA GLU B 300 3.25 -26.94 19.34
C GLU B 300 2.10 -26.69 18.36
N LEU B 301 1.75 -27.71 17.58
CA LEU B 301 0.64 -27.54 16.63
C LEU B 301 -0.63 -27.08 17.34
N ILE B 302 -0.84 -27.52 18.59
CA ILE B 302 -2.07 -27.15 19.29
C ILE B 302 -2.15 -25.65 19.45
N LEU B 303 -1.00 -24.98 19.48
CA LEU B 303 -1.00 -23.53 19.60
C LEU B 303 -1.56 -22.88 18.35
N PHE B 304 -1.29 -23.45 17.17
CA PHE B 304 -1.92 -22.93 15.96
C PHE B 304 -3.41 -23.20 15.96
N SER B 305 -3.81 -24.42 16.30
CA SER B 305 -5.22 -24.75 16.30
C SER B 305 -6.00 -23.81 17.20
N ASN B 306 -5.42 -23.45 18.36
CA ASN B 306 -6.11 -22.52 19.24
C ASN B 306 -6.14 -21.12 18.65
N SER B 307 -4.98 -20.62 18.20
CA SER B 307 -4.94 -19.31 17.53
C SER B 307 -5.84 -19.27 16.30
N ASP B 308 -6.03 -20.42 15.63
CA ASP B 308 -6.94 -20.47 14.50
C ASP B 308 -8.37 -20.18 14.96
N ASN B 309 -8.79 -20.75 16.09
CA ASN B 309 -10.13 -20.42 16.62
C ASN B 309 -10.20 -18.97 17.07
N GLU B 310 -9.16 -18.48 17.75
CA GLU B 310 -9.22 -17.12 18.29
C GLU B 310 -9.29 -16.08 17.18
N ARG B 311 -8.64 -16.34 16.02
CA ARG B 311 -8.76 -15.40 14.92
C ARG B 311 -10.03 -15.61 14.09
N SER B 312 -10.54 -16.86 13.99
CA SER B 312 -11.62 -17.16 13.05
C SER B 312 -13.03 -17.18 13.63
N ILE B 313 -13.19 -17.20 14.96
CA ILE B 313 -14.51 -17.38 15.57
C ILE B 313 -14.87 -16.09 16.29
N PRO B 314 -16.01 -15.47 15.98
CA PRO B 314 -16.27 -14.10 16.45
C PRO B 314 -16.60 -14.06 17.93
N SER B 315 -16.51 -12.85 18.48
CA SER B 315 -16.93 -12.60 19.84
C SER B 315 -18.42 -12.33 19.87
N LEU B 316 -19.10 -12.92 20.86
CA LEU B 316 -20.52 -12.64 21.05
C LEU B 316 -20.76 -11.16 21.27
N VAL B 317 -19.84 -10.48 21.94
CA VAL B 317 -20.09 -9.12 22.41
C VAL B 317 -20.23 -8.14 21.26
N ASP B 318 -19.18 -8.00 20.44
CA ASP B 318 -19.22 -7.05 19.33
C ASP B 318 -19.46 -7.68 17.96
N GLY B 319 -19.55 -9.00 17.85
CA GLY B 319 -19.65 -9.64 16.54
C GLY B 319 -18.35 -9.70 15.75
N PHE B 320 -17.23 -9.26 16.32
CA PHE B 320 -15.98 -9.11 15.61
C PHE B 320 -15.04 -10.27 15.88
N LYS B 321 -14.24 -10.61 14.88
CA LYS B 321 -12.96 -11.26 15.12
C LYS B 321 -11.87 -10.21 15.32
N PRO B 322 -10.72 -10.60 15.89
CA PRO B 322 -9.68 -9.60 16.23
C PRO B 322 -9.20 -8.74 15.06
N GLY B 323 -9.00 -9.34 13.88
CA GLY B 323 -8.53 -8.54 12.75
C GLY B 323 -9.54 -7.50 12.32
N GLN B 324 -10.81 -7.89 12.22
CA GLN B 324 -11.89 -6.92 12.01
C GLN B 324 -11.90 -5.84 13.09
N ARG B 325 -11.67 -6.23 14.35
CA ARG B 325 -11.70 -5.28 15.45
C ARG B 325 -10.57 -4.28 15.32
N LYS B 326 -9.37 -4.78 14.96
CA LYS B 326 -8.22 -3.90 14.75
C LYS B 326 -8.50 -2.90 13.64
N VAL B 327 -9.20 -3.31 12.59
CA VAL B 327 -9.60 -2.38 11.54
C VAL B 327 -10.47 -1.26 12.11
N LEU B 328 -11.54 -1.63 12.82
CA LEU B 328 -12.45 -0.60 13.35
C LEU B 328 -11.74 0.26 14.40
N PHE B 329 -10.90 -0.35 15.24
CA PHE B 329 -10.12 0.44 16.20
C PHE B 329 -9.26 1.47 15.48
N THR B 330 -8.61 1.06 14.39
CA THR B 330 -7.78 1.99 13.64
C THR B 330 -8.62 3.11 13.01
N CYS B 331 -9.76 2.76 12.41
CA CYS B 331 -10.60 3.76 11.78
C CYS B 331 -11.10 4.78 12.80
N PHE B 332 -11.53 4.30 13.97
CA PHE B 332 -11.96 5.23 15.01
C PHE B 332 -10.83 6.16 15.42
N LYS B 333 -9.60 5.62 15.52
CA LYS B 333 -8.47 6.43 15.92
C LYS B 333 -8.15 7.48 14.86
N ARG B 334 -8.09 7.06 13.59
CA ARG B 334 -7.80 8.00 12.51
C ARG B 334 -8.91 9.05 12.37
N ASN B 335 -10.18 8.62 12.47
CA ASN B 335 -11.32 9.53 12.32
C ASN B 335 -11.25 10.27 10.99
N ASP B 336 -11.14 9.52 9.91
CA ASP B 336 -11.03 10.12 8.58
C ASP B 336 -12.32 10.86 8.24
N LYS B 337 -12.15 12.08 7.76
CA LYS B 337 -13.27 12.82 7.19
C LYS B 337 -13.37 12.65 5.68
N ARG B 338 -12.41 11.97 5.06
CA ARG B 338 -12.40 11.75 3.62
C ARG B 338 -11.99 10.30 3.34
N GLU B 339 -12.31 9.84 2.13
CA GLU B 339 -12.05 8.44 1.77
C GLU B 339 -10.56 8.13 1.79
N VAL B 340 -10.26 6.86 2.06
CA VAL B 340 -8.89 6.37 2.15
C VAL B 340 -8.79 5.11 1.29
N LYS B 341 -7.71 4.99 0.51
CA LYS B 341 -7.44 3.77 -0.23
C LYS B 341 -7.39 2.58 0.72
N VAL B 342 -8.02 1.47 0.32
CA VAL B 342 -8.06 0.31 1.21
C VAL B 342 -6.66 -0.19 1.48
N ALA B 343 -5.79 -0.20 0.46
CA ALA B 343 -4.41 -0.64 0.66
C ALA B 343 -3.69 0.27 1.65
N GLN B 344 -3.96 1.57 1.57
CA GLN B 344 -3.38 2.52 2.52
C GLN B 344 -3.94 2.30 3.93
N LEU B 345 -5.25 2.12 4.04
CA LEU B 345 -5.83 1.85 5.36
C LEU B 345 -5.24 0.59 5.96
N ALA B 346 -5.07 -0.46 5.15
CA ALA B 346 -4.54 -1.72 5.68
C ALA B 346 -3.15 -1.54 6.31
N GLY B 347 -2.27 -0.80 5.64
CA GLY B 347 -0.96 -0.53 6.21
C GLY B 347 -1.04 0.32 7.47
N SER B 348 -1.97 1.27 7.49
CA SER B 348 -2.21 2.04 8.70
C SER B 348 -2.70 1.14 9.84
N VAL B 349 -3.61 0.20 9.54
CA VAL B 349 -4.10 -0.72 10.56
C VAL B 349 -2.96 -1.56 11.12
N ALA B 350 -2.11 -2.09 10.22
CA ALA B 350 -1.01 -2.95 10.67
C ALA B 350 -0.10 -2.21 11.64
N GLU B 351 0.23 -0.97 11.33
CA GLU B 351 1.11 -0.19 12.21
C GLU B 351 0.39 0.17 13.51
N MET B 352 -0.85 0.65 13.44
CA MET B 352 -1.52 1.18 14.64
C MET B 352 -2.00 0.08 15.58
N SER B 353 -2.48 -1.04 15.04
CA SER B 353 -3.03 -2.12 15.86
C SER B 353 -2.09 -3.29 16.09
N ALA B 354 -0.85 -3.23 15.58
CA ALA B 354 0.12 -4.33 15.69
C ALA B 354 -0.45 -5.62 15.09
N TYR B 355 -1.08 -5.50 13.93
CA TYR B 355 -1.52 -6.68 13.20
C TYR B 355 -0.30 -7.40 12.65
N HIS B 356 -0.17 -8.69 12.97
CA HIS B 356 1.04 -9.46 12.69
C HIS B 356 0.99 -10.30 11.43
N HIS B 357 -0.06 -10.22 10.63
CA HIS B 357 -0.23 -11.12 9.49
C HIS B 357 -0.06 -10.35 8.19
N GLY B 358 -0.18 -11.05 7.07
CA GLY B 358 -0.02 -10.41 5.78
C GLY B 358 -1.07 -9.34 5.58
N GLU B 359 -0.66 -8.22 4.98
CA GLU B 359 -1.59 -7.12 4.78
C GLU B 359 -2.65 -7.44 3.74
N GLN B 360 -2.39 -8.36 2.83
CA GLN B 360 -3.41 -8.69 1.83
C GLN B 360 -4.65 -9.31 2.48
N ALA B 361 -4.47 -10.13 3.53
CA ALA B 361 -5.60 -10.67 4.27
C ALA B 361 -6.37 -9.55 4.97
N LEU B 362 -5.66 -8.52 5.44
CA LEU B 362 -6.32 -7.38 6.05
C LEU B 362 -7.14 -6.62 5.03
N MET B 363 -6.62 -6.47 3.81
CA MET B 363 -7.35 -5.78 2.75
C MET B 363 -8.63 -6.53 2.38
N MET B 364 -8.57 -7.86 2.30
CA MET B 364 -9.77 -8.64 2.08
C MET B 364 -10.75 -8.47 3.24
N THR B 365 -10.26 -8.49 4.48
CA THR B 365 -11.14 -8.20 5.61
C THR B 365 -11.79 -6.82 5.44
N ILE B 366 -11.00 -5.82 5.02
CA ILE B 366 -11.57 -4.48 4.86
C ILE B 366 -12.62 -4.46 3.77
N VAL B 367 -12.35 -5.10 2.63
CA VAL B 367 -13.37 -5.22 1.58
C VAL B 367 -14.62 -5.90 2.13
N ASN B 368 -14.44 -6.98 2.89
CA ASN B 368 -15.58 -7.73 3.42
C ASN B 368 -16.40 -6.90 4.40
N LEU B 369 -15.76 -6.00 5.15
CA LEU B 369 -16.50 -5.16 6.08
C LEU B 369 -17.35 -4.10 5.37
N ALA B 370 -16.95 -3.70 4.15
CA ALA B 370 -17.62 -2.62 3.44
C ALA B 370 -18.71 -3.09 2.47
N GLN B 371 -18.82 -4.38 2.18
CA GLN B 371 -19.73 -4.82 1.13
C GLN B 371 -21.17 -4.63 1.57
N ASN B 372 -21.94 -3.91 0.76
CA ASN B 372 -23.38 -3.69 1.00
C ASN B 372 -24.33 -4.48 0.10
N PHE B 373 -23.87 -5.40 -0.74
CA PHE B 373 -24.84 -5.99 -1.66
C PHE B 373 -25.73 -7.02 -0.94
N VAL B 374 -26.72 -7.54 -1.66
CA VAL B 374 -27.76 -8.34 -1.04
C VAL B 374 -27.17 -9.68 -0.63
N GLY B 375 -27.28 -10.00 0.65
CA GLY B 375 -26.68 -11.20 1.17
C GLY B 375 -25.37 -10.99 1.88
N SER B 376 -24.83 -9.76 1.91
CA SER B 376 -23.59 -9.64 2.67
C SER B 376 -23.81 -9.00 4.04
N ASN B 377 -23.87 -7.67 4.12
CA ASN B 377 -23.96 -6.97 5.40
C ASN B 377 -25.29 -6.24 5.49
N ASN B 378 -26.02 -6.44 6.60
CA ASN B 378 -27.21 -5.62 6.81
C ASN B 378 -26.84 -4.18 7.13
N ILE B 379 -25.78 -3.98 7.92
CA ILE B 379 -25.20 -2.66 8.16
C ILE B 379 -23.70 -2.77 7.91
N ASN B 380 -23.23 -2.16 6.85
CA ASN B 380 -21.79 -2.15 6.57
C ASN B 380 -21.19 -1.00 7.36
N LEU B 381 -20.21 -1.30 8.21
CA LEU B 381 -19.60 -0.27 9.04
C LEU B 381 -18.59 0.58 8.28
N LEU B 382 -18.03 0.06 7.19
CA LEU B 382 -17.19 0.85 6.30
C LEU B 382 -17.92 1.08 4.98
N GLN B 383 -17.67 2.23 4.35
CA GLN B 383 -18.37 2.59 3.12
C GLN B 383 -17.65 2.01 1.90
N PRO B 384 -18.38 1.39 0.99
CA PRO B 384 -17.77 0.86 -0.24
C PRO B 384 -17.62 1.91 -1.33
N ILE B 385 -16.54 2.69 -1.34
CA ILE B 385 -16.35 3.72 -2.37
CA ILE B 385 -16.35 3.72 -2.36
C ILE B 385 -15.41 3.12 -3.39
N GLY B 386 -15.97 2.64 -4.47
CA GLY B 386 -15.22 1.92 -5.46
C GLY B 386 -16.08 0.78 -5.95
N GLN B 387 -15.44 -0.18 -6.60
CA GLN B 387 -16.10 -1.44 -6.92
C GLN B 387 -15.65 -2.42 -5.86
N PHE B 388 -16.54 -2.70 -4.90
CA PHE B 388 -16.27 -3.66 -3.83
C PHE B 388 -16.87 -5.04 -4.10
N GLY B 389 -17.43 -5.24 -5.27
CA GLY B 389 -18.11 -6.49 -5.57
C GLY B 389 -19.62 -6.30 -5.61
N THR B 390 -20.27 -7.21 -6.33
CA THR B 390 -21.71 -7.16 -6.55
C THR B 390 -22.29 -8.55 -6.35
N ARG B 391 -23.62 -8.62 -6.29
CA ARG B 391 -24.30 -9.91 -6.19
C ARG B 391 -24.17 -10.73 -7.47
N LEU B 392 -23.78 -10.11 -8.58
CA LEU B 392 -23.56 -10.86 -9.81
CA LEU B 392 -23.56 -10.86 -9.81
C LEU B 392 -22.57 -12.00 -9.58
N HIS B 393 -21.39 -11.66 -9.07
CA HIS B 393 -20.34 -12.59 -8.70
C HIS B 393 -20.22 -12.87 -7.20
N GLY B 394 -21.11 -12.34 -6.38
CA GLY B 394 -20.99 -12.59 -4.97
C GLY B 394 -19.78 -11.91 -4.34
N GLY B 395 -19.45 -10.71 -4.81
CA GLY B 395 -18.35 -9.96 -4.29
C GLY B 395 -17.00 -10.33 -4.84
N LYS B 396 -16.89 -11.44 -5.58
CA LYS B 396 -15.61 -11.87 -6.14
C LYS B 396 -15.11 -10.94 -7.23
N ASP B 397 -15.95 -10.03 -7.71
CA ASP B 397 -15.61 -9.05 -8.72
C ASP B 397 -15.07 -7.75 -8.13
N ALA B 398 -14.83 -7.70 -6.82
CA ALA B 398 -14.24 -6.52 -6.21
C ALA B 398 -12.96 -6.13 -6.96
N ALA B 399 -12.80 -4.83 -7.17
CA ALA B 399 -11.56 -4.38 -7.79
C ALA B 399 -10.44 -4.44 -6.78
N SER B 400 -9.24 -4.14 -7.25
CA SER B 400 -8.05 -4.26 -6.44
C SER B 400 -8.10 -3.31 -5.25
N PRO B 401 -7.63 -3.75 -4.08
CA PRO B 401 -7.60 -2.84 -2.92
C PRO B 401 -6.73 -1.62 -3.14
N ARG B 402 -5.89 -1.63 -4.17
CA ARG B 402 -5.13 -0.44 -4.54
C ARG B 402 -6.02 0.59 -5.24
N TYR B 403 -7.13 0.16 -5.85
CA TYR B 403 -7.98 1.07 -6.62
C TYR B 403 -9.25 1.52 -5.90
N ILE B 404 -9.52 1.07 -4.69
CA ILE B 404 -10.81 1.35 -4.07
C ILE B 404 -10.58 2.05 -2.73
N PHE B 405 -11.61 2.76 -2.29
CA PHE B 405 -11.53 3.63 -1.13
C PHE B 405 -12.60 3.25 -0.12
N THR B 406 -12.35 3.61 1.14
CA THR B 406 -13.39 3.43 2.15
C THR B 406 -13.24 4.51 3.22
N MET B 407 -14.19 4.50 4.14
CA MET B 407 -14.17 5.29 5.36
C MET B 407 -15.31 4.77 6.23
N LEU B 408 -15.45 5.34 7.42
CA LEU B 408 -16.48 4.88 8.33
C LEU B 408 -17.86 5.23 7.80
N SER B 409 -18.82 4.35 8.05
CA SER B 409 -20.22 4.72 7.93
C SER B 409 -20.59 5.67 9.07
N THR B 410 -21.52 6.59 8.79
CA THR B 410 -21.99 7.47 9.85
C THR B 410 -22.69 6.69 10.96
N LEU B 411 -23.07 5.44 10.69
CA LEU B 411 -23.68 4.59 11.70
C LEU B 411 -22.66 3.99 12.65
N ALA B 412 -21.38 3.98 12.28
CA ALA B 412 -20.38 3.25 13.05
C ALA B 412 -20.28 3.76 14.49
N ARG B 413 -20.07 5.06 14.67
CA ARG B 413 -19.92 5.58 16.03
C ARG B 413 -21.25 5.66 16.76
N LEU B 414 -22.37 5.62 16.04
CA LEU B 414 -23.67 5.53 16.72
C LEU B 414 -23.90 4.16 17.31
N LEU B 415 -23.39 3.11 16.65
CA LEU B 415 -23.49 1.76 17.18
C LEU B 415 -22.46 1.49 18.27
N PHE B 416 -21.28 2.13 18.16
CA PHE B 416 -20.15 1.96 19.09
C PHE B 416 -19.80 3.33 19.64
N PRO B 417 -20.60 3.86 20.57
CA PRO B 417 -20.39 5.25 21.01
C PRO B 417 -19.01 5.45 21.61
N ALA B 418 -18.37 6.55 21.20
CA ALA B 418 -17.01 6.83 21.65
C ALA B 418 -16.91 6.89 23.17
N VAL B 419 -17.97 7.35 23.84
CA VAL B 419 -17.90 7.48 25.29
C VAL B 419 -17.66 6.13 25.95
N ASP B 420 -18.18 5.03 25.37
CA ASP B 420 -17.94 3.71 25.94
C ASP B 420 -16.50 3.21 25.74
N ASP B 421 -15.70 3.85 24.87
CA ASP B 421 -14.29 3.49 24.82
C ASP B 421 -13.65 3.55 26.20
N ASN B 422 -14.13 4.45 27.06
CA ASN B 422 -13.57 4.55 28.39
C ASN B 422 -13.84 3.33 29.25
N LEU B 423 -14.79 2.49 28.87
CA LEU B 423 -15.14 1.30 29.63
C LEU B 423 -14.41 0.03 29.18
N LEU B 424 -13.75 0.06 28.02
CA LEU B 424 -13.15 -1.14 27.43
C LEU B 424 -11.78 -1.47 28.01
N LYS B 425 -11.40 -2.72 27.85
CA LYS B 425 -10.07 -3.17 28.24
C LYS B 425 -9.21 -3.25 26.98
N PHE B 426 -8.26 -2.33 26.87
CA PHE B 426 -7.42 -2.25 25.69
C PHE B 426 -6.21 -3.14 25.89
N LEU B 427 -5.93 -3.95 24.88
CA LEU B 427 -4.81 -4.88 24.88
C LEU B 427 -3.51 -4.13 24.58
N TYR B 428 -2.41 -4.73 25.00
CA TYR B 428 -1.08 -4.25 24.66
C TYR B 428 -0.33 -5.28 23.84
N ASP B 429 0.37 -4.80 22.82
CA ASP B 429 1.34 -5.59 22.07
C ASP B 429 2.68 -4.89 22.24
N ASP B 430 3.61 -5.55 22.95
CA ASP B 430 4.94 -5.05 23.34
C ASP B 430 4.93 -3.57 23.72
N ASN B 431 4.22 -3.25 24.81
CA ASN B 431 4.12 -1.91 25.38
C ASN B 431 3.35 -0.92 24.50
N GLN B 432 2.93 -1.32 23.29
CA GLN B 432 2.05 -0.49 22.46
C GLN B 432 0.61 -0.85 22.74
N ARG B 433 -0.23 0.18 22.94
CA ARG B 433 -1.63 -0.04 23.23
C ARG B 433 -2.41 -0.18 21.92
N VAL B 434 -3.18 -1.25 21.83
CA VAL B 434 -3.83 -1.69 20.60
C VAL B 434 -5.33 -1.86 20.91
N GLU B 435 -6.06 -2.48 19.99
CA GLU B 435 -7.52 -2.62 20.05
C GLU B 435 -8.00 -3.28 21.34
N PRO B 436 -9.25 -3.05 21.74
CA PRO B 436 -9.77 -3.67 22.96
C PRO B 436 -10.05 -5.17 22.77
N GLU B 437 -10.25 -5.86 23.89
CA GLU B 437 -10.66 -7.26 23.81
C GLU B 437 -12.00 -7.41 23.11
N TRP B 438 -12.94 -6.50 23.39
CA TRP B 438 -14.12 -6.33 22.55
C TRP B 438 -14.66 -4.91 22.72
N TYR B 439 -15.34 -4.43 21.67
CA TYR B 439 -16.26 -3.30 21.77
C TYR B 439 -17.59 -3.75 22.36
N ILE B 440 -18.38 -2.78 22.84
CA ILE B 440 -19.67 -3.10 23.43
C ILE B 440 -20.74 -2.28 22.69
N PRO B 441 -21.24 -2.78 21.56
CA PRO B 441 -22.20 -2.02 20.76
C PRO B 441 -23.56 -1.89 21.45
N ILE B 442 -24.36 -0.94 20.96
CA ILE B 442 -25.68 -0.73 21.54
C ILE B 442 -26.69 -1.80 21.14
N ILE B 443 -26.39 -2.59 20.11
CA ILE B 443 -27.22 -3.75 19.76
C ILE B 443 -26.29 -4.92 19.45
N PRO B 444 -26.82 -6.16 19.47
CA PRO B 444 -25.95 -7.31 19.21
C PRO B 444 -25.53 -7.39 17.74
N MET B 445 -24.47 -6.66 17.39
CA MET B 445 -23.97 -6.69 16.02
C MET B 445 -23.63 -8.09 15.54
N VAL B 446 -23.41 -9.03 16.46
CA VAL B 446 -23.13 -10.41 16.08
C VAL B 446 -24.32 -11.02 15.33
N LEU B 447 -25.54 -10.53 15.57
CA LEU B 447 -26.70 -10.99 14.82
C LEU B 447 -26.99 -10.18 13.56
N ILE B 448 -26.41 -8.99 13.42
CA ILE B 448 -26.81 -8.08 12.36
C ILE B 448 -26.18 -8.47 11.02
N ASN B 449 -24.87 -8.69 11.04
CA ASN B 449 -24.07 -8.92 9.84
C ASN B 449 -23.76 -10.39 9.58
N GLY B 450 -24.31 -11.32 10.38
CA GLY B 450 -24.08 -12.72 10.09
C GLY B 450 -22.68 -13.24 10.34
N ALA B 451 -22.23 -13.15 11.60
CA ALA B 451 -20.91 -13.61 11.99
C ALA B 451 -20.65 -15.05 11.55
N GLU B 452 -19.50 -15.26 10.91
CA GLU B 452 -19.21 -16.51 10.23
C GLU B 452 -17.72 -16.80 10.36
N GLY B 453 -17.36 -18.06 10.60
CA GLY B 453 -15.95 -18.42 10.68
C GLY B 453 -15.72 -19.91 10.75
N ILE B 454 -14.52 -20.31 10.35
CA ILE B 454 -14.09 -21.72 10.38
C ILE B 454 -12.77 -21.79 11.14
N GLY B 455 -12.78 -22.48 12.27
CA GLY B 455 -11.62 -22.69 13.10
C GLY B 455 -11.07 -24.09 12.97
N THR B 456 -10.49 -24.58 14.06
CA THR B 456 -10.12 -25.98 14.21
C THR B 456 -11.00 -26.56 15.30
N GLY B 457 -11.71 -27.64 14.96
CA GLY B 457 -12.63 -28.31 15.84
C GLY B 457 -13.99 -27.65 15.92
N TRP B 458 -14.10 -26.35 15.61
CA TRP B 458 -15.37 -25.65 15.63
C TRP B 458 -15.44 -24.70 14.45
N ALA B 459 -16.67 -24.42 14.03
CA ALA B 459 -16.96 -23.35 13.10
C ALA B 459 -18.16 -22.59 13.63
N CYS B 460 -18.41 -21.42 13.06
CA CYS B 460 -19.51 -20.57 13.47
C CYS B 460 -20.26 -20.12 12.22
N LYS B 461 -21.59 -20.25 12.24
CA LYS B 461 -22.40 -19.66 11.19
C LYS B 461 -23.65 -19.06 11.80
N LEU B 462 -23.85 -17.76 11.59
CA LEU B 462 -25.10 -17.12 11.94
C LEU B 462 -25.61 -16.38 10.70
N PRO B 463 -26.92 -16.38 10.46
CA PRO B 463 -27.47 -15.57 9.38
C PRO B 463 -27.63 -14.12 9.83
N ASN B 464 -28.09 -13.28 8.89
CA ASN B 464 -28.35 -11.87 9.21
C ASN B 464 -29.70 -11.71 9.88
N TYR B 465 -29.78 -10.74 10.78
CA TYR B 465 -31.05 -10.37 11.40
C TYR B 465 -31.32 -8.88 11.18
N ASP B 466 -32.59 -8.50 11.31
CA ASP B 466 -33.02 -7.14 11.01
C ASP B 466 -32.71 -6.19 12.16
N ALA B 467 -32.09 -5.05 11.85
CA ALA B 467 -31.61 -4.17 12.91
C ALA B 467 -32.78 -3.55 13.69
N ARG B 468 -33.82 -3.10 12.99
CA ARG B 468 -34.97 -2.51 13.70
C ARG B 468 -35.71 -3.54 14.54
N GLU B 469 -35.81 -4.78 14.07
CA GLU B 469 -36.42 -5.80 14.93
C GLU B 469 -35.59 -5.99 16.19
N ILE B 470 -34.28 -5.96 16.06
CA ILE B 470 -33.42 -6.13 17.21
C ILE B 470 -33.51 -4.94 18.14
N VAL B 471 -33.50 -3.72 17.58
CA VAL B 471 -33.74 -2.52 18.40
C VAL B 471 -35.07 -2.65 19.15
N ASN B 472 -36.12 -3.14 18.47
CA ASN B 472 -37.40 -3.23 19.16
C ASN B 472 -37.35 -4.26 20.28
N ASN B 473 -36.67 -5.39 20.05
CA ASN B 473 -36.57 -6.39 21.11
C ASN B 473 -35.79 -5.86 22.30
N VAL B 474 -34.70 -5.13 22.07
CA VAL B 474 -33.98 -4.51 23.16
C VAL B 474 -34.89 -3.58 23.96
N ARG B 475 -35.70 -2.78 23.26
CA ARG B 475 -36.65 -1.89 23.93
C ARG B 475 -37.68 -2.68 24.73
N ARG B 476 -38.14 -3.81 24.18
CA ARG B 476 -39.09 -4.65 24.88
C ARG B 476 -38.46 -5.23 26.14
N MET B 477 -37.18 -5.59 26.08
CA MET B 477 -36.53 -6.14 27.25
C MET B 477 -36.26 -5.06 28.29
N LEU B 478 -35.93 -3.84 27.86
CA LEU B 478 -35.78 -2.73 28.79
C LEU B 478 -37.06 -2.46 29.56
N ASP B 479 -38.21 -2.72 28.94
CA ASP B 479 -39.50 -2.55 29.60
C ASP B 479 -39.94 -3.79 30.34
N GLY B 480 -39.10 -4.81 30.42
CA GLY B 480 -39.45 -6.02 31.13
C GLY B 480 -40.37 -6.95 30.39
N LEU B 481 -40.64 -6.68 29.11
CA LEU B 481 -41.47 -7.58 28.32
C LEU B 481 -40.65 -8.72 27.75
N ASP B 482 -41.32 -9.61 27.09
CA ASP B 482 -40.63 -10.73 26.45
C ASP B 482 -40.25 -10.33 25.03
N PRO B 483 -39.03 -10.68 24.62
CA PRO B 483 -38.62 -10.43 23.23
C PRO B 483 -39.38 -11.34 22.27
N HIS B 484 -39.78 -10.77 21.13
CA HIS B 484 -40.39 -11.55 20.07
C HIS B 484 -39.37 -12.48 19.41
N PRO B 485 -39.79 -13.63 18.91
CA PRO B 485 -38.88 -14.46 18.12
C PRO B 485 -38.46 -13.72 16.86
N MET B 486 -37.23 -13.96 16.44
CA MET B 486 -36.67 -13.28 15.27
C MET B 486 -36.34 -14.29 14.19
N LEU B 487 -36.87 -14.07 13.00
CA LEU B 487 -36.42 -14.84 11.86
C LEU B 487 -35.27 -14.11 11.16
N PRO B 488 -34.37 -14.87 10.51
CA PRO B 488 -33.33 -14.23 9.70
C PRO B 488 -33.91 -13.25 8.70
N ASN B 489 -33.24 -12.11 8.54
CA ASN B 489 -33.68 -11.05 7.66
C ASN B 489 -32.47 -10.47 6.94
N TYR B 490 -32.52 -10.40 5.61
CA TYR B 490 -31.44 -9.81 4.82
C TYR B 490 -31.93 -8.54 4.15
N LYS B 491 -31.21 -7.45 4.35
CA LYS B 491 -31.59 -6.17 3.78
C LYS B 491 -31.70 -6.25 2.26
N ASN B 492 -32.76 -5.65 1.72
CA ASN B 492 -33.04 -5.56 0.28
C ASN B 492 -33.40 -6.91 -0.35
N PHE B 493 -33.39 -8.00 0.42
CA PHE B 493 -33.85 -9.28 -0.09
C PHE B 493 -35.37 -9.26 -0.26
N LYS B 494 -35.84 -9.58 -1.47
CA LYS B 494 -37.25 -9.51 -1.81
C LYS B 494 -37.96 -10.83 -1.65
N GLY B 495 -37.25 -11.89 -1.29
CA GLY B 495 -37.82 -13.21 -1.17
C GLY B 495 -38.44 -13.50 0.18
N THR B 496 -38.49 -14.78 0.51
CA THR B 496 -39.19 -15.29 1.67
C THR B 496 -38.24 -16.15 2.49
N ILE B 497 -38.26 -15.98 3.81
CA ILE B 497 -37.52 -16.85 4.74
C ILE B 497 -38.53 -17.45 5.70
N GLN B 498 -38.74 -18.75 5.60
CA GLN B 498 -39.74 -19.46 6.39
C GLN B 498 -39.05 -20.31 7.44
N GLU B 499 -39.61 -20.33 8.64
CA GLU B 499 -39.06 -21.18 9.69
C GLU B 499 -39.70 -22.56 9.60
N LEU B 500 -38.89 -23.58 9.33
CA LEU B 500 -39.36 -24.96 9.35
C LEU B 500 -39.42 -25.49 10.77
N GLY B 501 -38.42 -25.12 11.56
CA GLY B 501 -38.30 -25.49 12.96
C GLY B 501 -37.16 -24.70 13.55
N GLN B 502 -36.72 -25.11 14.73
CA GLN B 502 -35.69 -24.33 15.39
C GLN B 502 -34.41 -24.37 14.57
N ASN B 503 -33.90 -23.19 14.22
CA ASN B 503 -32.66 -23.03 13.48
C ASN B 503 -32.71 -23.70 12.10
N GLN B 504 -33.90 -23.81 11.51
CA GLN B 504 -34.08 -24.44 10.20
C GLN B 504 -35.00 -23.56 9.36
N TYR B 505 -34.55 -23.18 8.17
CA TYR B 505 -35.26 -22.22 7.35
C TYR B 505 -35.27 -22.64 5.89
N ALA B 506 -36.38 -22.33 5.23
CA ALA B 506 -36.49 -22.41 3.78
C ALA B 506 -36.39 -21.00 3.23
N VAL B 507 -35.41 -20.78 2.36
CA VAL B 507 -35.11 -19.47 1.78
C VAL B 507 -35.46 -19.54 0.31
N SER B 508 -36.40 -18.70 -0.13
CA SER B 508 -36.97 -18.82 -1.46
C SER B 508 -36.78 -17.52 -2.25
N GLY B 509 -36.46 -17.67 -3.54
CA GLY B 509 -36.46 -16.55 -4.46
C GLY B 509 -37.88 -16.25 -4.91
N GLU B 510 -37.98 -15.55 -6.03
CA GLU B 510 -39.28 -15.16 -6.58
C GLU B 510 -39.36 -15.56 -8.03
N ILE B 511 -40.40 -16.32 -8.37
CA ILE B 511 -40.71 -16.69 -9.74
C ILE B 511 -42.21 -16.56 -9.93
N PHE B 512 -42.61 -16.01 -11.08
CA PHE B 512 -44.02 -15.71 -11.36
C PHE B 512 -44.32 -16.05 -12.80
N VAL B 513 -45.50 -16.63 -13.04
CA VAL B 513 -45.95 -16.91 -14.41
C VAL B 513 -46.41 -15.60 -15.03
N VAL B 514 -45.83 -15.24 -16.17
CA VAL B 514 -46.29 -14.06 -16.88
C VAL B 514 -47.47 -14.45 -17.74
N ASP B 515 -47.22 -15.25 -18.76
CA ASP B 515 -48.26 -15.84 -19.60
C ASP B 515 -47.96 -17.33 -19.75
N ARG B 516 -48.81 -18.03 -20.51
CA ARG B 516 -48.41 -19.33 -21.00
C ARG B 516 -47.21 -19.12 -21.91
N ASN B 517 -46.16 -19.93 -21.72
CA ASN B 517 -44.83 -19.84 -22.34
C ASN B 517 -43.84 -18.93 -21.63
N THR B 518 -44.21 -18.19 -20.57
CA THR B 518 -43.28 -17.26 -19.95
C THR B 518 -43.36 -17.29 -18.43
N VAL B 519 -42.22 -17.48 -17.78
CA VAL B 519 -42.09 -17.21 -16.35
C VAL B 519 -40.99 -16.18 -16.16
N GLU B 520 -41.08 -15.45 -15.05
CA GLU B 520 -40.14 -14.39 -14.72
C GLU B 520 -39.57 -14.63 -13.34
N ILE B 521 -38.26 -14.49 -13.19
CA ILE B 521 -37.57 -14.70 -11.92
C ILE B 521 -37.03 -13.34 -11.49
N THR B 522 -37.65 -12.76 -10.45
CA THR B 522 -37.26 -11.46 -9.92
C THR B 522 -36.42 -11.51 -8.64
N GLU B 523 -36.18 -12.68 -8.07
CA GLU B 523 -35.34 -12.76 -6.88
C GLU B 523 -34.72 -14.15 -6.81
N LEU B 524 -33.50 -14.21 -6.29
CA LEU B 524 -32.81 -15.47 -6.02
C LEU B 524 -32.61 -15.62 -4.52
N PRO B 525 -32.63 -16.85 -4.01
CA PRO B 525 -32.46 -17.04 -2.56
C PRO B 525 -31.14 -16.45 -2.09
N VAL B 526 -31.12 -16.05 -0.82
CA VAL B 526 -29.97 -15.35 -0.26
C VAL B 526 -28.69 -16.15 -0.51
N ARG B 527 -27.63 -15.44 -0.89
CA ARG B 527 -26.30 -15.96 -1.22
C ARG B 527 -26.30 -16.87 -2.44
N THR B 528 -27.31 -16.78 -3.29
CA THR B 528 -27.24 -17.35 -4.64
C THR B 528 -26.91 -16.20 -5.58
N TRP B 529 -25.74 -16.29 -6.22
CA TRP B 529 -25.25 -15.20 -7.04
C TRP B 529 -25.75 -15.34 -8.46
N THR B 530 -26.05 -14.20 -9.09
CA THR B 530 -26.77 -14.19 -10.35
C THR B 530 -26.03 -14.96 -11.44
N GLN B 531 -24.71 -14.73 -11.58
CA GLN B 531 -23.94 -15.43 -12.61
C GLN B 531 -23.87 -16.92 -12.34
N VAL B 532 -23.77 -17.32 -11.07
CA VAL B 532 -23.71 -18.75 -10.76
C VAL B 532 -25.03 -19.41 -11.11
N TYR B 533 -26.15 -18.77 -10.78
CA TYR B 533 -27.47 -19.35 -11.04
C TYR B 533 -27.69 -19.51 -12.54
N LYS B 534 -27.30 -18.51 -13.33
CA LYS B 534 -27.37 -18.61 -14.78
C LYS B 534 -26.61 -19.83 -15.28
N GLU B 535 -25.35 -19.97 -14.85
CA GLU B 535 -24.49 -21.03 -15.36
C GLU B 535 -24.93 -22.41 -14.88
N GLN B 536 -25.29 -22.53 -13.62
CA GLN B 536 -25.56 -23.84 -13.02
C GLN B 536 -27.03 -24.26 -13.10
N VAL B 537 -27.93 -23.37 -13.48
CA VAL B 537 -29.34 -23.74 -13.48
C VAL B 537 -29.96 -23.45 -14.83
N LEU B 538 -30.03 -22.17 -15.23
CA LEU B 538 -30.69 -21.82 -16.49
C LEU B 538 -29.95 -22.42 -17.70
N GLU B 539 -28.62 -22.40 -17.70
CA GLU B 539 -27.90 -22.99 -18.81
C GLU B 539 -28.14 -24.50 -18.94
N PRO B 540 -28.01 -25.31 -17.88
CA PRO B 540 -28.41 -26.72 -18.02
C PRO B 540 -29.87 -26.91 -18.42
N MET B 541 -30.76 -25.99 -18.01
CA MET B 541 -32.14 -26.08 -18.47
C MET B 541 -32.25 -25.78 -19.96
N LEU B 542 -31.38 -24.92 -20.49
CA LEU B 542 -31.46 -24.54 -21.89
C LEU B 542 -30.85 -25.59 -22.81
N ASN B 543 -29.79 -26.28 -22.38
CA ASN B 543 -29.09 -27.22 -23.24
C ASN B 543 -29.22 -28.67 -22.71
N GLY B 544 -28.49 -29.02 -21.65
CA GLY B 544 -28.35 -30.40 -21.23
C GLY B 544 -29.60 -31.11 -20.73
N PRO B 549 -32.31 -33.58 -20.56
CA PRO B 549 -33.27 -32.96 -21.50
C PRO B 549 -33.43 -31.47 -21.24
N ALA B 550 -33.57 -30.66 -22.29
CA ALA B 550 -33.69 -29.21 -22.14
C ALA B 550 -35.12 -28.86 -21.74
N LEU B 551 -35.27 -28.19 -20.59
CA LEU B 551 -36.59 -27.86 -20.05
C LEU B 551 -37.11 -26.48 -20.49
N ILE B 552 -36.28 -25.61 -21.05
CA ILE B 552 -36.73 -24.26 -21.42
C ILE B 552 -36.26 -23.94 -22.83
N SER B 553 -37.05 -23.11 -23.51
CA SER B 553 -36.73 -22.72 -24.88
C SER B 553 -35.71 -21.58 -24.95
N ASP B 554 -35.67 -20.69 -23.96
CA ASP B 554 -34.80 -19.52 -24.01
C ASP B 554 -34.94 -18.73 -22.72
N TYR B 555 -33.98 -17.82 -22.50
CA TYR B 555 -34.08 -16.89 -21.38
C TYR B 555 -33.32 -15.62 -21.73
N LYS B 556 -33.72 -14.51 -21.09
CA LYS B 556 -33.07 -13.23 -21.28
C LYS B 556 -32.84 -12.58 -19.92
N GLU B 557 -31.85 -11.70 -19.88
CA GLU B 557 -31.34 -11.11 -18.63
C GLU B 557 -31.59 -9.61 -18.62
N TYR B 558 -32.43 -9.16 -17.70
CA TYR B 558 -32.73 -7.77 -17.40
C TYR B 558 -32.07 -7.23 -16.12
N HIS B 559 -31.15 -7.96 -15.50
CA HIS B 559 -30.59 -7.54 -14.21
C HIS B 559 -30.01 -6.13 -14.24
N THR B 560 -30.09 -5.47 -13.09
CA THR B 560 -29.23 -4.35 -12.76
C THR B 560 -28.10 -4.85 -11.84
N ASP B 561 -27.29 -3.92 -11.35
CA ASP B 561 -26.21 -4.29 -10.44
C ASP B 561 -26.73 -4.90 -9.15
N THR B 562 -27.81 -4.34 -8.59
CA THR B 562 -28.38 -4.77 -7.34
C THR B 562 -29.61 -5.67 -7.45
N THR B 563 -30.12 -5.96 -8.65
CA THR B 563 -31.37 -6.69 -8.79
C THR B 563 -31.22 -7.81 -9.81
N VAL B 564 -32.19 -8.73 -9.78
CA VAL B 564 -32.18 -9.93 -10.60
C VAL B 564 -33.48 -9.97 -11.41
N LYS B 565 -33.38 -9.98 -12.74
CA LYS B 565 -34.55 -10.24 -13.58
C LYS B 565 -34.22 -11.20 -14.72
N PHE B 566 -34.80 -12.40 -14.68
CA PHE B 566 -34.73 -13.37 -15.77
C PHE B 566 -36.13 -13.54 -16.34
N VAL B 567 -36.25 -13.47 -17.66
CA VAL B 567 -37.49 -13.83 -18.36
C VAL B 567 -37.20 -15.12 -19.13
N VAL B 568 -38.00 -16.15 -18.86
CA VAL B 568 -37.75 -17.51 -19.34
C VAL B 568 -38.90 -17.93 -20.24
N LYS B 569 -38.57 -18.51 -21.39
CA LYS B 569 -39.55 -19.02 -22.34
C LYS B 569 -39.56 -20.53 -22.31
N MET B 570 -40.76 -21.12 -22.42
CA MET B 570 -40.87 -22.57 -22.55
C MET B 570 -42.20 -22.91 -23.19
N THR B 571 -42.31 -24.14 -23.68
CA THR B 571 -43.56 -24.60 -24.26
C THR B 571 -44.64 -24.68 -23.19
N GLU B 572 -45.89 -24.53 -23.61
CA GLU B 572 -47.03 -24.65 -22.70
C GLU B 572 -46.98 -25.96 -21.93
N GLU B 573 -46.75 -27.07 -22.63
CA GLU B 573 -46.72 -28.36 -21.96
C GLU B 573 -45.60 -28.41 -20.92
N LYS B 574 -44.42 -27.88 -21.27
CA LYS B 574 -43.30 -27.91 -20.33
C LYS B 574 -43.53 -26.97 -19.14
N LEU B 575 -44.15 -25.81 -19.39
CA LEU B 575 -44.50 -24.93 -18.27
C LEU B 575 -45.53 -25.60 -17.36
N ALA B 576 -46.54 -26.25 -17.94
CA ALA B 576 -47.55 -26.93 -17.15
C ALA B 576 -46.93 -28.02 -16.29
N GLN B 577 -46.00 -28.79 -16.85
CA GLN B 577 -45.30 -29.81 -16.07
C GLN B 577 -44.48 -29.18 -14.96
N ALA B 578 -43.67 -28.16 -15.29
CA ALA B 578 -42.91 -27.45 -14.26
C ALA B 578 -43.84 -26.79 -13.24
N GLU B 579 -44.99 -26.29 -13.69
CA GLU B 579 -45.91 -25.66 -12.76
C GLU B 579 -46.63 -26.68 -11.90
N ALA B 580 -46.86 -27.89 -12.45
CA ALA B 580 -47.45 -28.96 -11.65
C ALA B 580 -46.58 -29.29 -10.46
N ALA B 581 -45.29 -29.52 -10.70
CA ALA B 581 -44.34 -29.53 -9.60
C ALA B 581 -44.12 -28.09 -9.14
N GLY B 582 -43.30 -27.90 -8.12
CA GLY B 582 -43.06 -26.55 -7.64
C GLY B 582 -42.27 -25.75 -8.67
N LEU B 583 -42.78 -24.55 -9.00
CA LEU B 583 -41.98 -23.66 -9.84
C LEU B 583 -40.69 -23.27 -9.15
N HIS B 584 -40.76 -22.91 -7.86
CA HIS B 584 -39.56 -22.65 -7.10
C HIS B 584 -38.68 -23.88 -6.99
N LYS B 585 -39.29 -25.07 -6.94
CA LYS B 585 -38.56 -26.31 -6.87
C LYS B 585 -37.90 -26.65 -8.20
N VAL B 586 -38.64 -26.52 -9.30
CA VAL B 586 -38.09 -26.86 -10.61
C VAL B 586 -36.92 -25.96 -10.95
N PHE B 587 -37.05 -24.66 -10.66
CA PHE B 587 -36.04 -23.67 -11.01
C PHE B 587 -35.01 -23.47 -9.90
N LYS B 588 -35.06 -24.29 -8.85
CA LYS B 588 -34.05 -24.29 -7.79
C LYS B 588 -33.93 -22.93 -7.12
N LEU B 589 -35.08 -22.33 -6.85
CA LEU B 589 -35.16 -21.04 -6.17
C LEU B 589 -35.37 -21.16 -4.67
N GLN B 590 -35.32 -22.38 -4.13
CA GLN B 590 -35.45 -22.61 -2.70
C GLN B 590 -34.17 -23.24 -2.18
N THR B 591 -33.60 -22.65 -1.13
CA THR B 591 -32.46 -23.25 -0.46
C THR B 591 -32.78 -23.34 1.02
N THR B 592 -32.26 -24.39 1.64
CA THR B 592 -32.46 -24.60 3.06
C THR B 592 -31.27 -24.01 3.81
N LEU B 593 -31.57 -23.35 4.91
CA LEU B 593 -30.54 -22.80 5.78
C LEU B 593 -30.74 -23.36 7.18
N THR B 594 -29.69 -23.94 7.72
CA THR B 594 -29.70 -24.57 9.03
C THR B 594 -28.55 -23.96 9.80
N CYS B 595 -28.82 -23.39 10.96
CA CYS B 595 -27.69 -22.97 11.79
C CYS B 595 -27.72 -23.75 13.09
N ASN B 596 -26.97 -24.86 13.13
CA ASN B 596 -26.73 -25.62 14.36
C ASN B 596 -25.34 -25.43 14.94
N SER B 597 -24.48 -24.65 14.31
CA SER B 597 -23.21 -24.30 14.94
C SER B 597 -23.25 -22.78 15.12
N MET B 598 -23.66 -22.31 16.28
CA MET B 598 -23.49 -20.90 16.60
C MET B 598 -22.53 -20.96 17.77
N VAL B 599 -21.28 -20.66 17.47
CA VAL B 599 -20.17 -20.90 18.37
C VAL B 599 -19.45 -19.58 18.45
N LEU B 600 -19.30 -19.05 19.66
CA LEU B 600 -18.77 -17.72 19.86
C LEU B 600 -17.94 -17.72 21.13
N PHE B 601 -17.06 -16.74 21.23
CA PHE B 601 -16.44 -16.45 22.51
C PHE B 601 -17.38 -15.56 23.32
N ASP B 602 -17.60 -15.92 24.58
CA ASP B 602 -18.45 -15.09 25.43
C ASP B 602 -17.62 -13.94 25.97
N HIS B 603 -18.18 -13.15 26.88
CA HIS B 603 -17.51 -11.93 27.31
C HIS B 603 -16.22 -12.21 28.07
N MET B 604 -16.03 -13.43 28.55
CA MET B 604 -14.80 -13.81 29.24
C MET B 604 -13.78 -14.46 28.30
N GLY B 605 -14.07 -14.53 27.01
CA GLY B 605 -13.17 -15.21 26.09
C GLY B 605 -13.25 -16.71 26.18
N CYS B 606 -14.37 -17.24 26.65
CA CYS B 606 -14.60 -18.68 26.71
C CYS B 606 -15.47 -19.08 25.54
N LEU B 607 -15.06 -20.14 24.84
CA LEU B 607 -15.78 -20.60 23.67
C LEU B 607 -17.08 -21.27 24.10
N LYS B 608 -18.18 -20.86 23.50
CA LYS B 608 -19.51 -21.32 23.89
C LYS B 608 -20.32 -21.66 22.65
N LYS B 609 -21.20 -22.64 22.80
CA LYS B 609 -22.20 -22.99 21.78
C LYS B 609 -23.54 -22.46 22.23
N TYR B 610 -24.23 -21.73 21.36
CA TYR B 610 -25.51 -21.11 21.67
C TYR B 610 -26.61 -21.78 20.86
N GLU B 611 -27.68 -22.20 21.54
CA GLU B 611 -28.73 -22.96 20.89
C GLU B 611 -29.70 -22.09 20.10
N THR B 612 -29.98 -20.87 20.58
CA THR B 612 -30.93 -19.98 19.93
C THR B 612 -30.34 -18.57 19.91
N VAL B 613 -30.81 -17.75 18.97
CA VAL B 613 -30.38 -16.36 18.97
C VAL B 613 -30.96 -15.60 20.15
N GLN B 614 -32.11 -16.03 20.69
CA GLN B 614 -32.61 -15.42 21.91
C GLN B 614 -31.62 -15.60 23.05
N ASP B 615 -30.98 -16.76 23.13
CA ASP B 615 -29.90 -16.95 24.10
C ASP B 615 -28.79 -15.92 23.87
N ILE B 616 -28.36 -15.76 22.62
CA ILE B 616 -27.34 -14.78 22.29
C ILE B 616 -27.80 -13.39 22.71
N LEU B 617 -29.05 -13.05 22.36
CA LEU B 617 -29.59 -11.72 22.65
C LEU B 617 -29.62 -11.46 24.15
N LYS B 618 -30.07 -12.45 24.93
CA LYS B 618 -30.17 -12.26 26.37
C LYS B 618 -28.81 -12.07 27.00
N GLU B 619 -27.82 -12.89 26.61
CA GLU B 619 -26.48 -12.74 27.16
C GLU B 619 -25.89 -11.38 26.78
N PHE B 620 -26.07 -10.96 25.53
CA PHE B 620 -25.59 -9.64 25.17
C PHE B 620 -26.32 -8.56 25.99
N PHE B 621 -27.64 -8.70 26.11
CA PHE B 621 -28.43 -7.68 26.80
C PHE B 621 -27.95 -7.44 28.22
N ASP B 622 -27.72 -8.52 28.98
CA ASP B 622 -27.32 -8.35 30.38
C ASP B 622 -25.98 -7.64 30.49
N LEU B 623 -25.04 -7.99 29.63
CA LEU B 623 -23.74 -7.33 29.72
C LEU B 623 -23.84 -5.89 29.27
N ARG B 624 -24.58 -5.64 28.18
CA ARG B 624 -24.70 -4.28 27.68
C ARG B 624 -25.45 -3.40 28.67
N LEU B 625 -26.52 -3.90 29.29
CA LEU B 625 -27.21 -3.09 30.29
C LEU B 625 -26.28 -2.76 31.44
N SER B 626 -25.43 -3.72 31.83
CA SER B 626 -24.44 -3.46 32.87
C SER B 626 -23.48 -2.36 32.46
N TYR B 627 -23.05 -2.34 31.20
CA TYR B 627 -22.10 -1.33 30.77
C TYR B 627 -22.72 0.06 30.61
N TYR B 628 -24.03 0.15 30.37
CA TYR B 628 -24.68 1.45 30.49
C TYR B 628 -24.67 1.94 31.94
N GLY B 629 -24.67 1.02 32.90
CA GLY B 629 -24.46 1.42 34.29
C GLY B 629 -23.05 1.93 34.51
N LEU B 630 -22.05 1.25 33.96
CA LEU B 630 -20.67 1.73 34.04
C LEU B 630 -20.51 3.07 33.34
N ARG B 631 -21.16 3.26 32.19
CA ARG B 631 -21.03 4.52 31.49
C ARG B 631 -21.57 5.67 32.32
N LYS B 632 -22.72 5.46 32.98
CA LYS B 632 -23.27 6.51 33.83
C LYS B 632 -22.34 6.81 35.00
N GLU B 633 -21.83 5.78 35.68
CA GLU B 633 -20.84 6.01 36.72
C GLU B 633 -19.65 6.79 36.18
N TRP B 634 -19.12 6.37 35.03
CA TRP B 634 -17.94 7.05 34.47
C TRP B 634 -18.26 8.50 34.18
N LEU B 635 -19.40 8.76 33.54
CA LEU B 635 -19.79 10.12 33.18
C LEU B 635 -20.06 10.98 34.41
N VAL B 636 -20.81 10.47 35.40
CA VAL B 636 -21.05 11.26 36.61
C VAL B 636 -19.72 11.70 37.22
N GLY B 637 -18.75 10.79 37.31
CA GLY B 637 -17.46 11.15 37.87
C GLY B 637 -16.70 12.16 37.03
N MET B 638 -16.64 11.92 35.72
CA MET B 638 -15.86 12.81 34.84
C MET B 638 -16.54 14.16 34.68
N LEU B 639 -17.86 14.17 34.45
CA LEU B 639 -18.59 15.42 34.37
C LEU B 639 -18.48 16.21 35.67
N GLY B 640 -18.60 15.51 36.81
CA GLY B 640 -18.41 16.18 38.09
C GLY B 640 -17.04 16.82 38.23
N ALA B 641 -15.99 16.09 37.83
CA ALA B 641 -14.65 16.68 37.80
C ALA B 641 -14.62 17.91 36.90
N GLU B 642 -15.15 17.79 35.68
CA GLU B 642 -15.20 18.92 34.77
C GLU B 642 -15.90 20.11 35.39
N SER B 643 -16.98 19.84 36.13
CA SER B 643 -17.72 20.91 36.78
C SER B 643 -16.89 21.57 37.87
N THR B 644 -16.15 20.77 38.65
CA THR B 644 -15.28 21.36 39.66
C THR B 644 -14.17 22.18 39.01
N LYS B 645 -13.62 21.67 37.91
CA LYS B 645 -12.59 22.41 37.18
C LYS B 645 -13.12 23.78 36.75
N LEU B 646 -14.30 23.79 36.13
CA LEU B 646 -14.90 25.06 35.71
C LEU B 646 -15.20 25.97 36.89
N ASN B 647 -15.70 25.42 38.01
CA ASN B 647 -15.99 26.25 39.17
C ASN B 647 -14.74 26.98 39.63
N ASN B 648 -13.60 26.28 39.61
CA ASN B 648 -12.34 26.90 40.02
C ASN B 648 -11.87 27.92 39.01
N GLN B 649 -11.99 27.62 37.70
CA GLN B 649 -11.62 28.59 36.69
C GLN B 649 -12.48 29.84 36.78
N ALA B 650 -13.79 29.67 36.92
CA ALA B 650 -14.68 30.83 37.04
C ALA B 650 -14.38 31.62 38.30
N ARG B 651 -14.13 30.93 39.41
CA ARG B 651 -13.81 31.63 40.65
C ARG B 651 -12.55 32.46 40.50
N PHE B 652 -11.50 31.89 39.90
CA PHE B 652 -10.26 32.65 39.72
C PHE B 652 -10.49 33.87 38.85
N ILE B 653 -11.19 33.69 37.72
CA ILE B 653 -11.47 34.81 36.82
C ILE B 653 -12.23 35.92 37.55
N LEU B 654 -13.25 35.55 38.34
CA LEU B 654 -14.04 36.56 39.02
C LEU B 654 -13.22 37.29 40.08
N GLU B 655 -12.43 36.55 40.86
CA GLU B 655 -11.58 37.20 41.84
C GLU B 655 -10.52 38.08 41.19
N LYS B 656 -10.01 37.67 40.03
CA LYS B 656 -9.01 38.47 39.33
C LYS B 656 -9.60 39.79 38.86
N ILE B 657 -10.77 39.75 38.20
CA ILE B 657 -11.35 40.97 37.71
C ILE B 657 -11.87 41.85 38.84
N GLN B 658 -12.06 41.30 40.03
CA GLN B 658 -12.51 42.11 41.17
C GLN B 658 -11.35 42.63 42.02
N GLY B 659 -10.12 42.29 41.69
CA GLY B 659 -8.98 42.68 42.50
C GLY B 659 -8.78 41.86 43.76
N LYS B 660 -9.62 40.84 43.99
CA LYS B 660 -9.44 39.98 45.16
C LYS B 660 -8.19 39.13 45.05
N ILE B 661 -7.66 38.94 43.85
CA ILE B 661 -6.45 38.16 43.62
C ILE B 661 -5.62 38.86 42.55
N THR B 662 -4.30 38.86 42.71
CA THR B 662 -3.39 39.37 41.69
C THR B 662 -2.23 38.40 41.52
N ILE B 663 -1.93 38.05 40.27
CA ILE B 663 -0.75 37.25 39.96
C ILE B 663 0.43 38.07 39.43
N GLU B 664 0.26 39.37 39.22
CA GLU B 664 1.24 40.15 38.48
C GLU B 664 2.56 40.22 39.24
N ASN B 665 3.65 39.84 38.56
CA ASN B 665 5.03 39.87 39.07
C ASN B 665 5.28 38.87 40.19
N ARG B 666 4.27 38.13 40.64
CA ARG B 666 4.49 37.15 41.70
C ARG B 666 5.26 35.95 41.16
N SER B 667 6.15 35.41 42.00
CA SER B 667 6.92 34.24 41.58
CA SER B 667 6.93 34.24 41.60
C SER B 667 6.04 33.01 41.47
N LYS B 668 6.51 32.04 40.71
CA LYS B 668 5.73 30.82 40.51
C LYS B 668 5.44 30.14 41.83
N LYS B 669 6.46 30.01 42.69
CA LYS B 669 6.30 29.29 43.95
C LYS B 669 5.33 30.03 44.87
N ASP B 670 5.50 31.34 45.01
CA ASP B 670 4.58 32.14 45.82
C ASP B 670 3.16 32.04 45.31
N LEU B 671 2.99 31.98 43.99
CA LEU B 671 1.66 31.93 43.42
C LEU B 671 1.04 30.55 43.61
N ILE B 672 1.84 29.49 43.53
CA ILE B 672 1.34 28.15 43.83
C ILE B 672 0.90 28.07 45.29
N GLN B 673 1.77 28.51 46.21
CA GLN B 673 1.43 28.43 47.62
C GLN B 673 0.20 29.27 47.95
N MET B 674 0.07 30.42 47.30
CA MET B 674 -1.07 31.29 47.58
C MET B 674 -2.38 30.69 47.08
N LEU B 675 -2.38 30.08 45.89
CA LEU B 675 -3.58 29.42 45.41
C LEU B 675 -4.01 28.29 46.34
N VAL B 676 -3.03 27.55 46.88
CA VAL B 676 -3.35 26.48 47.82
C VAL B 676 -4.00 27.04 49.08
N GLN B 677 -3.37 28.07 49.67
CA GLN B 677 -3.92 28.68 50.88
C GLN B 677 -5.32 29.22 50.67
N ARG B 678 -5.66 29.64 49.45
CA ARG B 678 -6.98 30.17 49.19
C ARG B 678 -7.97 29.09 48.79
N GLY B 679 -7.56 27.83 48.80
CA GLY B 679 -8.48 26.74 48.59
C GLY B 679 -8.74 26.39 47.14
N TYR B 680 -7.98 26.92 46.21
CA TYR B 680 -8.10 26.42 44.84
C TYR B 680 -7.66 24.97 44.80
N GLU B 681 -8.28 24.20 43.93
CA GLU B 681 -8.03 22.77 43.89
C GLU B 681 -7.12 22.41 42.72
N SER B 682 -6.20 21.48 42.97
CA SER B 682 -5.34 20.95 41.93
C SER B 682 -6.20 20.27 40.90
N ASP B 683 -5.66 20.09 39.69
CA ASP B 683 -6.49 19.87 38.53
C ASP B 683 -7.50 18.77 38.82
N PRO B 684 -8.81 19.07 38.82
CA PRO B 684 -9.78 18.05 39.24
C PRO B 684 -9.95 16.93 38.23
N VAL B 685 -9.87 17.24 36.94
CA VAL B 685 -9.99 16.22 35.92
C VAL B 685 -8.79 15.28 35.99
N LYS B 686 -7.58 15.84 36.06
CA LYS B 686 -6.38 15.02 36.19
C LYS B 686 -6.42 14.19 37.46
N ALA B 687 -6.81 14.81 38.59
CA ALA B 687 -6.93 14.07 39.83
C ALA B 687 -7.91 12.91 39.69
N TRP B 688 -9.05 13.14 39.03
CA TRP B 688 -10.05 12.10 38.86
C TRP B 688 -9.54 10.98 37.97
N LYS B 689 -8.82 11.32 36.90
CA LYS B 689 -8.25 10.29 36.03
C LYS B 689 -7.21 9.47 36.77
N GLU B 690 -6.31 10.13 37.50
CA GLU B 690 -5.30 9.40 38.27
C GLU B 690 -5.93 8.51 39.33
N ALA B 691 -7.09 8.92 39.86
CA ALA B 691 -7.77 8.10 40.86
C ALA B 691 -8.33 6.82 40.27
N GLN B 692 -8.66 6.83 38.97
CA GLN B 692 -9.20 5.64 38.31
C GLN B 692 -8.11 4.65 37.93
N GLY B 717 3.13 17.91 43.51
CA GLY B 717 2.53 19.17 43.95
C GLY B 717 1.19 19.42 43.29
N PRO B 718 0.49 20.45 43.74
CA PRO B 718 -0.80 20.80 43.12
C PRO B 718 -0.60 21.37 41.72
N ASP B 719 -1.55 21.07 40.84
CA ASP B 719 -1.49 21.46 39.44
C ASP B 719 -2.58 22.51 39.17
N PHE B 720 -2.16 23.75 39.07
CA PHE B 720 -3.00 24.89 38.70
C PHE B 720 -2.84 25.31 37.24
N ASN B 721 -2.14 24.51 36.43
CA ASN B 721 -1.96 24.86 35.02
C ASN B 721 -3.28 25.10 34.32
N TYR B 722 -4.33 24.34 34.69
CA TYR B 722 -5.61 24.49 34.01
C TYR B 722 -6.22 25.88 34.24
N ILE B 723 -5.72 26.59 35.24
CA ILE B 723 -6.15 27.96 35.53
C ILE B 723 -5.21 28.92 34.81
N LEU B 724 -3.93 28.88 35.15
CA LEU B 724 -2.96 29.84 34.66
C LEU B 724 -2.63 29.68 33.18
N ASN B 725 -3.00 28.57 32.53
CA ASN B 725 -2.86 28.44 31.09
C ASN B 725 -3.92 29.20 30.31
N MET B 726 -4.98 29.65 30.98
CA MET B 726 -6.02 30.40 30.28
C MET B 726 -5.45 31.68 29.69
N SER B 727 -5.97 32.07 28.53
CA SER B 727 -5.47 33.24 27.83
C SER B 727 -5.87 34.51 28.57
N LEU B 728 -5.12 35.58 28.31
CA LEU B 728 -5.49 36.89 28.83
C LEU B 728 -6.89 37.30 28.39
N TRP B 729 -7.34 36.82 27.21
CA TRP B 729 -8.71 37.05 26.76
C TRP B 729 -9.73 36.71 27.84
N SER B 730 -9.44 35.70 28.68
CA SER B 730 -10.36 35.22 29.70
C SER B 730 -10.79 36.31 30.68
N LEU B 731 -10.01 37.39 30.79
CA LEU B 731 -10.34 38.47 31.70
C LEU B 731 -11.21 39.53 31.05
N THR B 732 -11.57 39.37 29.78
CA THR B 732 -12.41 40.38 29.16
C THR B 732 -13.88 40.06 29.40
N LYS B 733 -14.74 41.01 29.03
CA LYS B 733 -16.13 40.97 29.46
C LYS B 733 -16.86 39.76 28.87
N GLU B 734 -16.74 39.56 27.56
CA GLU B 734 -17.46 38.47 26.91
C GLU B 734 -16.98 37.11 27.38
N LYS B 735 -15.69 36.96 27.67
CA LYS B 735 -15.18 35.67 28.08
C LYS B 735 -15.54 35.35 29.52
N VAL B 736 -15.68 36.37 30.36
CA VAL B 736 -16.17 36.14 31.72
C VAL B 736 -17.59 35.59 31.68
N GLU B 737 -18.48 36.28 30.94
CA GLU B 737 -19.85 35.82 30.82
C GLU B 737 -19.92 34.43 30.17
N GLU B 738 -19.05 34.19 29.19
CA GLU B 738 -19.02 32.88 28.54
C GLU B 738 -18.62 31.79 29.52
N LEU B 739 -17.54 32.03 30.27
CA LEU B 739 -17.08 31.03 31.24
C LEU B 739 -18.15 30.72 32.28
N ILE B 740 -18.87 31.73 32.76
CA ILE B 740 -19.90 31.49 33.76
C ILE B 740 -21.03 30.64 33.18
N LYS B 741 -21.45 30.94 31.94
CA LYS B 741 -22.42 30.10 31.26
C LYS B 741 -21.92 28.67 31.12
N GLN B 742 -20.67 28.50 30.68
CA GLN B 742 -20.11 27.15 30.54
C GLN B 742 -20.14 26.42 31.86
N ARG B 743 -19.79 27.11 32.94
CA ARG B 743 -19.77 26.49 34.26
C ARG B 743 -21.16 26.03 34.67
N ASP B 744 -22.16 26.88 34.51
CA ASP B 744 -23.52 26.51 34.94
C ASP B 744 -24.08 25.39 34.05
N ALA B 745 -23.82 25.46 32.74
CA ALA B 745 -24.24 24.38 31.84
C ALA B 745 -23.63 23.06 32.26
N LYS B 746 -22.36 23.05 32.66
CA LYS B 746 -21.71 21.82 33.08
C LYS B 746 -22.34 21.27 34.36
N GLY B 747 -22.67 22.16 35.30
CA GLY B 747 -23.37 21.72 36.50
C GLY B 747 -24.73 21.13 36.19
N ARG B 748 -25.46 21.73 35.26
CA ARG B 748 -26.76 21.18 34.90
C ARG B 748 -26.61 19.84 34.22
N GLU B 749 -25.57 19.69 33.42
CA GLU B 749 -25.42 18.45 32.65
C GLU B 749 -25.07 17.28 33.56
N VAL B 750 -24.30 17.52 34.62
CA VAL B 750 -24.02 16.45 35.57
C VAL B 750 -25.29 16.12 36.35
N ASN B 751 -26.07 17.14 36.71
CA ASN B 751 -27.30 16.89 37.45
C ASN B 751 -28.32 16.16 36.59
N ASP B 752 -28.42 16.50 35.31
CA ASP B 752 -29.39 15.84 34.44
C ASP B 752 -29.07 14.37 34.28
N LEU B 753 -27.78 14.05 34.17
CA LEU B 753 -27.36 12.66 34.00
C LEU B 753 -27.63 11.84 35.25
N LYS B 754 -27.40 12.43 36.45
CA LYS B 754 -27.59 11.68 37.67
C LYS B 754 -29.03 11.21 37.82
N ARG B 755 -29.98 11.99 37.30
CA ARG B 755 -31.40 11.63 37.43
C ARG B 755 -31.78 10.48 36.51
N LYS B 756 -31.08 10.30 35.39
CA LYS B 756 -31.43 9.29 34.39
C LYS B 756 -30.99 7.89 34.80
N SER B 757 -31.69 6.88 34.27
CA SER B 757 -31.29 5.50 34.45
C SER B 757 -30.38 5.04 33.33
N PRO B 758 -29.57 4.01 33.55
CA PRO B 758 -28.86 3.39 32.44
C PRO B 758 -29.77 3.00 31.29
N SER B 759 -31.01 2.59 31.58
CA SER B 759 -31.97 2.28 30.51
C SER B 759 -32.31 3.51 29.68
N ASP B 760 -32.44 4.69 30.31
CA ASP B 760 -32.74 5.91 29.56
C ASP B 760 -31.63 6.24 28.57
N LEU B 761 -30.37 6.09 28.98
CA LEU B 761 -29.27 6.40 28.07
C LEU B 761 -29.24 5.41 26.92
N TRP B 762 -29.49 4.13 27.20
CA TRP B 762 -29.59 3.15 26.14
C TRP B 762 -30.69 3.53 25.15
N LYS B 763 -31.84 3.95 25.65
CA LYS B 763 -32.93 4.37 24.77
C LYS B 763 -32.53 5.59 23.93
N GLU B 764 -31.82 6.54 24.53
CA GLU B 764 -31.32 7.69 23.77
C GLU B 764 -30.45 7.24 22.61
N ASP B 765 -29.52 6.32 22.87
CA ASP B 765 -28.62 5.85 21.81
C ASP B 765 -29.39 5.11 20.72
N LEU B 766 -30.38 4.29 21.10
CA LEU B 766 -31.16 3.56 20.11
C LEU B 766 -31.94 4.50 19.20
N ALA B 767 -32.55 5.54 19.77
CA ALA B 767 -33.30 6.51 18.97
C ALA B 767 -32.38 7.24 18.00
N ALA B 768 -31.24 7.76 18.51
CA ALA B 768 -30.28 8.42 17.61
C ALA B 768 -29.82 7.48 16.51
N PHE B 769 -29.61 6.20 16.84
CA PHE B 769 -29.18 5.22 15.83
C PHE B 769 -30.26 5.01 14.76
N VAL B 770 -31.50 4.78 15.19
CA VAL B 770 -32.58 4.51 14.24
C VAL B 770 -32.80 5.69 13.33
N GLU B 771 -32.71 6.91 13.87
CA GLU B 771 -32.94 8.11 13.08
C GLU B 771 -31.93 8.22 11.94
N GLU B 772 -30.66 7.94 12.21
CA GLU B 772 -29.66 7.96 11.16
C GLU B 772 -29.78 6.73 10.26
N LEU B 773 -30.16 5.58 10.81
CA LEU B 773 -30.43 4.41 9.98
C LEU B 773 -31.51 4.70 8.94
N ASP B 774 -32.58 5.39 9.35
CA ASP B 774 -33.62 5.75 8.41
C ASP B 774 -33.10 6.68 7.33
N LYS B 775 -32.31 7.70 7.72
CA LYS B 775 -31.81 8.66 6.74
C LYS B 775 -30.85 7.99 5.77
N VAL B 776 -29.91 7.21 6.30
CA VAL B 776 -28.90 6.56 5.47
C VAL B 776 -29.55 5.57 4.50
N GLU B 777 -30.52 4.78 4.97
CA GLU B 777 -31.10 3.78 4.10
C GLU B 777 -32.01 4.40 3.05
N SER B 778 -32.70 5.50 3.38
CA SER B 778 -33.45 6.24 2.37
C SER B 778 -32.53 6.76 1.28
N GLN B 779 -31.40 7.35 1.67
CA GLN B 779 -30.47 7.90 0.68
C GLN B 779 -29.88 6.79 -0.19
N GLU B 780 -29.68 5.60 0.37
CA GLU B 780 -29.20 4.48 -0.43
C GLU B 780 -30.18 4.13 -1.54
N ARG B 781 -31.49 4.14 -1.24
CA ARG B 781 -32.47 3.75 -2.25
C ARG B 781 -32.64 4.81 -3.32
N GLU B 782 -32.46 6.09 -2.98
CA GLU B 782 -32.51 7.15 -3.98
C GLU B 782 -31.34 7.07 -4.94
N ASP B 783 -30.19 6.58 -4.49
CA ASP B 783 -29.00 6.47 -5.33
C ASP B 783 -28.96 5.15 -6.12
P IU D 1 -2.37 -0.53 -11.29
OP1 IU D 1 -2.37 0.89 -11.82
OP2 IU D 1 -1.48 -0.62 -10.07
O5' IU D 1 -1.80 -1.57 -12.48
C5' IU D 1 -2.66 -1.82 -13.58
C4' IU D 1 -2.77 -3.37 -13.78
O4' IU D 1 -1.36 -3.97 -13.64
C3' IU D 1 -3.49 -3.94 -12.87
O3' IU D 1 -4.73 -4.37 -13.52
C2' IU D 1 -2.66 -5.25 -12.31
C1' IU D 1 -1.64 -5.39 -13.07
N1 IU D 1 -0.42 -5.71 -12.28
C2 IU D 1 0.55 -6.74 -12.77
O2 IU D 1 0.35 -7.34 -13.75
N3 IU D 1 1.78 -7.03 -11.99
C4 IU D 1 2.04 -6.30 -10.77
O4 IU D 1 3.02 -6.56 -10.17
C5 IU D 1 1.07 -5.27 -10.28
C6 IU D 1 -0.16 -4.97 -11.07
I5 IU D 1 1.43 -4.21 -8.47
P IU D 7 -6.41 -28.23 1.82
OP1 IU D 7 -6.33 -29.71 2.14
OP2 IU D 7 -7.74 -27.79 1.26
O5' IU D 7 -6.05 -27.30 3.16
C5' IU D 7 -4.92 -27.69 3.92
C4' IU D 7 -5.10 -27.00 5.31
O4' IU D 7 -5.21 -25.47 5.07
C3' IU D 7 -6.18 -27.37 5.90
O3' IU D 7 -5.90 -27.41 7.33
C2' IU D 7 -7.27 -26.15 5.70
C1' IU D 7 -6.58 -25.08 5.66
N1 IU D 7 -7.18 -24.12 4.69
C2 IU D 7 -7.40 -22.70 5.10
O2 IU D 7 -7.09 -22.35 6.19
N3 IU D 7 -8.01 -21.74 4.14
C4 IU D 7 -8.40 -22.20 2.82
O4 IU D 7 -8.88 -21.42 2.06
C5 IU D 7 -8.16 -23.62 2.41
C6 IU D 7 -7.55 -24.57 3.37
I5 IU D 7 -8.71 -24.30 0.47
P IU D 12 -27.56 -26.31 5.66
OP1 IU D 12 -26.98 -25.00 6.19
OP2 IU D 12 -29.08 -26.22 5.69
O5' IU D 12 -27.15 -26.65 4.07
C5' IU D 12 -28.01 -27.53 3.38
C4' IU D 12 -27.39 -27.83 1.97
O4' IU D 12 -25.89 -28.13 2.20
C3' IU D 12 -27.93 -28.91 1.53
O3' IU D 12 -28.89 -28.55 0.50
C2' IU D 12 -26.73 -29.84 0.90
C1' IU D 12 -25.61 -29.36 1.30
N1 IU D 12 -24.73 -30.38 1.98
C2 IU D 12 -23.45 -30.57 1.30
O2 IU D 12 -23.23 -29.90 0.32
N3 IU D 12 -22.45 -31.56 1.83
C4 IU D 12 -22.75 -32.34 3.02
O4 IU D 12 -21.93 -33.11 3.41
C5 IU D 12 -24.08 -32.16 3.74
C6 IU D 12 -25.06 -31.16 3.18
I5 IU D 12 -24.51 -33.30 5.49
P IU F 1 3.38 -10.86 1.35
OP1 IU F 1 3.33 -11.20 2.82
OP2 IU F 1 2.47 -9.67 1.05
O5' IU F 1 2.85 -12.20 0.46
C5' IU F 1 3.65 -13.35 0.57
C4' IU F 1 3.95 -13.79 -0.91
O4' IU F 1 2.57 -13.78 -1.57
C3' IU F 1 4.66 -12.93 -1.56
O3' IU F 1 5.97 -13.53 -1.82
C2' IU F 1 3.89 -12.67 -3.00
C1' IU F 1 2.93 -13.52 -3.05
N1 IU F 1 1.68 -12.92 -3.59
C2 IU F 1 0.88 -13.66 -4.60
O2 IU F 1 1.24 -14.71 -4.99
N3 IU F 1 -0.39 -13.07 -5.12
C4 IU F 1 -0.83 -11.78 -4.62
O4 IU F 1 -1.84 -11.30 -5.05
C5 IU F 1 0.00 -11.05 -3.60
C6 IU F 1 1.25 -11.65 -3.10
I5 IU F 1 -0.57 -9.14 -2.87
P IU F 7 8.57 -1.50 -27.29
OP1 IU F 7 8.52 -1.33 -28.79
OP2 IU F 7 9.88 -1.79 -26.55
O5' IU F 7 8.02 -0.17 -26.61
C5' IU F 7 6.78 0.41 -26.99
C4' IU F 7 6.74 1.86 -26.58
O4' IU F 7 6.85 1.95 -25.15
C3' IU F 7 7.88 2.69 -27.16
O3' IU F 7 7.44 4.03 -27.39
C2' IU F 7 8.90 2.69 -26.04
O2' IU F 7 9.72 3.83 -26.04
C1' IU F 7 8.02 2.67 -24.79
N1 IU F 7 8.65 1.98 -23.67
C2 IU F 7 8.73 2.60 -22.30
O2 IU F 7 8.29 3.69 -22.08
N3 IU F 7 9.38 1.85 -21.18
C4 IU F 7 9.92 0.53 -21.39
O4 IU F 7 10.43 -0.05 -20.48
C5 IU F 7 9.85 -0.09 -22.76
C6 IU F 7 9.20 0.65 -23.88
I5 IU F 7 10.64 -2.02 -23.07
P IU F 12 28.67 4.69 -23.32
OP1 IU F 12 27.75 5.45 -22.38
OP2 IU F 12 30.16 4.70 -22.99
O5' IU F 12 28.24 3.15 -23.34
C5' IU F 12 29.21 2.12 -23.41
C4' IU F 12 28.59 0.74 -23.38
O4' IU F 12 27.49 0.72 -24.31
C3' IU F 12 29.51 -0.41 -23.78
O3' IU F 12 29.51 -1.40 -22.75
C2' IU F 12 28.90 -0.98 -25.07
O2' IU F 12 28.97 -2.40 -25.17
C1' IU F 12 27.45 -0.51 -24.97
N1 IU F 12 26.82 -0.29 -26.28
C2 IU F 12 25.70 -1.17 -26.69
O2 IU F 12 25.38 -2.04 -25.94
N3 IU F 12 25.02 -0.94 -28.02
C4 IU F 12 25.45 0.13 -28.90
O4 IU F 12 24.89 0.27 -29.93
C5 IU F 12 26.59 1.04 -28.48
C6 IU F 12 27.24 0.78 -27.16
I5 IU F 12 27.31 2.65 -29.68
MG MG G . -4.13 6.75 -17.24
MG MG H . 21.23 7.52 -10.84
MG MG I . -21.13 -11.42 6.98
MG MG J . 4.40 -16.02 9.46
C1 EVP K . -1.08 -20.61 -6.62
O1 EVP K . -1.94 -19.47 -6.42
C2 EVP K . -0.72 -19.81 -4.50
O2 EVP K . -0.65 -20.96 -5.28
C3 EVP K . -0.14 -19.46 -3.21
O3 EVP K . -0.20 -14.44 0.32
C4 EVP K . -0.37 -18.26 -2.68
O4 EVP K . 0.68 -16.49 1.38
C5 EVP K . 0.26 -17.80 -1.22
O5 EVP K . 4.43 -16.82 -4.02
C6 EVP K . -0.35 -16.58 -0.55
O6 EVP K . 5.96 -17.23 -1.89
C7 EVP K . 0.11 -16.01 0.45
O7 EVP K . 4.90 -17.91 0.63
C8 EVP K . -0.91 -14.23 -1.05
O8 EVP K . -2.86 -15.89 -2.27
C9 EVP K . -0.64 -15.30 -1.75
O9 EVP K . -3.51 -13.68 -2.47
C10 EVP K . -1.57 -15.71 -2.82
O10 EVP K . -5.28 -10.38 -2.97
C11 EVP K . -1.27 -17.20 -3.51
O11 EVP K . -6.95 -12.21 -2.98
C12 EVP K . -1.80 -17.53 -4.68
O12 EVP K . -7.52 -14.91 -2.18
C13 EVP K . -1.54 -18.85 -5.23
O13 EVP K . -5.41 -16.83 -2.98
C14 EVP K . 1.81 -17.62 -1.44
C15 EVP K . 2.36 -17.29 -2.68
C16 EVP K . 3.77 -17.16 -2.82
C17 EVP K . 4.60 -17.37 -1.73
C18 EVP K . 4.05 -17.70 -0.50
C19 EVP K . 2.68 -17.83 -0.36
C20 EVP K . 3.77 -17.08 -5.22
C21 EVP K . 4.29 -17.76 1.92
C22 EVP K . -3.78 -15.09 -2.88
C23 EVP K . -4.58 -12.72 -2.95
C24 EVP K . -4.26 -11.35 -2.53
C25 EVP K . -6.67 -10.80 -2.61
C26 EVP K . -5.96 -13.13 -2.47
C27 EVP K . -6.29 -14.56 -2.82
C28 EVP K . -5.18 -15.54 -2.42
C29 EVP K . -7.59 -9.95 -3.32
MG MG L . -13.81 -30.19 3.33
C1 EVP M . 3.39 -9.32 -19.06
O1 EVP M . 4.15 -8.84 -17.94
C2 EVP M . 2.71 -7.19 -18.66
O2 EVP M . 2.82 -8.13 -19.67
C3 EVP M . 1.96 -5.94 -18.58
O3 EVP M . 1.03 -1.83 -14.20
C4 EVP M . 2.04 -5.23 -17.46
O4 EVP M . 0.52 -1.06 -16.48
C5 EVP M . 1.18 -3.80 -17.28
O5 EVP M . -2.64 -6.94 -16.32
C6 EVP M . 1.64 -2.91 -16.15
O6 EVP M . -4.39 -5.06 -17.12
C7 EVP M . 1.01 -1.89 -15.81
O7 EVP M . -3.57 -2.52 -18.00
C8 EVP M . 2.07 -2.92 -13.75
O8 EVP M . 4.28 -4.12 -14.91
C9 EVP M . 1.96 -3.83 -14.66
O9 EVP M . 4.67 -3.96 -12.61
C10 EVP M . 3.05 -4.80 -14.84
O10 EVP M . 6.20 -4.06 -9.15
C11 EVP M . 2.97 -5.73 -16.23
O11 EVP M . 8.00 -3.91 -10.80
C12 EVP M . 3.66 -6.86 -16.33
O12 EVP M . 8.75 -3.68 -13.53
C13 EVP M . 3.56 -7.64 -17.56
O13 EVP M . 6.87 -4.81 -15.46
C14 EVP M . -0.33 -4.18 -17.22
C15 EVP M . -0.76 -5.42 -16.78
C16 EVP M . -2.14 -5.71 -16.75
C17 EVP M . -3.06 -4.76 -17.15
C18 EVP M . -2.62 -3.52 -17.59
C19 EVP M . -1.27 -3.23 -17.63
C20 EVP M . -1.70 -7.97 -16.17
C21 EVP M . -3.10 -1.17 -18.12
C22 EVP M . 5.11 -4.53 -13.91
C23 EVP M . 5.67 -4.28 -11.51
C24 EVP M . 5.18 -3.84 -10.20
C25 EVP M . 7.47 -3.39 -9.49
C26 EVP M . 7.05 -3.73 -11.86
C27 EVP M . 7.52 -4.30 -13.17
C28 EVP M . 6.51 -4.07 -14.30
C29 EVP M . 8.43 -3.64 -8.44
MG MG N . 15.89 0.35 -28.88
#